data_1YIO
# 
_entry.id   1YIO 
# 
_audit_conform.dict_name       mmcif_pdbx.dic 
_audit_conform.dict_version    5.388 
_audit_conform.dict_location   http://mmcif.pdb.org/dictionaries/ascii/mmcif_pdbx.dic 
# 
loop_
_database_2.database_id 
_database_2.database_code 
_database_2.pdbx_database_accession 
_database_2.pdbx_DOI 
PDB   1YIO         pdb_00001yio 10.2210/pdb1yio/pdb 
RCSB  RCSB031556   ?            ?                   
WWPDB D_1000031556 ?            ?                   
# 
loop_
_pdbx_audit_revision_history.ordinal 
_pdbx_audit_revision_history.data_content_type 
_pdbx_audit_revision_history.major_revision 
_pdbx_audit_revision_history.minor_revision 
_pdbx_audit_revision_history.revision_date 
1 'Structure model' 1 0 2005-09-27 
2 'Structure model' 1 1 2008-04-30 
3 'Structure model' 1 2 2011-07-13 
4 'Structure model' 1 3 2024-03-13 
# 
_pdbx_audit_revision_details.ordinal             1 
_pdbx_audit_revision_details.revision_ordinal    1 
_pdbx_audit_revision_details.data_content_type   'Structure model' 
_pdbx_audit_revision_details.provider            repository 
_pdbx_audit_revision_details.type                'Initial release' 
_pdbx_audit_revision_details.description         ? 
_pdbx_audit_revision_details.details             ? 
# 
loop_
_pdbx_audit_revision_group.ordinal 
_pdbx_audit_revision_group.revision_ordinal 
_pdbx_audit_revision_group.data_content_type 
_pdbx_audit_revision_group.group 
1 2 'Structure model' 'Version format compliance' 
2 3 'Structure model' 'Version format compliance' 
3 4 'Structure model' 'Data collection'           
4 4 'Structure model' 'Database references'       
5 4 'Structure model' 'Derived calculations'      
# 
loop_
_pdbx_audit_revision_category.ordinal 
_pdbx_audit_revision_category.revision_ordinal 
_pdbx_audit_revision_category.data_content_type 
_pdbx_audit_revision_category.category 
1 4 'Structure model' chem_comp_atom         
2 4 'Structure model' chem_comp_bond         
3 4 'Structure model' database_2             
4 4 'Structure model' pdbx_struct_conn_angle 
5 4 'Structure model' struct_conn            
6 4 'Structure model' struct_site            
# 
loop_
_pdbx_audit_revision_item.ordinal 
_pdbx_audit_revision_item.revision_ordinal 
_pdbx_audit_revision_item.data_content_type 
_pdbx_audit_revision_item.item 
1  4 'Structure model' '_database_2.pdbx_DOI'                        
2  4 'Structure model' '_database_2.pdbx_database_accession'         
3  4 'Structure model' '_pdbx_struct_conn_angle.ptnr1_auth_comp_id'  
4  4 'Structure model' '_pdbx_struct_conn_angle.ptnr1_auth_seq_id'   
5  4 'Structure model' '_pdbx_struct_conn_angle.ptnr1_label_alt_id'  
6  4 'Structure model' '_pdbx_struct_conn_angle.ptnr1_label_asym_id' 
7  4 'Structure model' '_pdbx_struct_conn_angle.ptnr1_label_atom_id' 
8  4 'Structure model' '_pdbx_struct_conn_angle.ptnr1_label_comp_id' 
9  4 'Structure model' '_pdbx_struct_conn_angle.ptnr1_label_seq_id'  
10 4 'Structure model' '_pdbx_struct_conn_angle.ptnr2_auth_comp_id'  
11 4 'Structure model' '_pdbx_struct_conn_angle.ptnr2_auth_seq_id'   
12 4 'Structure model' '_pdbx_struct_conn_angle.ptnr2_label_alt_id'  
13 4 'Structure model' '_pdbx_struct_conn_angle.ptnr2_label_asym_id' 
14 4 'Structure model' '_pdbx_struct_conn_angle.ptnr2_label_atom_id' 
15 4 'Structure model' '_pdbx_struct_conn_angle.ptnr2_label_comp_id' 
16 4 'Structure model' '_pdbx_struct_conn_angle.ptnr3_auth_comp_id'  
17 4 'Structure model' '_pdbx_struct_conn_angle.ptnr3_auth_seq_id'   
18 4 'Structure model' '_pdbx_struct_conn_angle.ptnr3_label_alt_id'  
19 4 'Structure model' '_pdbx_struct_conn_angle.ptnr3_label_asym_id' 
20 4 'Structure model' '_pdbx_struct_conn_angle.ptnr3_label_atom_id' 
21 4 'Structure model' '_pdbx_struct_conn_angle.ptnr3_label_comp_id' 
22 4 'Structure model' '_pdbx_struct_conn_angle.ptnr3_label_seq_id'  
23 4 'Structure model' '_pdbx_struct_conn_angle.value'               
24 4 'Structure model' '_struct_conn.pdbx_dist_value'                
25 4 'Structure model' '_struct_conn.pdbx_ptnr1_label_alt_id'        
26 4 'Structure model' '_struct_conn.pdbx_ptnr2_label_alt_id'        
27 4 'Structure model' '_struct_conn.ptnr1_auth_comp_id'             
28 4 'Structure model' '_struct_conn.ptnr1_auth_seq_id'              
29 4 'Structure model' '_struct_conn.ptnr1_label_asym_id'            
30 4 'Structure model' '_struct_conn.ptnr1_label_atom_id'            
31 4 'Structure model' '_struct_conn.ptnr1_label_comp_id'            
32 4 'Structure model' '_struct_conn.ptnr1_label_seq_id'             
33 4 'Structure model' '_struct_conn.ptnr2_auth_comp_id'             
34 4 'Structure model' '_struct_conn.ptnr2_auth_seq_id'              
35 4 'Structure model' '_struct_conn.ptnr2_label_asym_id'            
36 4 'Structure model' '_struct_conn.ptnr2_label_atom_id'            
37 4 'Structure model' '_struct_conn.ptnr2_label_comp_id'            
38 4 'Structure model' '_struct_conn.ptnr2_label_seq_id'             
39 4 'Structure model' '_struct_site.pdbx_auth_asym_id'              
40 4 'Structure model' '_struct_site.pdbx_auth_comp_id'              
41 4 'Structure model' '_struct_site.pdbx_auth_seq_id'               
# 
_pdbx_database_status.status_code                     REL 
_pdbx_database_status.entry_id                        1YIO 
_pdbx_database_status.recvd_initial_deposition_date   2005-01-12 
_pdbx_database_status.deposit_site                    RCSB 
_pdbx_database_status.process_site                    PDBJ 
_pdbx_database_status.status_code_sf                  REL 
_pdbx_database_status.status_code_mr                  ? 
_pdbx_database_status.SG_entry                        ? 
_pdbx_database_status.pdb_format_compatible           Y 
_pdbx_database_status.status_code_cs                  ? 
_pdbx_database_status.status_code_nmr_data            ? 
_pdbx_database_status.methods_development_category    ? 
# 
loop_
_audit_author.name 
_audit_author.pdbx_ordinal 
'Milani, M.'    1 
'Leoni, L.'     2 
'Rampioni, G.'  3 
'Zennaro, E.'   4 
'Ascenzi, P.'   5 
'Bolognesi, M.' 6 
# 
_citation.id                        primary 
_citation.title                     
;An Active-like Structure in the Unphosphorylated StyR Response Regulator Suggests a Phosphorylation- Dependent Allosteric Activation Mechanism
;
_citation.journal_abbrev            STRUCTURE 
_citation.journal_volume            13 
_citation.page_first                1289 
_citation.page_last                 1297 
_citation.year                      2005 
_citation.journal_id_ASTM           STRUE6 
_citation.country                   UK 
_citation.journal_id_ISSN           0969-2126 
_citation.journal_id_CSD            2005 
_citation.book_publisher            ? 
_citation.pdbx_database_id_PubMed   16154086 
_citation.pdbx_database_id_DOI      10.1016/j.str.2005.05.014 
# 
loop_
_citation_author.citation_id 
_citation_author.name 
_citation_author.ordinal 
_citation_author.identifier_ORCID 
primary 'Milani, M.'    1 ? 
primary 'Leoni, L.'     2 ? 
primary 'Rampioni, G.'  3 ? 
primary 'Zennaro, E.'   4 ? 
primary 'Ascenzi, P.'   5 ? 
primary 'Bolognesi, M.' 6 ? 
# 
loop_
_entity.id 
_entity.type 
_entity.src_method 
_entity.pdbx_description 
_entity.formula_weight 
_entity.pdbx_number_of_molecules 
_entity.pdbx_ec 
_entity.pdbx_mutation 
_entity.pdbx_fragment 
_entity.details 
1 polymer     man 'response regulatory protein' 23395.871 1  ? ? ? ? 
2 non-polymer syn 'MERCURY (II) ION'            200.590   3  ? ? ? ? 
3 non-polymer syn 'MAGNESIUM ION'               24.305    1  ? ? ? ? 
4 water       nat water                         18.015    90 ? ? ? ? 
# 
_entity_name_com.entity_id   1 
_entity_name_com.name        'response regulator StyR' 
# 
_entity_poly.entity_id                      1 
_entity_poly.type                           'polypeptide(L)' 
_entity_poly.nstd_linkage                   no 
_entity_poly.nstd_monomer                   no 
_entity_poly.pdbx_seq_one_letter_code       
;MTAKPTVFVVDDDMSVREGLRNLLRSAGFEVETFDCASTFLEHRRPEQHGCLVLDMRMPGMSGIELQEQLTAISDGIPIV
FITAHGDIPMTVRAMKAGAIEFLPKPFEEQALLDAIEQGLQLNAERRQARETQDQLEQLFSSLTGREQQVLQLTIRGLMN
KQIAGELGIAEVTVKVHRHNIMQKLNVRSLANLVHLVEKYESFERGVS
;
_entity_poly.pdbx_seq_one_letter_code_can   
;MTAKPTVFVVDDDMSVREGLRNLLRSAGFEVETFDCASTFLEHRRPEQHGCLVLDMRMPGMSGIELQEQLTAISDGIPIV
FITAHGDIPMTVRAMKAGAIEFLPKPFEEQALLDAIEQGLQLNAERRQARETQDQLEQLFSSLTGREQQVLQLTIRGLMN
KQIAGELGIAEVTVKVHRHNIMQKLNVRSLANLVHLVEKYESFERGVS
;
_entity_poly.pdbx_strand_id                 A 
_entity_poly.pdbx_target_identifier         ? 
# 
loop_
_pdbx_entity_nonpoly.entity_id 
_pdbx_entity_nonpoly.name 
_pdbx_entity_nonpoly.comp_id 
2 'MERCURY (II) ION' HG  
3 'MAGNESIUM ION'    MG  
4 water              HOH 
# 
loop_
_entity_poly_seq.entity_id 
_entity_poly_seq.num 
_entity_poly_seq.mon_id 
_entity_poly_seq.hetero 
1 1   MET n 
1 2   THR n 
1 3   ALA n 
1 4   LYS n 
1 5   PRO n 
1 6   THR n 
1 7   VAL n 
1 8   PHE n 
1 9   VAL n 
1 10  VAL n 
1 11  ASP n 
1 12  ASP n 
1 13  ASP n 
1 14  MET n 
1 15  SER n 
1 16  VAL n 
1 17  ARG n 
1 18  GLU n 
1 19  GLY n 
1 20  LEU n 
1 21  ARG n 
1 22  ASN n 
1 23  LEU n 
1 24  LEU n 
1 25  ARG n 
1 26  SER n 
1 27  ALA n 
1 28  GLY n 
1 29  PHE n 
1 30  GLU n 
1 31  VAL n 
1 32  GLU n 
1 33  THR n 
1 34  PHE n 
1 35  ASP n 
1 36  CYS n 
1 37  ALA n 
1 38  SER n 
1 39  THR n 
1 40  PHE n 
1 41  LEU n 
1 42  GLU n 
1 43  HIS n 
1 44  ARG n 
1 45  ARG n 
1 46  PRO n 
1 47  GLU n 
1 48  GLN n 
1 49  HIS n 
1 50  GLY n 
1 51  CYS n 
1 52  LEU n 
1 53  VAL n 
1 54  LEU n 
1 55  ASP n 
1 56  MET n 
1 57  ARG n 
1 58  MET n 
1 59  PRO n 
1 60  GLY n 
1 61  MET n 
1 62  SER n 
1 63  GLY n 
1 64  ILE n 
1 65  GLU n 
1 66  LEU n 
1 67  GLN n 
1 68  GLU n 
1 69  GLN n 
1 70  LEU n 
1 71  THR n 
1 72  ALA n 
1 73  ILE n 
1 74  SER n 
1 75  ASP n 
1 76  GLY n 
1 77  ILE n 
1 78  PRO n 
1 79  ILE n 
1 80  VAL n 
1 81  PHE n 
1 82  ILE n 
1 83  THR n 
1 84  ALA n 
1 85  HIS n 
1 86  GLY n 
1 87  ASP n 
1 88  ILE n 
1 89  PRO n 
1 90  MET n 
1 91  THR n 
1 92  VAL n 
1 93  ARG n 
1 94  ALA n 
1 95  MET n 
1 96  LYS n 
1 97  ALA n 
1 98  GLY n 
1 99  ALA n 
1 100 ILE n 
1 101 GLU n 
1 102 PHE n 
1 103 LEU n 
1 104 PRO n 
1 105 LYS n 
1 106 PRO n 
1 107 PHE n 
1 108 GLU n 
1 109 GLU n 
1 110 GLN n 
1 111 ALA n 
1 112 LEU n 
1 113 LEU n 
1 114 ASP n 
1 115 ALA n 
1 116 ILE n 
1 117 GLU n 
1 118 GLN n 
1 119 GLY n 
1 120 LEU n 
1 121 GLN n 
1 122 LEU n 
1 123 ASN n 
1 124 ALA n 
1 125 GLU n 
1 126 ARG n 
1 127 ARG n 
1 128 GLN n 
1 129 ALA n 
1 130 ARG n 
1 131 GLU n 
1 132 THR n 
1 133 GLN n 
1 134 ASP n 
1 135 GLN n 
1 136 LEU n 
1 137 GLU n 
1 138 GLN n 
1 139 LEU n 
1 140 PHE n 
1 141 SER n 
1 142 SER n 
1 143 LEU n 
1 144 THR n 
1 145 GLY n 
1 146 ARG n 
1 147 GLU n 
1 148 GLN n 
1 149 GLN n 
1 150 VAL n 
1 151 LEU n 
1 152 GLN n 
1 153 LEU n 
1 154 THR n 
1 155 ILE n 
1 156 ARG n 
1 157 GLY n 
1 158 LEU n 
1 159 MET n 
1 160 ASN n 
1 161 LYS n 
1 162 GLN n 
1 163 ILE n 
1 164 ALA n 
1 165 GLY n 
1 166 GLU n 
1 167 LEU n 
1 168 GLY n 
1 169 ILE n 
1 170 ALA n 
1 171 GLU n 
1 172 VAL n 
1 173 THR n 
1 174 VAL n 
1 175 LYS n 
1 176 VAL n 
1 177 HIS n 
1 178 ARG n 
1 179 HIS n 
1 180 ASN n 
1 181 ILE n 
1 182 MET n 
1 183 GLN n 
1 184 LYS n 
1 185 LEU n 
1 186 ASN n 
1 187 VAL n 
1 188 ARG n 
1 189 SER n 
1 190 LEU n 
1 191 ALA n 
1 192 ASN n 
1 193 LEU n 
1 194 VAL n 
1 195 HIS n 
1 196 LEU n 
1 197 VAL n 
1 198 GLU n 
1 199 LYS n 
1 200 TYR n 
1 201 GLU n 
1 202 SER n 
1 203 PHE n 
1 204 GLU n 
1 205 ARG n 
1 206 GLY n 
1 207 VAL n 
1 208 SER n 
# 
_entity_src_gen.entity_id                          1 
_entity_src_gen.pdbx_src_id                        1 
_entity_src_gen.pdbx_alt_source_flag               sample 
_entity_src_gen.pdbx_seq_type                      ? 
_entity_src_gen.pdbx_beg_seq_num                   ? 
_entity_src_gen.pdbx_end_seq_num                   ? 
_entity_src_gen.gene_src_common_name               ? 
_entity_src_gen.gene_src_genus                     Pseudomonas 
_entity_src_gen.pdbx_gene_src_gene                 ? 
_entity_src_gen.gene_src_species                   ? 
_entity_src_gen.gene_src_strain                    ? 
_entity_src_gen.gene_src_tissue                    ? 
_entity_src_gen.gene_src_tissue_fraction           ? 
_entity_src_gen.gene_src_details                   ? 
_entity_src_gen.pdbx_gene_src_fragment             ? 
_entity_src_gen.pdbx_gene_src_scientific_name      'Pseudomonas fluorescens' 
_entity_src_gen.pdbx_gene_src_ncbi_taxonomy_id     294 
_entity_src_gen.pdbx_gene_src_variant              ? 
_entity_src_gen.pdbx_gene_src_cell_line            ? 
_entity_src_gen.pdbx_gene_src_atcc                 ? 
_entity_src_gen.pdbx_gene_src_organ                ? 
_entity_src_gen.pdbx_gene_src_organelle            ? 
_entity_src_gen.pdbx_gene_src_cell                 ? 
_entity_src_gen.pdbx_gene_src_cellular_location    ? 
_entity_src_gen.host_org_common_name               ? 
_entity_src_gen.pdbx_host_org_scientific_name      'Escherichia coli' 
_entity_src_gen.pdbx_host_org_ncbi_taxonomy_id     562 
_entity_src_gen.host_org_genus                     Escherichia 
_entity_src_gen.pdbx_host_org_gene                 ? 
_entity_src_gen.pdbx_host_org_organ                ? 
_entity_src_gen.host_org_species                   ? 
_entity_src_gen.pdbx_host_org_tissue               ? 
_entity_src_gen.pdbx_host_org_tissue_fraction      ? 
_entity_src_gen.pdbx_host_org_strain               ? 
_entity_src_gen.pdbx_host_org_variant              ? 
_entity_src_gen.pdbx_host_org_cell_line            ? 
_entity_src_gen.pdbx_host_org_atcc                 ? 
_entity_src_gen.pdbx_host_org_culture_collection   ? 
_entity_src_gen.pdbx_host_org_cell                 ? 
_entity_src_gen.pdbx_host_org_organelle            ? 
_entity_src_gen.pdbx_host_org_cellular_location    ? 
_entity_src_gen.pdbx_host_org_vector_type          ? 
_entity_src_gen.pdbx_host_org_vector               ? 
_entity_src_gen.host_org_details                   ? 
_entity_src_gen.expression_system_id               ? 
_entity_src_gen.plasmid_name                       ? 
_entity_src_gen.plasmid_details                    ? 
_entity_src_gen.pdbx_description                   ? 
# 
loop_
_chem_comp.id 
_chem_comp.type 
_chem_comp.mon_nstd_flag 
_chem_comp.name 
_chem_comp.pdbx_synonyms 
_chem_comp.formula 
_chem_comp.formula_weight 
ALA 'L-peptide linking' y ALANINE            ? 'C3 H7 N O2'     89.093  
ARG 'L-peptide linking' y ARGININE           ? 'C6 H15 N4 O2 1' 175.209 
ASN 'L-peptide linking' y ASPARAGINE         ? 'C4 H8 N2 O3'    132.118 
ASP 'L-peptide linking' y 'ASPARTIC ACID'    ? 'C4 H7 N O4'     133.103 
CYS 'L-peptide linking' y CYSTEINE           ? 'C3 H7 N O2 S'   121.158 
GLN 'L-peptide linking' y GLUTAMINE          ? 'C5 H10 N2 O3'   146.144 
GLU 'L-peptide linking' y 'GLUTAMIC ACID'    ? 'C5 H9 N O4'     147.129 
GLY 'peptide linking'   y GLYCINE            ? 'C2 H5 N O2'     75.067  
HG  non-polymer         . 'MERCURY (II) ION' ? 'Hg 2'           200.590 
HIS 'L-peptide linking' y HISTIDINE          ? 'C6 H10 N3 O2 1' 156.162 
HOH non-polymer         . WATER              ? 'H2 O'           18.015  
ILE 'L-peptide linking' y ISOLEUCINE         ? 'C6 H13 N O2'    131.173 
LEU 'L-peptide linking' y LEUCINE            ? 'C6 H13 N O2'    131.173 
LYS 'L-peptide linking' y LYSINE             ? 'C6 H15 N2 O2 1' 147.195 
MET 'L-peptide linking' y METHIONINE         ? 'C5 H11 N O2 S'  149.211 
MG  non-polymer         . 'MAGNESIUM ION'    ? 'Mg 2'           24.305  
PHE 'L-peptide linking' y PHENYLALANINE      ? 'C9 H11 N O2'    165.189 
PRO 'L-peptide linking' y PROLINE            ? 'C5 H9 N O2'     115.130 
SER 'L-peptide linking' y SERINE             ? 'C3 H7 N O3'     105.093 
THR 'L-peptide linking' y THREONINE          ? 'C4 H9 N O3'     119.119 
TYR 'L-peptide linking' y TYROSINE           ? 'C9 H11 N O3'    181.189 
VAL 'L-peptide linking' y VALINE             ? 'C5 H11 N O2'    117.146 
# 
loop_
_pdbx_poly_seq_scheme.asym_id 
_pdbx_poly_seq_scheme.entity_id 
_pdbx_poly_seq_scheme.seq_id 
_pdbx_poly_seq_scheme.mon_id 
_pdbx_poly_seq_scheme.ndb_seq_num 
_pdbx_poly_seq_scheme.pdb_seq_num 
_pdbx_poly_seq_scheme.auth_seq_num 
_pdbx_poly_seq_scheme.pdb_mon_id 
_pdbx_poly_seq_scheme.auth_mon_id 
_pdbx_poly_seq_scheme.pdb_strand_id 
_pdbx_poly_seq_scheme.pdb_ins_code 
_pdbx_poly_seq_scheme.hetero 
A 1 1   MET 1   1   ?   ?   ?   A . n 
A 1 2   THR 2   2   ?   ?   ?   A . n 
A 1 3   ALA 3   3   3   ALA ALA A . n 
A 1 4   LYS 4   4   4   LYS LYS A . n 
A 1 5   PRO 5   5   5   PRO PRO A . n 
A 1 6   THR 6   6   6   THR THR A . n 
A 1 7   VAL 7   7   7   VAL VAL A . n 
A 1 8   PHE 8   8   8   PHE PHE A . n 
A 1 9   VAL 9   9   9   VAL VAL A . n 
A 1 10  VAL 10  10  10  VAL VAL A . n 
A 1 11  ASP 11  11  11  ASP ASP A . n 
A 1 12  ASP 12  12  12  ASP ASP A . n 
A 1 13  ASP 13  13  13  ASP ASP A . n 
A 1 14  MET 14  14  14  MET MET A . n 
A 1 15  SER 15  15  15  SER SER A . n 
A 1 16  VAL 16  16  16  VAL VAL A . n 
A 1 17  ARG 17  17  17  ARG ARG A . n 
A 1 18  GLU 18  18  18  GLU GLU A . n 
A 1 19  GLY 19  19  19  GLY GLY A . n 
A 1 20  LEU 20  20  20  LEU LEU A . n 
A 1 21  ARG 21  21  21  ARG ARG A . n 
A 1 22  ASN 22  22  22  ASN ASN A . n 
A 1 23  LEU 23  23  23  LEU LEU A . n 
A 1 24  LEU 24  24  24  LEU LEU A . n 
A 1 25  ARG 25  25  25  ARG ARG A . n 
A 1 26  SER 26  26  26  SER SER A . n 
A 1 27  ALA 27  27  27  ALA ALA A . n 
A 1 28  GLY 28  28  28  GLY GLY A . n 
A 1 29  PHE 29  29  29  PHE PHE A . n 
A 1 30  GLU 30  30  30  GLU GLU A . n 
A 1 31  VAL 31  31  31  VAL VAL A . n 
A 1 32  GLU 32  32  32  GLU GLU A . n 
A 1 33  THR 33  33  33  THR THR A . n 
A 1 34  PHE 34  34  34  PHE PHE A . n 
A 1 35  ASP 35  35  35  ASP ASP A . n 
A 1 36  CYS 36  36  36  CYS CYS A . n 
A 1 37  ALA 37  37  37  ALA ALA A . n 
A 1 38  SER 38  38  38  SER SER A . n 
A 1 39  THR 39  39  39  THR THR A . n 
A 1 40  PHE 40  40  40  PHE PHE A . n 
A 1 41  LEU 41  41  41  LEU LEU A . n 
A 1 42  GLU 42  42  42  GLU GLU A . n 
A 1 43  HIS 43  43  43  HIS HIS A . n 
A 1 44  ARG 44  44  44  ARG ARG A . n 
A 1 45  ARG 45  45  45  ARG ARG A . n 
A 1 46  PRO 46  46  46  PRO PRO A . n 
A 1 47  GLU 47  47  47  GLU GLU A . n 
A 1 48  GLN 48  48  48  GLN GLN A . n 
A 1 49  HIS 49  49  49  HIS HIS A . n 
A 1 50  GLY 50  50  50  GLY GLY A . n 
A 1 51  CYS 51  51  51  CYS CYS A . n 
A 1 52  LEU 52  52  52  LEU LEU A . n 
A 1 53  VAL 53  53  53  VAL VAL A . n 
A 1 54  LEU 54  54  54  LEU LEU A . n 
A 1 55  ASP 55  55  55  ASP ASP A . n 
A 1 56  MET 56  56  56  MET MET A . n 
A 1 57  ARG 57  57  57  ARG ARG A . n 
A 1 58  MET 58  58  58  MET MET A . n 
A 1 59  PRO 59  59  59  PRO PRO A . n 
A 1 60  GLY 60  60  60  GLY GLY A . n 
A 1 61  MET 61  61  61  MET MET A . n 
A 1 62  SER 62  62  62  SER SER A . n 
A 1 63  GLY 63  63  63  GLY GLY A . n 
A 1 64  ILE 64  64  64  ILE ILE A . n 
A 1 65  GLU 65  65  65  GLU GLU A . n 
A 1 66  LEU 66  66  66  LEU LEU A . n 
A 1 67  GLN 67  67  67  GLN GLN A . n 
A 1 68  GLU 68  68  68  GLU GLU A . n 
A 1 69  GLN 69  69  69  GLN GLN A . n 
A 1 70  LEU 70  70  70  LEU LEU A . n 
A 1 71  THR 71  71  71  THR THR A . n 
A 1 72  ALA 72  72  72  ALA ALA A . n 
A 1 73  ILE 73  73  73  ILE ILE A . n 
A 1 74  SER 74  74  74  SER SER A . n 
A 1 75  ASP 75  75  75  ASP ASP A . n 
A 1 76  GLY 76  76  76  GLY GLY A . n 
A 1 77  ILE 77  77  77  ILE ILE A . n 
A 1 78  PRO 78  78  78  PRO PRO A . n 
A 1 79  ILE 79  79  79  ILE ILE A . n 
A 1 80  VAL 80  80  80  VAL VAL A . n 
A 1 81  PHE 81  81  81  PHE PHE A . n 
A 1 82  ILE 82  82  82  ILE ILE A . n 
A 1 83  THR 83  83  83  THR THR A . n 
A 1 84  ALA 84  84  84  ALA ALA A . n 
A 1 85  HIS 85  85  85  HIS HIS A . n 
A 1 86  GLY 86  86  86  GLY GLY A . n 
A 1 87  ASP 87  87  87  ASP ASP A . n 
A 1 88  ILE 88  88  88  ILE ILE A . n 
A 1 89  PRO 89  89  89  PRO PRO A . n 
A 1 90  MET 90  90  90  MET MET A . n 
A 1 91  THR 91  91  91  THR THR A . n 
A 1 92  VAL 92  92  92  VAL VAL A . n 
A 1 93  ARG 93  93  93  ARG ARG A . n 
A 1 94  ALA 94  94  94  ALA ALA A . n 
A 1 95  MET 95  95  95  MET MET A . n 
A 1 96  LYS 96  96  96  LYS LYS A . n 
A 1 97  ALA 97  97  97  ALA ALA A . n 
A 1 98  GLY 98  98  98  GLY GLY A . n 
A 1 99  ALA 99  99  99  ALA ALA A . n 
A 1 100 ILE 100 100 100 ILE ILE A . n 
A 1 101 GLU 101 101 101 GLU GLU A . n 
A 1 102 PHE 102 102 102 PHE PHE A . n 
A 1 103 LEU 103 103 103 LEU LEU A . n 
A 1 104 PRO 104 104 104 PRO PRO A . n 
A 1 105 LYS 105 105 105 LYS LYS A . n 
A 1 106 PRO 106 106 106 PRO PRO A . n 
A 1 107 PHE 107 107 107 PHE PHE A . n 
A 1 108 GLU 108 108 108 GLU GLU A . n 
A 1 109 GLU 109 109 109 GLU GLU A . n 
A 1 110 GLN 110 110 110 GLN GLN A . n 
A 1 111 ALA 111 111 111 ALA ALA A . n 
A 1 112 LEU 112 112 112 LEU LEU A . n 
A 1 113 LEU 113 113 113 LEU LEU A . n 
A 1 114 ASP 114 114 114 ASP ASP A . n 
A 1 115 ALA 115 115 115 ALA ALA A . n 
A 1 116 ILE 116 116 116 ILE ILE A . n 
A 1 117 GLU 117 117 117 GLU GLU A . n 
A 1 118 GLN 118 118 118 GLN GLN A . n 
A 1 119 GLY 119 119 119 GLY GLY A . n 
A 1 120 LEU 120 120 120 LEU LEU A . n 
A 1 121 GLN 121 121 121 GLN GLN A . n 
A 1 122 LEU 122 122 122 LEU LEU A . n 
A 1 123 ASN 123 123 123 ASN ASN A . n 
A 1 124 ALA 124 124 124 ALA ALA A . n 
A 1 125 GLU 125 125 125 GLU GLU A . n 
A 1 126 ARG 126 126 126 ARG ARG A . n 
A 1 127 ARG 127 127 127 ARG ARG A . n 
A 1 128 GLN 128 128 128 GLN GLN A . n 
A 1 129 ALA 129 129 129 ALA ALA A . n 
A 1 130 ARG 130 130 130 ARG ARG A . n 
A 1 131 GLU 131 131 131 GLU GLU A . n 
A 1 132 THR 132 132 132 THR THR A . n 
A 1 133 GLN 133 133 133 GLN GLN A . n 
A 1 134 ASP 134 134 134 ASP ASP A . n 
A 1 135 GLN 135 135 135 GLN GLN A . n 
A 1 136 LEU 136 136 136 LEU LEU A . n 
A 1 137 GLU 137 137 137 GLU GLU A . n 
A 1 138 GLN 138 138 138 GLN GLN A . n 
A 1 139 LEU 139 139 139 LEU LEU A . n 
A 1 140 PHE 140 140 140 PHE PHE A . n 
A 1 141 SER 141 141 141 SER SER A . n 
A 1 142 SER 142 142 142 SER SER A . n 
A 1 143 LEU 143 143 143 LEU LEU A . n 
A 1 144 THR 144 144 144 THR THR A . n 
A 1 145 GLY 145 145 145 GLY GLY A . n 
A 1 146 ARG 146 146 146 ARG ARG A . n 
A 1 147 GLU 147 147 147 GLU GLU A . n 
A 1 148 GLN 148 148 148 GLN GLN A . n 
A 1 149 GLN 149 149 149 GLN GLN A . n 
A 1 150 VAL 150 150 150 VAL VAL A . n 
A 1 151 LEU 151 151 151 LEU LEU A . n 
A 1 152 GLN 152 152 152 GLN GLN A . n 
A 1 153 LEU 153 153 153 LEU LEU A . n 
A 1 154 THR 154 154 154 THR THR A . n 
A 1 155 ILE 155 155 155 ILE ILE A . n 
A 1 156 ARG 156 156 156 ARG ARG A . n 
A 1 157 GLY 157 157 157 GLY GLY A . n 
A 1 158 LEU 158 158 158 LEU LEU A . n 
A 1 159 MET 159 159 159 MET MET A . n 
A 1 160 ASN 160 160 160 ASN ASN A . n 
A 1 161 LYS 161 161 161 LYS LYS A . n 
A 1 162 GLN 162 162 162 GLN GLN A . n 
A 1 163 ILE 163 163 163 ILE ILE A . n 
A 1 164 ALA 164 164 164 ALA ALA A . n 
A 1 165 GLY 165 165 165 GLY GLY A . n 
A 1 166 GLU 166 166 166 GLU GLU A . n 
A 1 167 LEU 167 167 167 LEU LEU A . n 
A 1 168 GLY 168 168 168 GLY GLY A . n 
A 1 169 ILE 169 169 169 ILE ILE A . n 
A 1 170 ALA 170 170 170 ALA ALA A . n 
A 1 171 GLU 171 171 171 GLU GLU A . n 
A 1 172 VAL 172 172 172 VAL VAL A . n 
A 1 173 THR 173 173 173 THR THR A . n 
A 1 174 VAL 174 174 174 VAL VAL A . n 
A 1 175 LYS 175 175 175 LYS LYS A . n 
A 1 176 VAL 176 176 176 VAL VAL A . n 
A 1 177 HIS 177 177 177 HIS HIS A . n 
A 1 178 ARG 178 178 178 ARG ARG A . n 
A 1 179 HIS 179 179 179 HIS HIS A . n 
A 1 180 ASN 180 180 180 ASN ASN A . n 
A 1 181 ILE 181 181 181 ILE ILE A . n 
A 1 182 MET 182 182 182 MET MET A . n 
A 1 183 GLN 183 183 183 GLN GLN A . n 
A 1 184 LYS 184 184 184 LYS LYS A . n 
A 1 185 LEU 185 185 185 LEU LEU A . n 
A 1 186 ASN 186 186 186 ASN ASN A . n 
A 1 187 VAL 187 187 187 VAL VAL A . n 
A 1 188 ARG 188 188 188 ARG ARG A . n 
A 1 189 SER 189 189 189 SER SER A . n 
A 1 190 LEU 190 190 190 LEU LEU A . n 
A 1 191 ALA 191 191 191 ALA ALA A . n 
A 1 192 ASN 192 192 192 ASN ASN A . n 
A 1 193 LEU 193 193 193 LEU LEU A . n 
A 1 194 VAL 194 194 194 VAL VAL A . n 
A 1 195 HIS 195 195 195 HIS HIS A . n 
A 1 196 LEU 196 196 196 LEU LEU A . n 
A 1 197 VAL 197 197 197 VAL VAL A . n 
A 1 198 GLU 198 198 198 GLU GLU A . n 
A 1 199 LYS 199 199 199 LYS LYS A . n 
A 1 200 TYR 200 200 200 TYR TYR A . n 
A 1 201 GLU 201 201 ?   ?   ?   A . n 
A 1 202 SER 202 202 ?   ?   ?   A . n 
A 1 203 PHE 203 203 ?   ?   ?   A . n 
A 1 204 GLU 204 204 ?   ?   ?   A . n 
A 1 205 ARG 205 205 ?   ?   ?   A . n 
A 1 206 GLY 206 206 ?   ?   ?   A . n 
A 1 207 VAL 207 207 ?   ?   ?   A . n 
A 1 208 SER 208 208 ?   ?   ?   A . n 
# 
loop_
_pdbx_nonpoly_scheme.asym_id 
_pdbx_nonpoly_scheme.entity_id 
_pdbx_nonpoly_scheme.mon_id 
_pdbx_nonpoly_scheme.ndb_seq_num 
_pdbx_nonpoly_scheme.pdb_seq_num 
_pdbx_nonpoly_scheme.auth_seq_num 
_pdbx_nonpoly_scheme.pdb_mon_id 
_pdbx_nonpoly_scheme.auth_mon_id 
_pdbx_nonpoly_scheme.pdb_strand_id 
_pdbx_nonpoly_scheme.pdb_ins_code 
B 2 HG  1  209 201 HG  HG  A . 
C 2 HG  1  210 202 HG  HG  A . 
D 2 HG  1  211 203 HG  HG  A . 
E 3 MG  1  212 204 MG  MG  A . 
F 4 HOH 1  213 1   HOH HOH A . 
F 4 HOH 2  214 2   HOH HOH A . 
F 4 HOH 3  215 3   HOH HOH A . 
F 4 HOH 4  216 4   HOH HOH A . 
F 4 HOH 5  217 5   HOH HOH A . 
F 4 HOH 6  218 6   HOH HOH A . 
F 4 HOH 7  219 7   HOH HOH A . 
F 4 HOH 8  220 8   HOH HOH A . 
F 4 HOH 9  221 9   HOH HOH A . 
F 4 HOH 10 222 10  HOH HOH A . 
F 4 HOH 11 223 11  HOH HOH A . 
F 4 HOH 12 224 12  HOH HOH A . 
F 4 HOH 13 225 13  HOH HOH A . 
F 4 HOH 14 226 14  HOH HOH A . 
F 4 HOH 15 227 15  HOH HOH A . 
F 4 HOH 16 228 16  HOH HOH A . 
F 4 HOH 17 229 17  HOH HOH A . 
F 4 HOH 18 230 18  HOH HOH A . 
F 4 HOH 19 231 19  HOH HOH A . 
F 4 HOH 20 232 20  HOH HOH A . 
F 4 HOH 21 233 21  HOH HOH A . 
F 4 HOH 22 234 22  HOH HOH A . 
F 4 HOH 23 235 23  HOH HOH A . 
F 4 HOH 24 236 24  HOH HOH A . 
F 4 HOH 25 237 25  HOH HOH A . 
F 4 HOH 26 238 26  HOH HOH A . 
F 4 HOH 27 239 27  HOH HOH A . 
F 4 HOH 28 240 28  HOH HOH A . 
F 4 HOH 29 241 29  HOH HOH A . 
F 4 HOH 30 242 30  HOH HOH A . 
F 4 HOH 31 243 31  HOH HOH A . 
F 4 HOH 32 244 32  HOH HOH A . 
F 4 HOH 33 245 33  HOH HOH A . 
F 4 HOH 34 246 34  HOH HOH A . 
F 4 HOH 35 247 35  HOH HOH A . 
F 4 HOH 36 248 36  HOH HOH A . 
F 4 HOH 37 249 37  HOH HOH A . 
F 4 HOH 38 250 38  HOH HOH A . 
F 4 HOH 39 251 39  HOH HOH A . 
F 4 HOH 40 252 40  HOH HOH A . 
F 4 HOH 41 253 41  HOH HOH A . 
F 4 HOH 42 254 42  HOH HOH A . 
F 4 HOH 43 255 43  HOH HOH A . 
F 4 HOH 44 256 44  HOH HOH A . 
F 4 HOH 45 257 45  HOH HOH A . 
F 4 HOH 46 258 46  HOH HOH A . 
F 4 HOH 47 259 47  HOH HOH A . 
F 4 HOH 48 260 48  HOH HOH A . 
F 4 HOH 49 261 49  HOH HOH A . 
F 4 HOH 50 262 50  HOH HOH A . 
F 4 HOH 51 263 51  HOH HOH A . 
F 4 HOH 52 264 52  HOH HOH A . 
F 4 HOH 53 265 53  HOH HOH A . 
F 4 HOH 54 266 54  HOH HOH A . 
F 4 HOH 55 267 55  HOH HOH A . 
F 4 HOH 56 268 56  HOH HOH A . 
F 4 HOH 57 269 57  HOH HOH A . 
F 4 HOH 58 270 58  HOH HOH A . 
F 4 HOH 59 271 59  HOH HOH A . 
F 4 HOH 60 272 60  HOH HOH A . 
F 4 HOH 61 273 61  HOH HOH A . 
F 4 HOH 62 274 62  HOH HOH A . 
F 4 HOH 63 275 63  HOH HOH A . 
F 4 HOH 64 276 64  HOH HOH A . 
F 4 HOH 65 277 65  HOH HOH A . 
F 4 HOH 66 278 66  HOH HOH A . 
F 4 HOH 67 279 67  HOH HOH A . 
F 4 HOH 68 280 68  HOH HOH A . 
F 4 HOH 69 281 69  HOH HOH A . 
F 4 HOH 70 282 70  HOH HOH A . 
F 4 HOH 71 283 71  HOH HOH A . 
F 4 HOH 72 284 72  HOH HOH A . 
F 4 HOH 73 285 73  HOH HOH A . 
F 4 HOH 74 286 74  HOH HOH A . 
F 4 HOH 75 287 75  HOH HOH A . 
F 4 HOH 76 288 76  HOH HOH A . 
F 4 HOH 77 289 77  HOH HOH A . 
F 4 HOH 78 290 78  HOH HOH A . 
F 4 HOH 79 291 79  HOH HOH A . 
F 4 HOH 80 292 80  HOH HOH A . 
F 4 HOH 81 293 81  HOH HOH A . 
F 4 HOH 82 294 82  HOH HOH A . 
F 4 HOH 83 295 83  HOH HOH A . 
F 4 HOH 84 296 84  HOH HOH A . 
F 4 HOH 85 297 85  HOH HOH A . 
F 4 HOH 86 298 86  HOH HOH A . 
F 4 HOH 87 299 87  HOH HOH A . 
F 4 HOH 88 300 88  HOH HOH A . 
F 4 HOH 89 301 89  HOH HOH A . 
F 4 HOH 90 302 90  HOH HOH A . 
# 
loop_
_software.name 
_software.classification 
_software.version 
_software.citation_id 
_software.pdbx_ordinal 
REFMAC    refinement       5.2.0005 ? 1 
DENZO     'data reduction' .        ? 2 
SCALEPACK 'data scaling'   .        ? 3 
MOLREP    phasing          .        ? 4 
# 
_cell.entry_id           1YIO 
_cell.length_a           41.196 
_cell.length_b           35.679 
_cell.length_c           73.877 
_cell.angle_alpha        90.00 
_cell.angle_beta         99.15 
_cell.angle_gamma        90.00 
_cell.Z_PDB              2 
_cell.pdbx_unique_axis   ? 
# 
_symmetry.entry_id                         1YIO 
_symmetry.space_group_name_H-M             'P 1 21 1' 
_symmetry.pdbx_full_space_group_name_H-M   ? 
_symmetry.cell_setting                     ? 
_symmetry.Int_Tables_number                4 
_symmetry.space_group_name_Hall            ? 
# 
_exptl.entry_id          1YIO 
_exptl.method            'X-RAY DIFFRACTION' 
_exptl.crystals_number   1 
# 
_exptl_crystal.id                    1 
_exptl_crystal.density_meas          ? 
_exptl_crystal.density_Matthews      2.1 
_exptl_crystal.density_percent_sol   42.2 
_exptl_crystal.description           ? 
_exptl_crystal.F_000                 ? 
_exptl_crystal.preparation           ? 
# 
_exptl_crystal_grow.crystal_id      1 
_exptl_crystal_grow.method          'VAPOR DIFFUSION, HANGING DROP' 
_exptl_crystal_grow.temp            277 
_exptl_crystal_grow.temp_details    ? 
_exptl_crystal_grow.pH              8.2 
_exptl_crystal_grow.pdbx_details    'PEG 4000, pH 8.2, VAPOR DIFFUSION, HANGING DROP, temperature 277K' 
_exptl_crystal_grow.pdbx_pH_range   . 
# 
_diffrn.id                     1 
_diffrn.ambient_temp           100 
_diffrn.ambient_temp_details   ? 
_diffrn.crystal_id             1 
# 
_diffrn_detector.diffrn_id              1 
_diffrn_detector.detector               CCD 
_diffrn_detector.type                   'MAR CCD 165 mm' 
_diffrn_detector.pdbx_collection_date   2003-11-03 
_diffrn_detector.details                ? 
# 
_diffrn_radiation.diffrn_id                        1 
_diffrn_radiation.wavelength_id                    1 
_diffrn_radiation.pdbx_monochromatic_or_laue_m_l   M 
_diffrn_radiation.monochromator                    'Diamond(111), Ge(220)' 
_diffrn_radiation.pdbx_diffrn_protocol             'SINGLE WAVELENGTH' 
_diffrn_radiation.pdbx_scattering_type             x-ray 
# 
_diffrn_radiation_wavelength.id           1 
_diffrn_radiation_wavelength.wavelength   0.931 
_diffrn_radiation_wavelength.wt           1.0 
# 
_diffrn_source.diffrn_id                   1 
_diffrn_source.source                      SYNCHROTRON 
_diffrn_source.type                        'ESRF BEAMLINE ID14-3' 
_diffrn_source.pdbx_synchrotron_site       ESRF 
_diffrn_source.pdbx_synchrotron_beamline   ID14-3 
_diffrn_source.pdbx_wavelength             ? 
_diffrn_source.pdbx_wavelength_list        0.931 
# 
_reflns.entry_id                     1YIO 
_reflns.observed_criterion_sigma_F   0 
_reflns.observed_criterion_sigma_I   0 
_reflns.d_resolution_high            2.2 
_reflns.d_resolution_low             30 
_reflns.number_all                   10478 
_reflns.number_obs                   10478 
_reflns.percent_possible_obs         99.28 
_reflns.pdbx_Rmerge_I_obs            0.085 
_reflns.pdbx_Rsym_value              ? 
_reflns.pdbx_netI_over_sigmaI        10 
_reflns.B_iso_Wilson_estimate        ? 
_reflns.pdbx_redundancy              3.5 
_reflns.R_free_details               ? 
_reflns.limit_h_max                  ? 
_reflns.limit_h_min                  ? 
_reflns.limit_k_max                  ? 
_reflns.limit_k_min                  ? 
_reflns.limit_l_max                  ? 
_reflns.limit_l_min                  ? 
_reflns.observed_criterion_F_max     ? 
_reflns.observed_criterion_F_min     ? 
_reflns.pdbx_chi_squared             ? 
_reflns.pdbx_scaling_rejects         ? 
_reflns.pdbx_diffrn_id               1 
_reflns.pdbx_ordinal                 1 
# 
_reflns_shell.d_res_high             2.20 
_reflns_shell.d_res_low              2.24 
_reflns_shell.percent_possible_all   90.98 
_reflns_shell.Rmerge_I_obs           0.424 
_reflns_shell.pdbx_Rsym_value        ? 
_reflns_shell.meanI_over_sigI_obs    2 
_reflns_shell.pdbx_redundancy        3 
_reflns_shell.percent_possible_obs   ? 
_reflns_shell.number_unique_all      983 
_reflns_shell.number_measured_all    ? 
_reflns_shell.number_measured_obs    ? 
_reflns_shell.number_unique_obs      ? 
_reflns_shell.pdbx_chi_squared       ? 
_reflns_shell.pdbx_diffrn_id         ? 
_reflns_shell.pdbx_ordinal           1 
# 
_refine.entry_id                                 1YIO 
_refine.ls_number_reflns_obs                     10478 
_refine.ls_number_reflns_all                     10478 
_refine.pdbx_ls_sigma_I                          ? 
_refine.pdbx_ls_sigma_F                          0 
_refine.pdbx_data_cutoff_high_absF               ? 
_refine.pdbx_data_cutoff_low_absF                ? 
_refine.pdbx_data_cutoff_high_rms_absF           ? 
_refine.ls_d_res_low                             30.00 
_refine.ls_d_res_high                            2.20 
_refine.ls_percent_reflns_obs                    99.28 
_refine.ls_R_factor_obs                          0.20454 
_refine.ls_R_factor_all                          ? 
_refine.ls_R_factor_R_work                       0.20117 
_refine.ls_R_factor_R_free                       0.27455 
_refine.ls_R_factor_R_free_error                 ? 
_refine.ls_R_factor_R_free_error_details         ? 
_refine.ls_percent_reflns_R_free                 4.8 
_refine.ls_number_reflns_R_free                  531 
_refine.ls_number_parameters                     ? 
_refine.ls_number_restraints                     ? 
_refine.occupancy_min                            ? 
_refine.occupancy_max                            ? 
_refine.correlation_coeff_Fo_to_Fc               0.931 
_refine.correlation_coeff_Fo_to_Fc_free          0.887 
_refine.B_iso_mean                               33.949 
_refine.aniso_B[1][1]                            -0.85 
_refine.aniso_B[2][2]                            0.92 
_refine.aniso_B[3][3]                            -0.04 
_refine.aniso_B[1][2]                            0.00 
_refine.aniso_B[1][3]                            0.07 
_refine.aniso_B[2][3]                            0.00 
_refine.solvent_model_details                    MASK 
_refine.solvent_model_param_ksol                 ? 
_refine.solvent_model_param_bsol                 ? 
_refine.pdbx_solvent_vdw_probe_radii             1.20 
_refine.pdbx_solvent_ion_probe_radii             0.80 
_refine.pdbx_solvent_shrinkage_radii             0.80 
_refine.pdbx_ls_cross_valid_method               THROUGHOUT 
_refine.details                                  'HYDROGENS HAVE BEEN ADDED IN THE RIDING POSITIONS' 
_refine.pdbx_starting_model                      ? 
_refine.pdbx_method_to_determine_struct          'MOLECULAR REPLACEMENT' 
_refine.pdbx_isotropic_thermal_model             ? 
_refine.pdbx_stereochemistry_target_values       'MAXIMUM LIKELIHOOD' 
_refine.pdbx_stereochem_target_val_spec_case     ? 
_refine.pdbx_R_Free_selection_details            RANDOM 
_refine.pdbx_overall_ESU_R                       0.298 
_refine.pdbx_overall_ESU_R_Free                  0.245 
_refine.overall_SU_ML                            ? 
_refine.overall_SU_B                             ? 
_refine.ls_redundancy_reflns_obs                 ? 
_refine.B_iso_min                                ? 
_refine.B_iso_max                                ? 
_refine.overall_SU_R_Cruickshank_DPI             ? 
_refine.overall_SU_R_free                        ? 
_refine.ls_wR_factor_R_free                      ? 
_refine.ls_wR_factor_R_work                      ? 
_refine.overall_FOM_free_R_set                   ? 
_refine.overall_FOM_work_R_set                   ? 
_refine.pdbx_refine_id                           'X-RAY DIFFRACTION' 
_refine.pdbx_diffrn_id                           1 
_refine.pdbx_TLS_residual_ADP_flag               ? 
_refine.pdbx_overall_phase_error                 ? 
_refine.pdbx_overall_SU_R_free_Cruickshank_DPI   ? 
_refine.pdbx_overall_SU_R_Blow_DPI               ? 
_refine.pdbx_overall_SU_R_free_Blow_DPI          ? 
# 
_refine_hist.pdbx_refine_id                   'X-RAY DIFFRACTION' 
_refine_hist.cycle_id                         LAST 
_refine_hist.pdbx_number_atoms_protein        1569 
_refine_hist.pdbx_number_atoms_nucleic_acid   0 
_refine_hist.pdbx_number_atoms_ligand         5 
_refine_hist.number_atoms_solvent             90 
_refine_hist.number_atoms_total               1664 
_refine_hist.d_res_high                       2.20 
_refine_hist.d_res_low                        30.00 
# 
loop_
_refine_ls_restr.type 
_refine_ls_restr.dev_ideal 
_refine_ls_restr.dev_ideal_target 
_refine_ls_restr.weight 
_refine_ls_restr.number 
_refine_ls_restr.pdbx_refine_id 
_refine_ls_restr.pdbx_restraint_function 
r_bond_refined_d             0.012  0.022  ? 1593 'X-RAY DIFFRACTION' ? 
r_bond_other_d               ?      ?      ? ?    'X-RAY DIFFRACTION' ? 
r_angle_refined_deg          1.521  1.973  ? 2151 'X-RAY DIFFRACTION' ? 
r_angle_other_deg            ?      ?      ? ?    'X-RAY DIFFRACTION' ? 
r_dihedral_angle_1_deg       5.116  5.000  ? 201  'X-RAY DIFFRACTION' ? 
r_dihedral_angle_2_deg       35.737 24.416 ? 77   'X-RAY DIFFRACTION' ? 
r_dihedral_angle_3_deg       16.616 15.000 ? 299  'X-RAY DIFFRACTION' ? 
r_dihedral_angle_4_deg       19.697 15.000 ? 14   'X-RAY DIFFRACTION' ? 
r_chiral_restr               0.090  0.200  ? 248  'X-RAY DIFFRACTION' ? 
r_gen_planes_refined         0.005  0.020  ? 1198 'X-RAY DIFFRACTION' ? 
r_gen_planes_other           ?      ?      ? ?    'X-RAY DIFFRACTION' ? 
r_nbd_refined                0.235  0.200  ? 731  'X-RAY DIFFRACTION' ? 
r_nbd_other                  ?      ?      ? ?    'X-RAY DIFFRACTION' ? 
r_nbtor_refined              0.298  0.200  ? 1113 'X-RAY DIFFRACTION' ? 
r_nbtor_other                ?      ?      ? ?    'X-RAY DIFFRACTION' ? 
r_xyhbond_nbd_refined        0.185  0.200  ? 77   'X-RAY DIFFRACTION' ? 
r_xyhbond_nbd_other          ?      ?      ? ?    'X-RAY DIFFRACTION' ? 
r_metal_ion_refined          0.378  0.200  ? 2    'X-RAY DIFFRACTION' ? 
r_metal_ion_other            ?      ?      ? ?    'X-RAY DIFFRACTION' ? 
r_symmetry_vdw_refined       0.204  0.200  ? 73   'X-RAY DIFFRACTION' ? 
r_symmetry_vdw_other         ?      ?      ? ?    'X-RAY DIFFRACTION' ? 
r_symmetry_hbond_refined     0.169  0.200  ? 21   'X-RAY DIFFRACTION' ? 
r_symmetry_hbond_other       ?      ?      ? ?    'X-RAY DIFFRACTION' ? 
r_symmetry_metal_ion_refined 0.253  0.200  ? 1    'X-RAY DIFFRACTION' ? 
r_symmetry_metal_ion_other   ?      ?      ? ?    'X-RAY DIFFRACTION' ? 
r_mcbond_it                  2.945  1.500  ? 996  'X-RAY DIFFRACTION' ? 
r_mcbond_other               ?      ?      ? ?    'X-RAY DIFFRACTION' ? 
r_mcangle_it                 4.266  2.000  ? 1609 'X-RAY DIFFRACTION' ? 
r_scbond_it                  3.540  3.000  ? 597  'X-RAY DIFFRACTION' ? 
r_scangle_it                 5.134  4.500  ? 542  'X-RAY DIFFRACTION' ? 
r_rigid_bond_restr           ?      ?      ? ?    'X-RAY DIFFRACTION' ? 
r_sphericity_free            ?      ?      ? ?    'X-RAY DIFFRACTION' ? 
r_sphericity_bonded          ?      ?      ? ?    'X-RAY DIFFRACTION' ? 
# 
_refine_ls_shell.pdbx_total_number_of_bins_used   20 
_refine_ls_shell.d_res_high                       2.196 
_refine_ls_shell.d_res_low                        2.253 
_refine_ls_shell.number_reflns_R_work             708 
_refine_ls_shell.R_factor_R_work                  0.194 
_refine_ls_shell.percent_reflns_obs               90.98 
_refine_ls_shell.R_factor_R_free                  0.306 
_refine_ls_shell.R_factor_R_free_error            ? 
_refine_ls_shell.percent_reflns_R_free            ? 
_refine_ls_shell.number_reflns_R_free             38 
_refine_ls_shell.number_reflns_obs                ? 
_refine_ls_shell.redundancy_reflns_obs            ? 
_refine_ls_shell.number_reflns_all                ? 
_refine_ls_shell.pdbx_refine_id                   'X-RAY DIFFRACTION' 
_refine_ls_shell.R_factor_all                     ? 
# 
_struct.entry_id                  1YIO 
_struct.title                     'Crystallographic structure of response regulator StyR from Pseudomonas fluorescens' 
_struct.pdbx_model_details        ? 
_struct.pdbx_CASP_flag            ? 
_struct.pdbx_model_type_details   ? 
# 
_struct_keywords.entry_id        1YIO 
_struct_keywords.pdbx_keywords   'DNA BINDING PROTEIN' 
_struct_keywords.text            'Transcription regulation, DNA BINDING PROTEIN' 
# 
loop_
_struct_asym.id 
_struct_asym.pdbx_blank_PDB_chainid_flag 
_struct_asym.pdbx_modified 
_struct_asym.entity_id 
_struct_asym.details 
A N N 1 ? 
B N N 2 ? 
C N N 2 ? 
D N N 2 ? 
E N N 3 ? 
F N N 4 ? 
# 
_struct_ref.id                         1 
_struct_ref.db_name                    UNP 
_struct_ref.db_code                    O30989_PSEFL 
_struct_ref.pdbx_db_accession          O30989 
_struct_ref.entity_id                  1 
_struct_ref.pdbx_seq_one_letter_code   
;MTAKPTVFVVDDDMSVREGLRNLLRSAGFEVETFDCASTFLEHRRPEQHGCLVLDMRMPGMSGIELQEQLTAISDGIPIV
FITAHGDIPMTVRAMKAGAIEFLPKPFEEQALLDAIEQGLQLNAERRQARETQDQLEQLFSSLTGREQQVLQLTIRGLMN
KQIAGELGIAEVTVKVHRHNIMQKLNVRSLANLVHLVEKYESFERGVS
;
_struct_ref.pdbx_align_begin           1 
_struct_ref.pdbx_db_isoform            ? 
# 
_struct_ref_seq.align_id                      1 
_struct_ref_seq.ref_id                        1 
_struct_ref_seq.pdbx_PDB_id_code              1YIO 
_struct_ref_seq.pdbx_strand_id                A 
_struct_ref_seq.seq_align_beg                 1 
_struct_ref_seq.pdbx_seq_align_beg_ins_code   ? 
_struct_ref_seq.seq_align_end                 208 
_struct_ref_seq.pdbx_seq_align_end_ins_code   ? 
_struct_ref_seq.pdbx_db_accession             O30989 
_struct_ref_seq.db_align_beg                  1 
_struct_ref_seq.pdbx_db_align_beg_ins_code    ? 
_struct_ref_seq.db_align_end                  208 
_struct_ref_seq.pdbx_db_align_end_ins_code    ? 
_struct_ref_seq.pdbx_auth_seq_align_beg       1 
_struct_ref_seq.pdbx_auth_seq_align_end       208 
# 
_pdbx_struct_assembly.id                   1 
_pdbx_struct_assembly.details              author_defined_assembly 
_pdbx_struct_assembly.method_details       ? 
_pdbx_struct_assembly.oligomeric_details   monomeric 
_pdbx_struct_assembly.oligomeric_count     1 
# 
_pdbx_struct_assembly_gen.assembly_id       1 
_pdbx_struct_assembly_gen.oper_expression   1 
_pdbx_struct_assembly_gen.asym_id_list      A,B,C,D,E,F 
# 
_pdbx_struct_oper_list.id                   1 
_pdbx_struct_oper_list.type                 'identity operation' 
_pdbx_struct_oper_list.name                 1_555 
_pdbx_struct_oper_list.symmetry_operation   x,y,z 
_pdbx_struct_oper_list.matrix[1][1]         1.0000000000 
_pdbx_struct_oper_list.matrix[1][2]         0.0000000000 
_pdbx_struct_oper_list.matrix[1][3]         0.0000000000 
_pdbx_struct_oper_list.vector[1]            0.0000000000 
_pdbx_struct_oper_list.matrix[2][1]         0.0000000000 
_pdbx_struct_oper_list.matrix[2][2]         1.0000000000 
_pdbx_struct_oper_list.matrix[2][3]         0.0000000000 
_pdbx_struct_oper_list.vector[2]            0.0000000000 
_pdbx_struct_oper_list.matrix[3][1]         0.0000000000 
_pdbx_struct_oper_list.matrix[3][2]         0.0000000000 
_pdbx_struct_oper_list.matrix[3][3]         1.0000000000 
_pdbx_struct_oper_list.vector[3]            0.0000000000 
# 
_struct_biol.id                    1 
_struct_biol.pdbx_parent_biol_id   ? 
_struct_biol.details               ? 
# 
loop_
_struct_conf.conf_type_id 
_struct_conf.id 
_struct_conf.pdbx_PDB_helix_id 
_struct_conf.beg_label_comp_id 
_struct_conf.beg_label_asym_id 
_struct_conf.beg_label_seq_id 
_struct_conf.pdbx_beg_PDB_ins_code 
_struct_conf.end_label_comp_id 
_struct_conf.end_label_asym_id 
_struct_conf.end_label_seq_id 
_struct_conf.pdbx_end_PDB_ins_code 
_struct_conf.beg_auth_comp_id 
_struct_conf.beg_auth_asym_id 
_struct_conf.beg_auth_seq_id 
_struct_conf.end_auth_comp_id 
_struct_conf.end_auth_asym_id 
_struct_conf.end_auth_seq_id 
_struct_conf.pdbx_PDB_helix_class 
_struct_conf.details 
_struct_conf.pdbx_PDB_helix_length 
HELX_P HELX_P1 1 ASP A 13  ? SER A 26  ? ASP A 13  SER A 26  1 ? 14 
HELX_P HELX_P2 2 CYS A 36  ? ARG A 44  ? CYS A 36  ARG A 44  1 ? 9  
HELX_P HELX_P3 3 SER A 62  ? ILE A 73  ? SER A 62  ILE A 73  1 ? 12 
HELX_P HELX_P4 4 THR A 91  ? ALA A 97  ? THR A 91  ALA A 97  1 ? 7  
HELX_P HELX_P5 5 GLU A 108 ? SER A 142 ? GLU A 108 SER A 142 1 ? 35 
HELX_P HELX_P6 6 THR A 144 ? ILE A 155 ? THR A 144 ILE A 155 1 ? 12 
HELX_P HELX_P7 7 MET A 159 ? GLY A 168 ? MET A 159 GLY A 168 1 ? 10 
HELX_P HELX_P8 8 ALA A 170 ? LEU A 185 ? ALA A 170 LEU A 185 1 ? 16 
HELX_P HELX_P9 9 SER A 189 ? TYR A 200 ? SER A 189 TYR A 200 1 ? 12 
# 
_struct_conf_type.id          HELX_P 
_struct_conf_type.criteria    ? 
_struct_conf_type.reference   ? 
# 
loop_
_struct_conn.id 
_struct_conn.conn_type_id 
_struct_conn.pdbx_leaving_atom_flag 
_struct_conn.pdbx_PDB_id 
_struct_conn.ptnr1_label_asym_id 
_struct_conn.ptnr1_label_comp_id 
_struct_conn.ptnr1_label_seq_id 
_struct_conn.ptnr1_label_atom_id 
_struct_conn.pdbx_ptnr1_label_alt_id 
_struct_conn.pdbx_ptnr1_PDB_ins_code 
_struct_conn.pdbx_ptnr1_standard_comp_id 
_struct_conn.ptnr1_symmetry 
_struct_conn.ptnr2_label_asym_id 
_struct_conn.ptnr2_label_comp_id 
_struct_conn.ptnr2_label_seq_id 
_struct_conn.ptnr2_label_atom_id 
_struct_conn.pdbx_ptnr2_label_alt_id 
_struct_conn.pdbx_ptnr2_PDB_ins_code 
_struct_conn.ptnr1_auth_asym_id 
_struct_conn.ptnr1_auth_comp_id 
_struct_conn.ptnr1_auth_seq_id 
_struct_conn.ptnr2_auth_asym_id 
_struct_conn.ptnr2_auth_comp_id 
_struct_conn.ptnr2_auth_seq_id 
_struct_conn.ptnr2_symmetry 
_struct_conn.pdbx_ptnr3_label_atom_id 
_struct_conn.pdbx_ptnr3_label_seq_id 
_struct_conn.pdbx_ptnr3_label_comp_id 
_struct_conn.pdbx_ptnr3_label_asym_id 
_struct_conn.pdbx_ptnr3_label_alt_id 
_struct_conn.pdbx_ptnr3_PDB_ins_code 
_struct_conn.details 
_struct_conn.pdbx_dist_value 
_struct_conn.pdbx_value_order 
_struct_conn.pdbx_role 
metalc1  metalc ? ? A ASP 12 OD2 ? ? ? 1_555 E MG  . MG ? ? A ASP 12  A MG  212 1_555 ? ? ? ? ? ? ? 2.245 ? ? 
metalc2  metalc ? ? A ASP 35 OD2 ? ? ? 1_555 B HG  . HG A ? A ASP 35  A HG  209 1_555 ? ? ? ? ? ? ? 2.675 ? ? 
metalc3  metalc ? ? A CYS 36 SG  A ? ? 1_555 B HG  . HG A ? A CYS 36  A HG  209 1_555 ? ? ? ? ? ? ? 3.349 ? ? 
metalc4  metalc ? ? A CYS 36 O   B ? ? 1_555 B HG  . HG B ? A CYS 36  A HG  209 1_555 ? ? ? ? ? ? ? 2.531 ? ? 
metalc5  metalc ? ? A CYS 36 SG  B ? ? 1_555 B HG  . HG B ? A CYS 36  A HG  209 1_555 ? ? ? ? ? ? ? 2.206 ? ? 
metalc6  metalc ? ? A SER 38 N   ? ? ? 1_555 B HG  . HG B ? A SER 38  A HG  209 1_555 ? ? ? ? ? ? ? 3.008 ? ? 
metalc7  metalc ? ? A SER 38 OG  ? ? ? 1_555 B HG  . HG B ? A SER 38  A HG  209 1_555 ? ? ? ? ? ? ? 3.128 ? ? 
metalc8  metalc ? ? A THR 39 OG1 ? ? ? 1_555 B HG  . HG A ? A THR 39  A HG  209 1_555 ? ? ? ? ? ? ? 3.453 ? ? 
metalc9  metalc ? ? A THR 39 N   ? ? ? 1_555 B HG  . HG B ? A THR 39  A HG  209 1_555 ? ? ? ? ? ? ? 2.023 ? ? 
metalc10 metalc ? ? A THR 39 OG1 ? ? ? 1_555 B HG  . HG B ? A THR 39  A HG  209 1_555 ? ? ? ? ? ? ? 2.796 ? ? 
metalc11 metalc ? ? A HIS 43 NE2 ? ? ? 1_555 C HG  . HG ? ? A HIS 43  A HG  210 1_555 ? ? ? ? ? ? ? 2.063 ? ? 
metalc12 metalc ? ? A CYS 51 N   ? ? ? 1_555 D HG  . HG ? ? A CYS 51  A HG  211 1_555 ? ? ? ? ? ? ? 3.196 ? ? 
metalc13 metalc ? ? A ASP 55 OD2 ? ? ? 1_555 E MG  . MG ? ? A ASP 55  A MG  212 1_555 ? ? ? ? ? ? ? 2.042 ? ? 
metalc14 metalc ? ? A ARG 57 O   ? ? ? 1_555 E MG  . MG ? ? A ARG 57  A MG  212 1_555 ? ? ? ? ? ? ? 2.121 ? ? 
metalc15 metalc ? ? C HG  .  HG  ? ? ? 1_555 F HOH . O  ? ? A HG  210 A HOH 282 1_555 ? ? ? ? ? ? ? 2.444 ? ? 
metalc16 metalc ? ? E MG  .  MG  ? ? ? 1_555 F HOH . O  ? ? A MG  212 A HOH 217 1_555 ? ? ? ? ? ? ? 2.211 ? ? 
metalc17 metalc ? ? E MG  .  MG  ? ? ? 1_555 F HOH . O  ? ? A MG  212 A HOH 218 1_555 ? ? ? ? ? ? ? 2.009 ? ? 
metalc18 metalc ? ? E MG  .  MG  ? ? ? 1_555 F HOH . O  ? ? A MG  212 A HOH 219 1_555 ? ? ? ? ? ? ? 2.122 ? ? 
# 
_struct_conn_type.id          metalc 
_struct_conn_type.criteria    ? 
_struct_conn_type.reference   ? 
# 
loop_
_pdbx_struct_conn_angle.id 
_pdbx_struct_conn_angle.ptnr1_label_atom_id 
_pdbx_struct_conn_angle.ptnr1_label_alt_id 
_pdbx_struct_conn_angle.ptnr1_label_asym_id 
_pdbx_struct_conn_angle.ptnr1_label_comp_id 
_pdbx_struct_conn_angle.ptnr1_label_seq_id 
_pdbx_struct_conn_angle.ptnr1_auth_atom_id 
_pdbx_struct_conn_angle.ptnr1_auth_asym_id 
_pdbx_struct_conn_angle.ptnr1_auth_comp_id 
_pdbx_struct_conn_angle.ptnr1_auth_seq_id 
_pdbx_struct_conn_angle.ptnr1_PDB_ins_code 
_pdbx_struct_conn_angle.ptnr1_symmetry 
_pdbx_struct_conn_angle.ptnr2_label_atom_id 
_pdbx_struct_conn_angle.ptnr2_label_alt_id 
_pdbx_struct_conn_angle.ptnr2_label_asym_id 
_pdbx_struct_conn_angle.ptnr2_label_comp_id 
_pdbx_struct_conn_angle.ptnr2_label_seq_id 
_pdbx_struct_conn_angle.ptnr2_auth_atom_id 
_pdbx_struct_conn_angle.ptnr2_auth_asym_id 
_pdbx_struct_conn_angle.ptnr2_auth_comp_id 
_pdbx_struct_conn_angle.ptnr2_auth_seq_id 
_pdbx_struct_conn_angle.ptnr2_PDB_ins_code 
_pdbx_struct_conn_angle.ptnr2_symmetry 
_pdbx_struct_conn_angle.ptnr3_label_atom_id 
_pdbx_struct_conn_angle.ptnr3_label_alt_id 
_pdbx_struct_conn_angle.ptnr3_label_asym_id 
_pdbx_struct_conn_angle.ptnr3_label_comp_id 
_pdbx_struct_conn_angle.ptnr3_label_seq_id 
_pdbx_struct_conn_angle.ptnr3_auth_atom_id 
_pdbx_struct_conn_angle.ptnr3_auth_asym_id 
_pdbx_struct_conn_angle.ptnr3_auth_comp_id 
_pdbx_struct_conn_angle.ptnr3_auth_seq_id 
_pdbx_struct_conn_angle.ptnr3_PDB_ins_code 
_pdbx_struct_conn_angle.ptnr3_symmetry 
_pdbx_struct_conn_angle.value 
_pdbx_struct_conn_angle.value_esd 
1  OD2 ? A ASP 12 ? A ASP 12  ? 1_555 MG ? E MG . ? A MG 212 ? 1_555 OD2 ? A ASP 55 ? A ASP 55  ? 1_555 80.7  ? 
2  OD2 ? A ASP 12 ? A ASP 12  ? 1_555 MG ? E MG . ? A MG 212 ? 1_555 O   ? A ARG 57 ? A ARG 57  ? 1_555 85.0  ? 
3  OD2 ? A ASP 55 ? A ASP 55  ? 1_555 MG ? E MG . ? A MG 212 ? 1_555 O   ? A ARG 57 ? A ARG 57  ? 1_555 79.6  ? 
4  OD2 ? A ASP 12 ? A ASP 12  ? 1_555 MG ? E MG . ? A MG 212 ? 1_555 O   ? F HOH .  ? A HOH 217 ? 1_555 89.2  ? 
5  OD2 ? A ASP 55 ? A ASP 55  ? 1_555 MG ? E MG . ? A MG 212 ? 1_555 O   ? F HOH .  ? A HOH 217 ? 1_555 169.4 ? 
6  O   ? A ARG 57 ? A ARG 57  ? 1_555 MG ? E MG . ? A MG 212 ? 1_555 O   ? F HOH .  ? A HOH 217 ? 1_555 96.3  ? 
7  OD2 ? A ASP 12 ? A ASP 12  ? 1_555 MG ? E MG . ? A MG 212 ? 1_555 O   ? F HOH .  ? A HOH 218 ? 1_555 170.8 ? 
8  OD2 ? A ASP 55 ? A ASP 55  ? 1_555 MG ? E MG . ? A MG 212 ? 1_555 O   ? F HOH .  ? A HOH 218 ? 1_555 90.9  ? 
9  O   ? A ARG 57 ? A ARG 57  ? 1_555 MG ? E MG . ? A MG 212 ? 1_555 O   ? F HOH .  ? A HOH 218 ? 1_555 89.8  ? 
10 O   ? F HOH .  ? A HOH 217 ? 1_555 MG ? E MG . ? A MG 212 ? 1_555 O   ? F HOH .  ? A HOH 218 ? 1_555 98.9  ? 
11 OD2 ? A ASP 12 ? A ASP 12  ? 1_555 MG ? E MG . ? A MG 212 ? 1_555 O   ? F HOH .  ? A HOH 219 ? 1_555 91.8  ? 
12 OD2 ? A ASP 55 ? A ASP 55  ? 1_555 MG ? E MG . ? A MG 212 ? 1_555 O   ? F HOH .  ? A HOH 219 ? 1_555 83.8  ? 
13 O   ? A ARG 57 ? A ARG 57  ? 1_555 MG ? E MG . ? A MG 212 ? 1_555 O   ? F HOH .  ? A HOH 219 ? 1_555 163.5 ? 
14 O   ? F HOH .  ? A HOH 217 ? 1_555 MG ? E MG . ? A MG 212 ? 1_555 O   ? F HOH .  ? A HOH 219 ? 1_555 99.8  ? 
15 O   ? F HOH .  ? A HOH 218 ? 1_555 MG ? E MG . ? A MG 212 ? 1_555 O   ? F HOH .  ? A HOH 219 ? 1_555 91.1  ? 
16 OD2 ? A ASP 35 ? A ASP 35  ? 1_555 HG A B HG . ? A HG 209 ? 1_555 SG  A A CYS 36 ? A CYS 36  ? 1_555 113.7 ? 
17 OD2 ? A ASP 35 ? A ASP 35  ? 1_555 HG A B HG . ? A HG 209 ? 1_555 OG1 ? A THR 39 ? A THR 39  ? 1_555 110.0 ? 
18 SG  A A CYS 36 ? A CYS 36  ? 1_555 HG A B HG . ? A HG 209 ? 1_555 OG1 ? A THR 39 ? A THR 39  ? 1_555 58.3  ? 
19 O   B A CYS 36 ? A CYS 36  ? 1_555 HG B B HG . ? A HG 209 ? 1_555 SG  B A CYS 36 ? A CYS 36  ? 1_555 94.1  ? 
20 O   B A CYS 36 ? A CYS 36  ? 1_555 HG B B HG . ? A HG 209 ? 1_555 N   ? A SER 38 ? A SER 38  ? 1_555 77.0  ? 
21 SG  B A CYS 36 ? A CYS 36  ? 1_555 HG B B HG . ? A HG 209 ? 1_555 N   ? A SER 38 ? A SER 38  ? 1_555 130.0 ? 
22 O   B A CYS 36 ? A CYS 36  ? 1_555 HG B B HG . ? A HG 209 ? 1_555 OG  ? A SER 38 ? A SER 38  ? 1_555 134.2 ? 
23 SG  B A CYS 36 ? A CYS 36  ? 1_555 HG B B HG . ? A HG 209 ? 1_555 OG  ? A SER 38 ? A SER 38  ? 1_555 109.3 ? 
24 N   ? A SER 38 ? A SER 38  ? 1_555 HG B B HG . ? A HG 209 ? 1_555 OG  ? A SER 38 ? A SER 38  ? 1_555 57.6  ? 
25 O   B A CYS 36 ? A CYS 36  ? 1_555 HG B B HG . ? A HG 209 ? 1_555 N   ? A THR 39 ? A THR 39  ? 1_555 96.3  ? 
26 SG  B A CYS 36 ? A CYS 36  ? 1_555 HG B B HG . ? A HG 209 ? 1_555 N   ? A THR 39 ? A THR 39  ? 1_555 162.0 ? 
27 N   ? A SER 38 ? A SER 38  ? 1_555 HG B B HG . ? A HG 209 ? 1_555 N   ? A THR 39 ? A THR 39  ? 1_555 67.0  ? 
28 OG  ? A SER 38 ? A SER 38  ? 1_555 HG B B HG . ? A HG 209 ? 1_555 N   ? A THR 39 ? A THR 39  ? 1_555 73.2  ? 
29 O   B A CYS 36 ? A CYS 36  ? 1_555 HG B B HG . ? A HG 209 ? 1_555 OG1 ? A THR 39 ? A THR 39  ? 1_555 119.2 ? 
30 SG  B A CYS 36 ? A CYS 36  ? 1_555 HG B B HG . ? A HG 209 ? 1_555 OG1 ? A THR 39 ? A THR 39  ? 1_555 87.4  ? 
31 N   ? A SER 38 ? A SER 38  ? 1_555 HG B B HG . ? A HG 209 ? 1_555 OG1 ? A THR 39 ? A THR 39  ? 1_555 140.1 ? 
32 OG  ? A SER 38 ? A SER 38  ? 1_555 HG B B HG . ? A HG 209 ? 1_555 OG1 ? A THR 39 ? A THR 39  ? 1_555 101.2 ? 
33 N   ? A THR 39 ? A THR 39  ? 1_555 HG B B HG . ? A HG 209 ? 1_555 OG1 ? A THR 39 ? A THR 39  ? 1_555 74.7  ? 
34 NE2 ? A HIS 43 ? A HIS 43  ? 1_555 HG ? C HG . ? A HG 210 ? 1_555 O   ? F HOH .  ? A HOH 282 ? 1_555 94.6  ? 
# 
_struct_mon_prot_cis.pdbx_id                1 
_struct_mon_prot_cis.label_comp_id          LYS 
_struct_mon_prot_cis.label_seq_id           105 
_struct_mon_prot_cis.label_asym_id          A 
_struct_mon_prot_cis.label_alt_id           . 
_struct_mon_prot_cis.pdbx_PDB_ins_code      ? 
_struct_mon_prot_cis.auth_comp_id           LYS 
_struct_mon_prot_cis.auth_seq_id            105 
_struct_mon_prot_cis.auth_asym_id           A 
_struct_mon_prot_cis.pdbx_label_comp_id_2   PRO 
_struct_mon_prot_cis.pdbx_label_seq_id_2    106 
_struct_mon_prot_cis.pdbx_label_asym_id_2   A 
_struct_mon_prot_cis.pdbx_PDB_ins_code_2    ? 
_struct_mon_prot_cis.pdbx_auth_comp_id_2    PRO 
_struct_mon_prot_cis.pdbx_auth_seq_id_2     106 
_struct_mon_prot_cis.pdbx_auth_asym_id_2    A 
_struct_mon_prot_cis.pdbx_PDB_model_num     1 
_struct_mon_prot_cis.pdbx_omega_angle       -6.24 
# 
_struct_sheet.id               A 
_struct_sheet.type             ? 
_struct_sheet.number_strands   5 
_struct_sheet.details          ? 
# 
loop_
_struct_sheet_order.sheet_id 
_struct_sheet_order.range_id_1 
_struct_sheet_order.range_id_2 
_struct_sheet_order.offset 
_struct_sheet_order.sense 
A 1 2 ? parallel 
A 2 3 ? parallel 
A 3 4 ? parallel 
A 4 5 ? parallel 
# 
loop_
_struct_sheet_range.sheet_id 
_struct_sheet_range.id 
_struct_sheet_range.beg_label_comp_id 
_struct_sheet_range.beg_label_asym_id 
_struct_sheet_range.beg_label_seq_id 
_struct_sheet_range.pdbx_beg_PDB_ins_code 
_struct_sheet_range.end_label_comp_id 
_struct_sheet_range.end_label_asym_id 
_struct_sheet_range.end_label_seq_id 
_struct_sheet_range.pdbx_end_PDB_ins_code 
_struct_sheet_range.beg_auth_comp_id 
_struct_sheet_range.beg_auth_asym_id 
_struct_sheet_range.beg_auth_seq_id 
_struct_sheet_range.end_auth_comp_id 
_struct_sheet_range.end_auth_asym_id 
_struct_sheet_range.end_auth_seq_id 
A 1 GLU A 30 ? PHE A 34  ? GLU A 30 PHE A 34  
A 2 THR A 6  ? VAL A 10  ? THR A 6  VAL A 10  
A 3 GLY A 50 ? ASP A 55  ? GLY A 50 ASP A 55  
A 4 ILE A 79 ? THR A 83  ? ILE A 79 THR A 83  
A 5 ALA A 99 ? PRO A 104 ? ALA A 99 PRO A 104 
# 
loop_
_pdbx_struct_sheet_hbond.sheet_id 
_pdbx_struct_sheet_hbond.range_id_1 
_pdbx_struct_sheet_hbond.range_id_2 
_pdbx_struct_sheet_hbond.range_1_label_atom_id 
_pdbx_struct_sheet_hbond.range_1_label_comp_id 
_pdbx_struct_sheet_hbond.range_1_label_asym_id 
_pdbx_struct_sheet_hbond.range_1_label_seq_id 
_pdbx_struct_sheet_hbond.range_1_PDB_ins_code 
_pdbx_struct_sheet_hbond.range_1_auth_atom_id 
_pdbx_struct_sheet_hbond.range_1_auth_comp_id 
_pdbx_struct_sheet_hbond.range_1_auth_asym_id 
_pdbx_struct_sheet_hbond.range_1_auth_seq_id 
_pdbx_struct_sheet_hbond.range_2_label_atom_id 
_pdbx_struct_sheet_hbond.range_2_label_comp_id 
_pdbx_struct_sheet_hbond.range_2_label_asym_id 
_pdbx_struct_sheet_hbond.range_2_label_seq_id 
_pdbx_struct_sheet_hbond.range_2_PDB_ins_code 
_pdbx_struct_sheet_hbond.range_2_auth_atom_id 
_pdbx_struct_sheet_hbond.range_2_auth_comp_id 
_pdbx_struct_sheet_hbond.range_2_auth_asym_id 
_pdbx_struct_sheet_hbond.range_2_auth_seq_id 
A 1 2 O GLU A 32 ? O GLU A 32 N VAL A 9   ? N VAL A 9   
A 2 3 N PHE A 8  ? N PHE A 8  O VAL A 53  ? O VAL A 53  
A 3 4 N LEU A 54 ? N LEU A 54 O VAL A 80  ? O VAL A 80  
A 4 5 N ILE A 79 ? N ILE A 79 O ILE A 100 ? O ILE A 100 
# 
loop_
_struct_site.id 
_struct_site.pdbx_evidence_code 
_struct_site.pdbx_auth_asym_id 
_struct_site.pdbx_auth_comp_id 
_struct_site.pdbx_auth_seq_id 
_struct_site.pdbx_auth_ins_code 
_struct_site.pdbx_num_residues 
_struct_site.details 
AC1 Software A HG 209 ? 5 'BINDING SITE FOR RESIDUE HG A 209' 
AC2 Software A HG 210 ? 2 'BINDING SITE FOR RESIDUE HG A 210' 
AC3 Software A HG 211 ? 3 'BINDING SITE FOR RESIDUE HG A 211' 
AC4 Software A MG 212 ? 6 'BINDING SITE FOR RESIDUE MG A 212' 
# 
loop_
_struct_site_gen.id 
_struct_site_gen.site_id 
_struct_site_gen.pdbx_num_res 
_struct_site_gen.label_comp_id 
_struct_site_gen.label_asym_id 
_struct_site_gen.label_seq_id 
_struct_site_gen.pdbx_auth_ins_code 
_struct_site_gen.auth_comp_id 
_struct_site_gen.auth_asym_id 
_struct_site_gen.auth_seq_id 
_struct_site_gen.label_atom_id 
_struct_site_gen.label_alt_id 
_struct_site_gen.symmetry 
_struct_site_gen.details 
1  AC1 5 ASP A 35  ? ASP A 35  . ? 1_555 ? 
2  AC1 5 CYS A 36  ? CYS A 36  . ? 1_555 ? 
3  AC1 5 ALA A 37  ? ALA A 37  . ? 1_555 ? 
4  AC1 5 SER A 38  ? SER A 38  . ? 1_555 ? 
5  AC1 5 THR A 39  ? THR A 39  . ? 1_555 ? 
6  AC2 2 HIS A 43  ? HIS A 43  . ? 1_555 ? 
7  AC2 2 HOH F .   ? HOH A 282 . ? 1_555 ? 
8  AC3 3 GLY A 50  ? GLY A 50  . ? 1_555 ? 
9  AC3 3 CYS A 51  ? CYS A 51  . ? 1_555 ? 
10 AC3 3 LEU A 120 ? LEU A 120 . ? 1_555 ? 
11 AC4 6 ASP A 12  ? ASP A 12  . ? 1_555 ? 
12 AC4 6 ASP A 55  ? ASP A 55  . ? 1_555 ? 
13 AC4 6 ARG A 57  ? ARG A 57  . ? 1_555 ? 
14 AC4 6 HOH F .   ? HOH A 217 . ? 1_555 ? 
15 AC4 6 HOH F .   ? HOH A 218 . ? 1_555 ? 
16 AC4 6 HOH F .   ? HOH A 219 . ? 1_555 ? 
# 
loop_
_pdbx_validate_torsion.id 
_pdbx_validate_torsion.PDB_model_num 
_pdbx_validate_torsion.auth_comp_id 
_pdbx_validate_torsion.auth_asym_id 
_pdbx_validate_torsion.auth_seq_id 
_pdbx_validate_torsion.PDB_ins_code 
_pdbx_validate_torsion.label_alt_id 
_pdbx_validate_torsion.phi 
_pdbx_validate_torsion.psi 
1 1 SER A 26 ? A -67.35 7.92  
2 1 SER A 26 ? B -65.69 3.56  
3 1 ALA A 97 ? ? -85.52 46.59 
# 
loop_
_pdbx_unobs_or_zero_occ_residues.id 
_pdbx_unobs_or_zero_occ_residues.PDB_model_num 
_pdbx_unobs_or_zero_occ_residues.polymer_flag 
_pdbx_unobs_or_zero_occ_residues.occupancy_flag 
_pdbx_unobs_or_zero_occ_residues.auth_asym_id 
_pdbx_unobs_or_zero_occ_residues.auth_comp_id 
_pdbx_unobs_or_zero_occ_residues.auth_seq_id 
_pdbx_unobs_or_zero_occ_residues.PDB_ins_code 
_pdbx_unobs_or_zero_occ_residues.label_asym_id 
_pdbx_unobs_or_zero_occ_residues.label_comp_id 
_pdbx_unobs_or_zero_occ_residues.label_seq_id 
1  1 Y 1 A MET 1   ? A MET 1   
2  1 Y 1 A THR 2   ? A THR 2   
3  1 Y 1 A GLU 201 ? A GLU 201 
4  1 Y 1 A SER 202 ? A SER 202 
5  1 Y 1 A PHE 203 ? A PHE 203 
6  1 Y 1 A GLU 204 ? A GLU 204 
7  1 Y 1 A ARG 205 ? A ARG 205 
8  1 Y 1 A GLY 206 ? A GLY 206 
9  1 Y 1 A VAL 207 ? A VAL 207 
10 1 Y 1 A SER 208 ? A SER 208 
# 
loop_
_chem_comp_atom.comp_id 
_chem_comp_atom.atom_id 
_chem_comp_atom.type_symbol 
_chem_comp_atom.pdbx_aromatic_flag 
_chem_comp_atom.pdbx_stereo_config 
_chem_comp_atom.pdbx_ordinal 
ALA N    N  N N 1   
ALA CA   C  N S 2   
ALA C    C  N N 3   
ALA O    O  N N 4   
ALA CB   C  N N 5   
ALA OXT  O  N N 6   
ALA H    H  N N 7   
ALA H2   H  N N 8   
ALA HA   H  N N 9   
ALA HB1  H  N N 10  
ALA HB2  H  N N 11  
ALA HB3  H  N N 12  
ALA HXT  H  N N 13  
ARG N    N  N N 14  
ARG CA   C  N S 15  
ARG C    C  N N 16  
ARG O    O  N N 17  
ARG CB   C  N N 18  
ARG CG   C  N N 19  
ARG CD   C  N N 20  
ARG NE   N  N N 21  
ARG CZ   C  N N 22  
ARG NH1  N  N N 23  
ARG NH2  N  N N 24  
ARG OXT  O  N N 25  
ARG H    H  N N 26  
ARG H2   H  N N 27  
ARG HA   H  N N 28  
ARG HB2  H  N N 29  
ARG HB3  H  N N 30  
ARG HG2  H  N N 31  
ARG HG3  H  N N 32  
ARG HD2  H  N N 33  
ARG HD3  H  N N 34  
ARG HE   H  N N 35  
ARG HH11 H  N N 36  
ARG HH12 H  N N 37  
ARG HH21 H  N N 38  
ARG HH22 H  N N 39  
ARG HXT  H  N N 40  
ASN N    N  N N 41  
ASN CA   C  N S 42  
ASN C    C  N N 43  
ASN O    O  N N 44  
ASN CB   C  N N 45  
ASN CG   C  N N 46  
ASN OD1  O  N N 47  
ASN ND2  N  N N 48  
ASN OXT  O  N N 49  
ASN H    H  N N 50  
ASN H2   H  N N 51  
ASN HA   H  N N 52  
ASN HB2  H  N N 53  
ASN HB3  H  N N 54  
ASN HD21 H  N N 55  
ASN HD22 H  N N 56  
ASN HXT  H  N N 57  
ASP N    N  N N 58  
ASP CA   C  N S 59  
ASP C    C  N N 60  
ASP O    O  N N 61  
ASP CB   C  N N 62  
ASP CG   C  N N 63  
ASP OD1  O  N N 64  
ASP OD2  O  N N 65  
ASP OXT  O  N N 66  
ASP H    H  N N 67  
ASP H2   H  N N 68  
ASP HA   H  N N 69  
ASP HB2  H  N N 70  
ASP HB3  H  N N 71  
ASP HD2  H  N N 72  
ASP HXT  H  N N 73  
CYS N    N  N N 74  
CYS CA   C  N R 75  
CYS C    C  N N 76  
CYS O    O  N N 77  
CYS CB   C  N N 78  
CYS SG   S  N N 79  
CYS OXT  O  N N 80  
CYS H    H  N N 81  
CYS H2   H  N N 82  
CYS HA   H  N N 83  
CYS HB2  H  N N 84  
CYS HB3  H  N N 85  
CYS HG   H  N N 86  
CYS HXT  H  N N 87  
GLN N    N  N N 88  
GLN CA   C  N S 89  
GLN C    C  N N 90  
GLN O    O  N N 91  
GLN CB   C  N N 92  
GLN CG   C  N N 93  
GLN CD   C  N N 94  
GLN OE1  O  N N 95  
GLN NE2  N  N N 96  
GLN OXT  O  N N 97  
GLN H    H  N N 98  
GLN H2   H  N N 99  
GLN HA   H  N N 100 
GLN HB2  H  N N 101 
GLN HB3  H  N N 102 
GLN HG2  H  N N 103 
GLN HG3  H  N N 104 
GLN HE21 H  N N 105 
GLN HE22 H  N N 106 
GLN HXT  H  N N 107 
GLU N    N  N N 108 
GLU CA   C  N S 109 
GLU C    C  N N 110 
GLU O    O  N N 111 
GLU CB   C  N N 112 
GLU CG   C  N N 113 
GLU CD   C  N N 114 
GLU OE1  O  N N 115 
GLU OE2  O  N N 116 
GLU OXT  O  N N 117 
GLU H    H  N N 118 
GLU H2   H  N N 119 
GLU HA   H  N N 120 
GLU HB2  H  N N 121 
GLU HB3  H  N N 122 
GLU HG2  H  N N 123 
GLU HG3  H  N N 124 
GLU HE2  H  N N 125 
GLU HXT  H  N N 126 
GLY N    N  N N 127 
GLY CA   C  N N 128 
GLY C    C  N N 129 
GLY O    O  N N 130 
GLY OXT  O  N N 131 
GLY H    H  N N 132 
GLY H2   H  N N 133 
GLY HA2  H  N N 134 
GLY HA3  H  N N 135 
GLY HXT  H  N N 136 
HG  HG   HG N N 137 
HIS N    N  N N 138 
HIS CA   C  N S 139 
HIS C    C  N N 140 
HIS O    O  N N 141 
HIS CB   C  N N 142 
HIS CG   C  Y N 143 
HIS ND1  N  Y N 144 
HIS CD2  C  Y N 145 
HIS CE1  C  Y N 146 
HIS NE2  N  Y N 147 
HIS OXT  O  N N 148 
HIS H    H  N N 149 
HIS H2   H  N N 150 
HIS HA   H  N N 151 
HIS HB2  H  N N 152 
HIS HB3  H  N N 153 
HIS HD1  H  N N 154 
HIS HD2  H  N N 155 
HIS HE1  H  N N 156 
HIS HE2  H  N N 157 
HIS HXT  H  N N 158 
HOH O    O  N N 159 
HOH H1   H  N N 160 
HOH H2   H  N N 161 
ILE N    N  N N 162 
ILE CA   C  N S 163 
ILE C    C  N N 164 
ILE O    O  N N 165 
ILE CB   C  N S 166 
ILE CG1  C  N N 167 
ILE CG2  C  N N 168 
ILE CD1  C  N N 169 
ILE OXT  O  N N 170 
ILE H    H  N N 171 
ILE H2   H  N N 172 
ILE HA   H  N N 173 
ILE HB   H  N N 174 
ILE HG12 H  N N 175 
ILE HG13 H  N N 176 
ILE HG21 H  N N 177 
ILE HG22 H  N N 178 
ILE HG23 H  N N 179 
ILE HD11 H  N N 180 
ILE HD12 H  N N 181 
ILE HD13 H  N N 182 
ILE HXT  H  N N 183 
LEU N    N  N N 184 
LEU CA   C  N S 185 
LEU C    C  N N 186 
LEU O    O  N N 187 
LEU CB   C  N N 188 
LEU CG   C  N N 189 
LEU CD1  C  N N 190 
LEU CD2  C  N N 191 
LEU OXT  O  N N 192 
LEU H    H  N N 193 
LEU H2   H  N N 194 
LEU HA   H  N N 195 
LEU HB2  H  N N 196 
LEU HB3  H  N N 197 
LEU HG   H  N N 198 
LEU HD11 H  N N 199 
LEU HD12 H  N N 200 
LEU HD13 H  N N 201 
LEU HD21 H  N N 202 
LEU HD22 H  N N 203 
LEU HD23 H  N N 204 
LEU HXT  H  N N 205 
LYS N    N  N N 206 
LYS CA   C  N S 207 
LYS C    C  N N 208 
LYS O    O  N N 209 
LYS CB   C  N N 210 
LYS CG   C  N N 211 
LYS CD   C  N N 212 
LYS CE   C  N N 213 
LYS NZ   N  N N 214 
LYS OXT  O  N N 215 
LYS H    H  N N 216 
LYS H2   H  N N 217 
LYS HA   H  N N 218 
LYS HB2  H  N N 219 
LYS HB3  H  N N 220 
LYS HG2  H  N N 221 
LYS HG3  H  N N 222 
LYS HD2  H  N N 223 
LYS HD3  H  N N 224 
LYS HE2  H  N N 225 
LYS HE3  H  N N 226 
LYS HZ1  H  N N 227 
LYS HZ2  H  N N 228 
LYS HZ3  H  N N 229 
LYS HXT  H  N N 230 
MET N    N  N N 231 
MET CA   C  N S 232 
MET C    C  N N 233 
MET O    O  N N 234 
MET CB   C  N N 235 
MET CG   C  N N 236 
MET SD   S  N N 237 
MET CE   C  N N 238 
MET OXT  O  N N 239 
MET H    H  N N 240 
MET H2   H  N N 241 
MET HA   H  N N 242 
MET HB2  H  N N 243 
MET HB3  H  N N 244 
MET HG2  H  N N 245 
MET HG3  H  N N 246 
MET HE1  H  N N 247 
MET HE2  H  N N 248 
MET HE3  H  N N 249 
MET HXT  H  N N 250 
MG  MG   MG N N 251 
PHE N    N  N N 252 
PHE CA   C  N S 253 
PHE C    C  N N 254 
PHE O    O  N N 255 
PHE CB   C  N N 256 
PHE CG   C  Y N 257 
PHE CD1  C  Y N 258 
PHE CD2  C  Y N 259 
PHE CE1  C  Y N 260 
PHE CE2  C  Y N 261 
PHE CZ   C  Y N 262 
PHE OXT  O  N N 263 
PHE H    H  N N 264 
PHE H2   H  N N 265 
PHE HA   H  N N 266 
PHE HB2  H  N N 267 
PHE HB3  H  N N 268 
PHE HD1  H  N N 269 
PHE HD2  H  N N 270 
PHE HE1  H  N N 271 
PHE HE2  H  N N 272 
PHE HZ   H  N N 273 
PHE HXT  H  N N 274 
PRO N    N  N N 275 
PRO CA   C  N S 276 
PRO C    C  N N 277 
PRO O    O  N N 278 
PRO CB   C  N N 279 
PRO CG   C  N N 280 
PRO CD   C  N N 281 
PRO OXT  O  N N 282 
PRO H    H  N N 283 
PRO HA   H  N N 284 
PRO HB2  H  N N 285 
PRO HB3  H  N N 286 
PRO HG2  H  N N 287 
PRO HG3  H  N N 288 
PRO HD2  H  N N 289 
PRO HD3  H  N N 290 
PRO HXT  H  N N 291 
SER N    N  N N 292 
SER CA   C  N S 293 
SER C    C  N N 294 
SER O    O  N N 295 
SER CB   C  N N 296 
SER OG   O  N N 297 
SER OXT  O  N N 298 
SER H    H  N N 299 
SER H2   H  N N 300 
SER HA   H  N N 301 
SER HB2  H  N N 302 
SER HB3  H  N N 303 
SER HG   H  N N 304 
SER HXT  H  N N 305 
THR N    N  N N 306 
THR CA   C  N S 307 
THR C    C  N N 308 
THR O    O  N N 309 
THR CB   C  N R 310 
THR OG1  O  N N 311 
THR CG2  C  N N 312 
THR OXT  O  N N 313 
THR H    H  N N 314 
THR H2   H  N N 315 
THR HA   H  N N 316 
THR HB   H  N N 317 
THR HG1  H  N N 318 
THR HG21 H  N N 319 
THR HG22 H  N N 320 
THR HG23 H  N N 321 
THR HXT  H  N N 322 
TYR N    N  N N 323 
TYR CA   C  N S 324 
TYR C    C  N N 325 
TYR O    O  N N 326 
TYR CB   C  N N 327 
TYR CG   C  Y N 328 
TYR CD1  C  Y N 329 
TYR CD2  C  Y N 330 
TYR CE1  C  Y N 331 
TYR CE2  C  Y N 332 
TYR CZ   C  Y N 333 
TYR OH   O  N N 334 
TYR OXT  O  N N 335 
TYR H    H  N N 336 
TYR H2   H  N N 337 
TYR HA   H  N N 338 
TYR HB2  H  N N 339 
TYR HB3  H  N N 340 
TYR HD1  H  N N 341 
TYR HD2  H  N N 342 
TYR HE1  H  N N 343 
TYR HE2  H  N N 344 
TYR HH   H  N N 345 
TYR HXT  H  N N 346 
VAL N    N  N N 347 
VAL CA   C  N S 348 
VAL C    C  N N 349 
VAL O    O  N N 350 
VAL CB   C  N N 351 
VAL CG1  C  N N 352 
VAL CG2  C  N N 353 
VAL OXT  O  N N 354 
VAL H    H  N N 355 
VAL H2   H  N N 356 
VAL HA   H  N N 357 
VAL HB   H  N N 358 
VAL HG11 H  N N 359 
VAL HG12 H  N N 360 
VAL HG13 H  N N 361 
VAL HG21 H  N N 362 
VAL HG22 H  N N 363 
VAL HG23 H  N N 364 
VAL HXT  H  N N 365 
# 
loop_
_chem_comp_bond.comp_id 
_chem_comp_bond.atom_id_1 
_chem_comp_bond.atom_id_2 
_chem_comp_bond.value_order 
_chem_comp_bond.pdbx_aromatic_flag 
_chem_comp_bond.pdbx_stereo_config 
_chem_comp_bond.pdbx_ordinal 
ALA N   CA   sing N N 1   
ALA N   H    sing N N 2   
ALA N   H2   sing N N 3   
ALA CA  C    sing N N 4   
ALA CA  CB   sing N N 5   
ALA CA  HA   sing N N 6   
ALA C   O    doub N N 7   
ALA C   OXT  sing N N 8   
ALA CB  HB1  sing N N 9   
ALA CB  HB2  sing N N 10  
ALA CB  HB3  sing N N 11  
ALA OXT HXT  sing N N 12  
ARG N   CA   sing N N 13  
ARG N   H    sing N N 14  
ARG N   H2   sing N N 15  
ARG CA  C    sing N N 16  
ARG CA  CB   sing N N 17  
ARG CA  HA   sing N N 18  
ARG C   O    doub N N 19  
ARG C   OXT  sing N N 20  
ARG CB  CG   sing N N 21  
ARG CB  HB2  sing N N 22  
ARG CB  HB3  sing N N 23  
ARG CG  CD   sing N N 24  
ARG CG  HG2  sing N N 25  
ARG CG  HG3  sing N N 26  
ARG CD  NE   sing N N 27  
ARG CD  HD2  sing N N 28  
ARG CD  HD3  sing N N 29  
ARG NE  CZ   sing N N 30  
ARG NE  HE   sing N N 31  
ARG CZ  NH1  sing N N 32  
ARG CZ  NH2  doub N N 33  
ARG NH1 HH11 sing N N 34  
ARG NH1 HH12 sing N N 35  
ARG NH2 HH21 sing N N 36  
ARG NH2 HH22 sing N N 37  
ARG OXT HXT  sing N N 38  
ASN N   CA   sing N N 39  
ASN N   H    sing N N 40  
ASN N   H2   sing N N 41  
ASN CA  C    sing N N 42  
ASN CA  CB   sing N N 43  
ASN CA  HA   sing N N 44  
ASN C   O    doub N N 45  
ASN C   OXT  sing N N 46  
ASN CB  CG   sing N N 47  
ASN CB  HB2  sing N N 48  
ASN CB  HB3  sing N N 49  
ASN CG  OD1  doub N N 50  
ASN CG  ND2  sing N N 51  
ASN ND2 HD21 sing N N 52  
ASN ND2 HD22 sing N N 53  
ASN OXT HXT  sing N N 54  
ASP N   CA   sing N N 55  
ASP N   H    sing N N 56  
ASP N   H2   sing N N 57  
ASP CA  C    sing N N 58  
ASP CA  CB   sing N N 59  
ASP CA  HA   sing N N 60  
ASP C   O    doub N N 61  
ASP C   OXT  sing N N 62  
ASP CB  CG   sing N N 63  
ASP CB  HB2  sing N N 64  
ASP CB  HB3  sing N N 65  
ASP CG  OD1  doub N N 66  
ASP CG  OD2  sing N N 67  
ASP OD2 HD2  sing N N 68  
ASP OXT HXT  sing N N 69  
CYS N   CA   sing N N 70  
CYS N   H    sing N N 71  
CYS N   H2   sing N N 72  
CYS CA  C    sing N N 73  
CYS CA  CB   sing N N 74  
CYS CA  HA   sing N N 75  
CYS C   O    doub N N 76  
CYS C   OXT  sing N N 77  
CYS CB  SG   sing N N 78  
CYS CB  HB2  sing N N 79  
CYS CB  HB3  sing N N 80  
CYS SG  HG   sing N N 81  
CYS OXT HXT  sing N N 82  
GLN N   CA   sing N N 83  
GLN N   H    sing N N 84  
GLN N   H2   sing N N 85  
GLN CA  C    sing N N 86  
GLN CA  CB   sing N N 87  
GLN CA  HA   sing N N 88  
GLN C   O    doub N N 89  
GLN C   OXT  sing N N 90  
GLN CB  CG   sing N N 91  
GLN CB  HB2  sing N N 92  
GLN CB  HB3  sing N N 93  
GLN CG  CD   sing N N 94  
GLN CG  HG2  sing N N 95  
GLN CG  HG3  sing N N 96  
GLN CD  OE1  doub N N 97  
GLN CD  NE2  sing N N 98  
GLN NE2 HE21 sing N N 99  
GLN NE2 HE22 sing N N 100 
GLN OXT HXT  sing N N 101 
GLU N   CA   sing N N 102 
GLU N   H    sing N N 103 
GLU N   H2   sing N N 104 
GLU CA  C    sing N N 105 
GLU CA  CB   sing N N 106 
GLU CA  HA   sing N N 107 
GLU C   O    doub N N 108 
GLU C   OXT  sing N N 109 
GLU CB  CG   sing N N 110 
GLU CB  HB2  sing N N 111 
GLU CB  HB3  sing N N 112 
GLU CG  CD   sing N N 113 
GLU CG  HG2  sing N N 114 
GLU CG  HG3  sing N N 115 
GLU CD  OE1  doub N N 116 
GLU CD  OE2  sing N N 117 
GLU OE2 HE2  sing N N 118 
GLU OXT HXT  sing N N 119 
GLY N   CA   sing N N 120 
GLY N   H    sing N N 121 
GLY N   H2   sing N N 122 
GLY CA  C    sing N N 123 
GLY CA  HA2  sing N N 124 
GLY CA  HA3  sing N N 125 
GLY C   O    doub N N 126 
GLY C   OXT  sing N N 127 
GLY OXT HXT  sing N N 128 
HIS N   CA   sing N N 129 
HIS N   H    sing N N 130 
HIS N   H2   sing N N 131 
HIS CA  C    sing N N 132 
HIS CA  CB   sing N N 133 
HIS CA  HA   sing N N 134 
HIS C   O    doub N N 135 
HIS C   OXT  sing N N 136 
HIS CB  CG   sing N N 137 
HIS CB  HB2  sing N N 138 
HIS CB  HB3  sing N N 139 
HIS CG  ND1  sing Y N 140 
HIS CG  CD2  doub Y N 141 
HIS ND1 CE1  doub Y N 142 
HIS ND1 HD1  sing N N 143 
HIS CD2 NE2  sing Y N 144 
HIS CD2 HD2  sing N N 145 
HIS CE1 NE2  sing Y N 146 
HIS CE1 HE1  sing N N 147 
HIS NE2 HE2  sing N N 148 
HIS OXT HXT  sing N N 149 
HOH O   H1   sing N N 150 
HOH O   H2   sing N N 151 
ILE N   CA   sing N N 152 
ILE N   H    sing N N 153 
ILE N   H2   sing N N 154 
ILE CA  C    sing N N 155 
ILE CA  CB   sing N N 156 
ILE CA  HA   sing N N 157 
ILE C   O    doub N N 158 
ILE C   OXT  sing N N 159 
ILE CB  CG1  sing N N 160 
ILE CB  CG2  sing N N 161 
ILE CB  HB   sing N N 162 
ILE CG1 CD1  sing N N 163 
ILE CG1 HG12 sing N N 164 
ILE CG1 HG13 sing N N 165 
ILE CG2 HG21 sing N N 166 
ILE CG2 HG22 sing N N 167 
ILE CG2 HG23 sing N N 168 
ILE CD1 HD11 sing N N 169 
ILE CD1 HD12 sing N N 170 
ILE CD1 HD13 sing N N 171 
ILE OXT HXT  sing N N 172 
LEU N   CA   sing N N 173 
LEU N   H    sing N N 174 
LEU N   H2   sing N N 175 
LEU CA  C    sing N N 176 
LEU CA  CB   sing N N 177 
LEU CA  HA   sing N N 178 
LEU C   O    doub N N 179 
LEU C   OXT  sing N N 180 
LEU CB  CG   sing N N 181 
LEU CB  HB2  sing N N 182 
LEU CB  HB3  sing N N 183 
LEU CG  CD1  sing N N 184 
LEU CG  CD2  sing N N 185 
LEU CG  HG   sing N N 186 
LEU CD1 HD11 sing N N 187 
LEU CD1 HD12 sing N N 188 
LEU CD1 HD13 sing N N 189 
LEU CD2 HD21 sing N N 190 
LEU CD2 HD22 sing N N 191 
LEU CD2 HD23 sing N N 192 
LEU OXT HXT  sing N N 193 
LYS N   CA   sing N N 194 
LYS N   H    sing N N 195 
LYS N   H2   sing N N 196 
LYS CA  C    sing N N 197 
LYS CA  CB   sing N N 198 
LYS CA  HA   sing N N 199 
LYS C   O    doub N N 200 
LYS C   OXT  sing N N 201 
LYS CB  CG   sing N N 202 
LYS CB  HB2  sing N N 203 
LYS CB  HB3  sing N N 204 
LYS CG  CD   sing N N 205 
LYS CG  HG2  sing N N 206 
LYS CG  HG3  sing N N 207 
LYS CD  CE   sing N N 208 
LYS CD  HD2  sing N N 209 
LYS CD  HD3  sing N N 210 
LYS CE  NZ   sing N N 211 
LYS CE  HE2  sing N N 212 
LYS CE  HE3  sing N N 213 
LYS NZ  HZ1  sing N N 214 
LYS NZ  HZ2  sing N N 215 
LYS NZ  HZ3  sing N N 216 
LYS OXT HXT  sing N N 217 
MET N   CA   sing N N 218 
MET N   H    sing N N 219 
MET N   H2   sing N N 220 
MET CA  C    sing N N 221 
MET CA  CB   sing N N 222 
MET CA  HA   sing N N 223 
MET C   O    doub N N 224 
MET C   OXT  sing N N 225 
MET CB  CG   sing N N 226 
MET CB  HB2  sing N N 227 
MET CB  HB3  sing N N 228 
MET CG  SD   sing N N 229 
MET CG  HG2  sing N N 230 
MET CG  HG3  sing N N 231 
MET SD  CE   sing N N 232 
MET CE  HE1  sing N N 233 
MET CE  HE2  sing N N 234 
MET CE  HE3  sing N N 235 
MET OXT HXT  sing N N 236 
PHE N   CA   sing N N 237 
PHE N   H    sing N N 238 
PHE N   H2   sing N N 239 
PHE CA  C    sing N N 240 
PHE CA  CB   sing N N 241 
PHE CA  HA   sing N N 242 
PHE C   O    doub N N 243 
PHE C   OXT  sing N N 244 
PHE CB  CG   sing N N 245 
PHE CB  HB2  sing N N 246 
PHE CB  HB3  sing N N 247 
PHE CG  CD1  doub Y N 248 
PHE CG  CD2  sing Y N 249 
PHE CD1 CE1  sing Y N 250 
PHE CD1 HD1  sing N N 251 
PHE CD2 CE2  doub Y N 252 
PHE CD2 HD2  sing N N 253 
PHE CE1 CZ   doub Y N 254 
PHE CE1 HE1  sing N N 255 
PHE CE2 CZ   sing Y N 256 
PHE CE2 HE2  sing N N 257 
PHE CZ  HZ   sing N N 258 
PHE OXT HXT  sing N N 259 
PRO N   CA   sing N N 260 
PRO N   CD   sing N N 261 
PRO N   H    sing N N 262 
PRO CA  C    sing N N 263 
PRO CA  CB   sing N N 264 
PRO CA  HA   sing N N 265 
PRO C   O    doub N N 266 
PRO C   OXT  sing N N 267 
PRO CB  CG   sing N N 268 
PRO CB  HB2  sing N N 269 
PRO CB  HB3  sing N N 270 
PRO CG  CD   sing N N 271 
PRO CG  HG2  sing N N 272 
PRO CG  HG3  sing N N 273 
PRO CD  HD2  sing N N 274 
PRO CD  HD3  sing N N 275 
PRO OXT HXT  sing N N 276 
SER N   CA   sing N N 277 
SER N   H    sing N N 278 
SER N   H2   sing N N 279 
SER CA  C    sing N N 280 
SER CA  CB   sing N N 281 
SER CA  HA   sing N N 282 
SER C   O    doub N N 283 
SER C   OXT  sing N N 284 
SER CB  OG   sing N N 285 
SER CB  HB2  sing N N 286 
SER CB  HB3  sing N N 287 
SER OG  HG   sing N N 288 
SER OXT HXT  sing N N 289 
THR N   CA   sing N N 290 
THR N   H    sing N N 291 
THR N   H2   sing N N 292 
THR CA  C    sing N N 293 
THR CA  CB   sing N N 294 
THR CA  HA   sing N N 295 
THR C   O    doub N N 296 
THR C   OXT  sing N N 297 
THR CB  OG1  sing N N 298 
THR CB  CG2  sing N N 299 
THR CB  HB   sing N N 300 
THR OG1 HG1  sing N N 301 
THR CG2 HG21 sing N N 302 
THR CG2 HG22 sing N N 303 
THR CG2 HG23 sing N N 304 
THR OXT HXT  sing N N 305 
TYR N   CA   sing N N 306 
TYR N   H    sing N N 307 
TYR N   H2   sing N N 308 
TYR CA  C    sing N N 309 
TYR CA  CB   sing N N 310 
TYR CA  HA   sing N N 311 
TYR C   O    doub N N 312 
TYR C   OXT  sing N N 313 
TYR CB  CG   sing N N 314 
TYR CB  HB2  sing N N 315 
TYR CB  HB3  sing N N 316 
TYR CG  CD1  doub Y N 317 
TYR CG  CD2  sing Y N 318 
TYR CD1 CE1  sing Y N 319 
TYR CD1 HD1  sing N N 320 
TYR CD2 CE2  doub Y N 321 
TYR CD2 HD2  sing N N 322 
TYR CE1 CZ   doub Y N 323 
TYR CE1 HE1  sing N N 324 
TYR CE2 CZ   sing Y N 325 
TYR CE2 HE2  sing N N 326 
TYR CZ  OH   sing N N 327 
TYR OH  HH   sing N N 328 
TYR OXT HXT  sing N N 329 
VAL N   CA   sing N N 330 
VAL N   H    sing N N 331 
VAL N   H2   sing N N 332 
VAL CA  C    sing N N 333 
VAL CA  CB   sing N N 334 
VAL CA  HA   sing N N 335 
VAL C   O    doub N N 336 
VAL C   OXT  sing N N 337 
VAL CB  CG1  sing N N 338 
VAL CB  CG2  sing N N 339 
VAL CB  HB   sing N N 340 
VAL CG1 HG11 sing N N 341 
VAL CG1 HG12 sing N N 342 
VAL CG1 HG13 sing N N 343 
VAL CG2 HG21 sing N N 344 
VAL CG2 HG22 sing N N 345 
VAL CG2 HG23 sing N N 346 
VAL OXT HXT  sing N N 347 
# 
_atom_sites.entry_id                    1YIO 
_atom_sites.fract_transf_matrix[1][1]   -0.01632002 
_atom_sites.fract_transf_matrix[1][2]   -0.01723144 
_atom_sites.fract_transf_matrix[1][3]   -0.00642258 
_atom_sites.fract_transf_matrix[2][1]   -0.00257959 
_atom_sites.fract_transf_matrix[2][2]   0.01185961 
_atom_sites.fract_transf_matrix[2][3]   -0.02526389 
_atom_sites.fract_transf_matrix[3][1]   0.00859959 
_atom_sites.fract_transf_matrix[3][2]   -0.00930102 
_atom_sites.fract_transf_matrix[3][3]   -0.00524424 
_atom_sites.fract_transf_vector[1]      -0.090804 
_atom_sites.fract_transf_vector[2]      0.297001 
_atom_sites.fract_transf_vector[3]      0.160243 
# 
loop_
_atom_type.symbol 
C  
HG 
MG 
N  
O  
S  
# 
loop_
_atom_site.group_PDB 
_atom_site.id 
_atom_site.type_symbol 
_atom_site.label_atom_id 
_atom_site.label_alt_id 
_atom_site.label_comp_id 
_atom_site.label_asym_id 
_atom_site.label_entity_id 
_atom_site.label_seq_id 
_atom_site.pdbx_PDB_ins_code 
_atom_site.Cartn_x 
_atom_site.Cartn_y 
_atom_site.Cartn_z 
_atom_site.occupancy 
_atom_site.B_iso_or_equiv 
_atom_site.pdbx_formal_charge 
_atom_site.auth_seq_id 
_atom_site.auth_comp_id 
_atom_site.auth_asym_id 
_atom_site.auth_atom_id 
_atom_site.pdbx_PDB_model_num 
ATOM   1    N  N   . ALA A 1 3   ? 1.224   2.236   -11.556 1.00 55.92 ? 3   ALA A N   1 
ATOM   2    C  CA  . ALA A 1 3   ? 2.326   1.518   -12.255 1.00 57.38 ? 3   ALA A CA  1 
ATOM   3    C  C   . ALA A 1 3   ? 1.830   0.209   -12.893 1.00 55.66 ? 3   ALA A C   1 
ATOM   4    O  O   . ALA A 1 3   ? 0.687   -0.203  -12.677 1.00 57.35 ? 3   ALA A O   1 
ATOM   5    C  CB  . ALA A 1 3   ? 3.489   1.261   -11.283 1.00 56.70 ? 3   ALA A CB  1 
ATOM   6    N  N   . LYS A 1 4   ? 2.691   -0.422  -13.690 1.00 53.63 ? 4   LYS A N   1 
ATOM   7    C  CA  . LYS A 1 4   ? 2.402   -1.714  -14.317 1.00 50.36 ? 4   LYS A CA  1 
ATOM   8    C  C   . LYS A 1 4   ? 2.186   -2.793  -13.259 1.00 45.40 ? 4   LYS A C   1 
ATOM   9    O  O   . LYS A 1 4   ? 2.971   -2.903  -12.325 1.00 44.77 ? 4   LYS A O   1 
ATOM   10   C  CB  . LYS A 1 4   ? 3.570   -2.160  -15.202 1.00 48.52 ? 4   LYS A CB  1 
ATOM   11   C  CG  . LYS A 1 4   ? 3.929   -1.244  -16.364 1.00 52.36 ? 4   LYS A CG  1 
ATOM   12   C  CD  . LYS A 1 4   ? 4.957   -1.933  -17.281 1.00 51.54 ? 4   LYS A CD  1 
ATOM   13   C  CE  . LYS A 1 4   ? 5.506   -0.988  -18.334 1.00 52.37 ? 4   LYS A CE  1 
ATOM   14   N  NZ  . LYS A 1 4   ? 6.890   -1.380  -18.744 1.00 49.99 ? 4   LYS A NZ  1 
ATOM   15   N  N   . PRO A 1 5   ? 1.122   -3.595  -13.402 1.00 43.45 ? 5   PRO A N   1 
ATOM   16   C  CA  . PRO A 1 5   ? 0.981   -4.797  -12.567 1.00 41.83 ? 5   PRO A CA  1 
ATOM   17   C  C   . PRO A 1 5   ? 2.139   -5.785  -12.791 1.00 40.50 ? 5   PRO A C   1 
ATOM   18   O  O   . PRO A 1 5   ? 2.284   -6.343  -13.874 1.00 40.82 ? 5   PRO A O   1 
ATOM   19   C  CB  . PRO A 1 5   ? -0.354  -5.408  -13.027 1.00 42.14 ? 5   PRO A CB  1 
ATOM   20   C  CG  . PRO A 1 5   ? -0.679  -4.739  -14.326 1.00 43.50 ? 5   PRO A CG  1 
ATOM   21   C  CD  . PRO A 1 5   ? -0.018  -3.402  -14.316 1.00 41.25 ? 5   PRO A CD  1 
ATOM   22   N  N   . THR A 1 6   ? 2.956   -5.981  -11.759 1.00 37.28 ? 6   THR A N   1 
ATOM   23   C  CA  . THR A 1 6   ? 4.120   -6.848  -11.847 1.00 31.97 ? 6   THR A CA  1 
ATOM   24   C  C   . THR A 1 6   ? 3.956   -7.995  -10.856 1.00 28.37 ? 6   THR A C   1 
ATOM   25   O  O   . THR A 1 6   ? 3.635   -7.784  -9.688  1.00 26.35 ? 6   THR A O   1 
ATOM   26   C  CB  . THR A 1 6   ? 5.434   -6.053  -11.591 1.00 32.85 ? 6   THR A CB  1 
ATOM   27   O  OG1 . THR A 1 6   ? 5.505   -4.960  -12.517 1.00 36.56 ? 6   THR A OG1 1 
ATOM   28   C  CG2 . THR A 1 6   ? 6.682   -6.936  -11.773 1.00 29.78 ? 6   THR A CG2 1 
ATOM   29   N  N   . VAL A 1 7   ? 4.137   -9.213  -11.341 1.00 23.42 ? 7   VAL A N   1 
ATOM   30   C  CA  . VAL A 1 7   ? 4.173   -10.358 -10.455 1.00 16.68 ? 7   VAL A CA  1 
ATOM   31   C  C   . VAL A 1 7   ? 5.617   -10.690 -10.231 1.00 21.19 ? 7   VAL A C   1 
ATOM   32   O  O   . VAL A 1 7   ? 6.367   -10.887 -11.190 1.00 19.13 ? 7   VAL A O   1 
ATOM   33   C  CB  . VAL A 1 7   ? 3.311   -11.509 -10.994 1.00 19.64 ? 7   VAL A CB  1 
ATOM   34   C  CG1 . VAL A 1 7   ? 3.325   -12.722 -10.062 1.00 18.52 ? 7   VAL A CG1 1 
ATOM   35   C  CG2 . VAL A 1 7   ? 1.870   -10.991 -11.192 1.00 16.83 ? 7   VAL A CG2 1 
ATOM   36   N  N   . PHE A 1 8   ? 6.024   -10.670 -8.955  1.00 15.96 ? 8   PHE A N   1 
ATOM   37   C  CA  . PHE A 1 8   ? 7.374   -11.072 -8.563  1.00 20.80 ? 8   PHE A CA  1 
ATOM   38   C  C   . PHE A 1 8   ? 7.328   -12.549 -8.180  1.00 22.08 ? 8   PHE A C   1 
ATOM   39   O  O   . PHE A 1 8   ? 6.518   -12.954 -7.360  1.00 23.28 ? 8   PHE A O   1 
ATOM   40   C  CB  . PHE A 1 8   ? 7.904   -10.198 -7.407  1.00 19.76 ? 8   PHE A CB  1 
ATOM   41   C  CG  . PHE A 1 8   ? 7.992   -8.713  -7.757  1.00 21.13 ? 8   PHE A CG  1 
ATOM   42   C  CD1 . PHE A 1 8   ? 6.899   -7.866  -7.548  1.00 20.75 ? 8   PHE A CD1 1 
ATOM   43   C  CD2 . PHE A 1 8   ? 9.151   -8.179  -8.328  1.00 22.02 ? 8   PHE A CD2 1 
ATOM   44   C  CE1 . PHE A 1 8   ? 6.955   -6.491  -7.886  1.00 20.30 ? 8   PHE A CE1 1 
ATOM   45   C  CE2 . PHE A 1 8   ? 9.213   -6.800  -8.668  1.00 25.90 ? 8   PHE A CE2 1 
ATOM   46   C  CZ  . PHE A 1 8   ? 8.096   -5.968  -8.444  1.00 21.11 ? 8   PHE A CZ  1 
ATOM   47   N  N   . VAL A 1 9   ? 8.178   -13.354 -8.796  1.00 19.51 ? 9   VAL A N   1 
ATOM   48   C  CA  . VAL A 1 9   ? 8.183   -14.794 -8.525  1.00 18.08 ? 9   VAL A CA  1 
ATOM   49   C  C   . VAL A 1 9   ? 9.477   -15.131 -7.825  1.00 20.96 ? 9   VAL A C   1 
ATOM   50   O  O   . VAL A 1 9   ? 10.567  -14.932 -8.378  1.00 20.25 ? 9   VAL A O   1 
ATOM   51   C  CB  . VAL A 1 9   ? 8.055   -15.632 -9.821  1.00 16.17 ? 9   VAL A CB  1 
ATOM   52   C  CG1 . VAL A 1 9   ? 8.362   -17.128 -9.560  1.00 17.84 ? 9   VAL A CG1 1 
ATOM   53   C  CG2 . VAL A 1 9   ? 6.661   -15.444 -10.471 1.00 15.06 ? 9   VAL A CG2 1 
ATOM   54   N  N   . VAL A 1 10  ? 9.379   -15.640 -6.598  1.00 17.66 ? 10  VAL A N   1 
ATOM   55   C  CA  . VAL A 1 10  ? 10.599  -15.989 -5.903  1.00 14.34 ? 10  VAL A CA  1 
ATOM   56   C  C   . VAL A 1 10  ? 10.605  -17.471 -5.586  1.00 16.71 ? 10  VAL A C   1 
ATOM   57   O  O   . VAL A 1 10  ? 9.842   -17.921 -4.742  1.00 19.05 ? 10  VAL A O   1 
ATOM   58   C  CB  . VAL A 1 10  ? 10.803  -15.137 -4.649  1.00 18.84 ? 10  VAL A CB  1 
ATOM   59   C  CG1 . VAL A 1 10  ? 12.131  -15.498 -3.941  1.00 19.05 ? 10  VAL A CG1 1 
ATOM   60   C  CG2 . VAL A 1 10  ? 10.749  -13.657 -5.024  1.00 15.32 ? 10  VAL A CG2 1 
ATOM   61   N  N   . ASP A 1 11  ? 11.488  -18.209 -6.263  1.00 15.31 ? 11  ASP A N   1 
ATOM   62   C  CA  . ASP A 1 11  ? 11.583  -19.665 -6.153  1.00 14.50 ? 11  ASP A CA  1 
ATOM   63   C  C   . ASP A 1 11  ? 12.912  -20.087 -6.752  1.00 16.25 ? 11  ASP A C   1 
ATOM   64   O  O   . ASP A 1 11  ? 13.259  -19.642 -7.840  1.00 15.14 ? 11  ASP A O   1 
ATOM   65   C  CB  . ASP A 1 11  ? 10.428  -20.319 -6.936  1.00 13.40 ? 11  ASP A CB  1 
ATOM   66   C  CG  . ASP A 1 11  ? 10.223  -21.792 -6.592  1.00 16.90 ? 11  ASP A CG  1 
ATOM   67   O  OD1 . ASP A 1 11  ? 11.162  -22.610 -6.668  1.00 18.83 ? 11  ASP A OD1 1 
ATOM   68   O  OD2 . ASP A 1 11  ? 9.079   -22.154 -6.276  1.00 20.74 ? 11  ASP A OD2 1 
ATOM   69   N  N   . ASP A 1 12  ? 13.664  -20.951 -6.060  1.00 15.50 ? 12  ASP A N   1 
ATOM   70   C  CA  . ASP A 1 12  ? 14.990  -21.385 -6.548  1.00 16.05 ? 12  ASP A CA  1 
ATOM   71   C  C   . ASP A 1 12  ? 14.945  -22.275 -7.817  1.00 18.34 ? 12  ASP A C   1 
ATOM   72   O  O   . ASP A 1 12  ? 15.944  -22.393 -8.547  1.00 18.20 ? 12  ASP A O   1 
ATOM   73   C  CB  . ASP A 1 12  ? 15.785  -22.107 -5.442  1.00 18.89 ? 12  ASP A CB  1 
ATOM   74   C  CG  . ASP A 1 12  ? 14.939  -23.124 -4.675  1.00 21.23 ? 12  ASP A CG  1 
ATOM   75   O  OD1 . ASP A 1 12  ? 15.318  -24.304 -4.635  1.00 22.06 ? 12  ASP A OD1 1 
ATOM   76   O  OD2 . ASP A 1 12  ? 13.872  -22.759 -4.114  1.00 20.58 ? 12  ASP A OD2 1 
ATOM   77   N  N   . ASP A 1 13  ? 13.797  -22.891 -8.070  1.00 16.17 ? 13  ASP A N   1 
ATOM   78   C  CA  . ASP A 1 13  ? 13.683  -23.924 -9.100  1.00 16.18 ? 13  ASP A CA  1 
ATOM   79   C  C   . ASP A 1 13  ? 13.392  -23.282 -10.447 1.00 19.08 ? 13  ASP A C   1 
ATOM   80   O  O   . ASP A 1 13  ? 12.436  -22.504 -10.583 1.00 12.06 ? 13  ASP A O   1 
ATOM   81   C  CB  . ASP A 1 13  ? 12.574  -24.916 -8.711  1.00 27.60 ? 13  ASP A CB  1 
ATOM   82   C  CG  . ASP A 1 13  ? 12.185  -25.861 -9.849  1.00 33.24 ? 13  ASP A CG  1 
ATOM   83   O  OD1 . ASP A 1 13  ? 13.071  -26.345 -10.580 1.00 38.18 ? 13  ASP A OD1 1 
ATOM   84   O  OD2 . ASP A 1 13  ? 10.979  -26.143 -10.016 1.00 40.62 ? 13  ASP A OD2 1 
ATOM   85   N  N   . MET A 1 14  ? 14.211  -23.623 -11.432 1.00 15.71 ? 14  MET A N   1 
ATOM   86   C  CA  . MET A 1 14  ? 14.113  -23.058 -12.771 1.00 24.20 ? 14  MET A CA  1 
ATOM   87   C  C   . MET A 1 14  ? 12.778  -23.304 -13.477 1.00 22.59 ? 14  MET A C   1 
ATOM   88   O  O   . MET A 1 14  ? 12.270  -22.417 -14.163 1.00 21.45 ? 14  MET A O   1 
ATOM   89   C  CB  . MET A 1 14  ? 15.284  -23.549 -13.631 1.00 23.97 ? 14  MET A CB  1 
ATOM   90   C  CG  . MET A 1 14  ? 15.433  -22.801 -14.949 1.00 26.22 ? 14  MET A CG  1 
ATOM   91   S  SD  . MET A 1 14  ? 16.164  -23.890 -16.206 1.00 30.23 ? 14  MET A SD  1 
ATOM   92   C  CE  . MET A 1 14  ? 14.726  -24.896 -16.562 1.00 30.03 ? 14  MET A CE  1 
ATOM   93   N  N   . SER A 1 15  ? 12.219  -24.501 -13.319 1.00 20.87 ? 15  SER A N   1 
ATOM   94   C  CA  . SER A 1 15  ? 10.930  -24.853 -13.955 1.00 18.77 ? 15  SER A CA  1 
ATOM   95   C  C   . SER A 1 15  ? 9.805   -24.014 -13.405 1.00 21.46 ? 15  SER A C   1 
ATOM   96   O  O   . SER A 1 15  ? 8.883   -23.621 -14.126 1.00 20.45 ? 15  SER A O   1 
ATOM   97   C  CB  . SER A 1 15  ? 10.602  -26.328 -13.690 1.00 25.94 ? 15  SER A CB  1 
ATOM   98   O  OG  . SER A 1 15  ? 11.635  -27.170 -14.173 1.00 28.19 ? 15  SER A OG  1 
ATOM   99   N  N   . VAL A 1 16  ? 9.869   -23.729 -12.108 1.00 18.97 ? 16  VAL A N   1 
ATOM   100  C  CA  . VAL A 1 16  ? 8.866   -22.860 -11.514 1.00 20.71 ? 16  VAL A CA  1 
ATOM   101  C  C   . VAL A 1 16  ? 8.990   -21.438 -12.059 1.00 18.77 ? 16  VAL A C   1 
ATOM   102  O  O   . VAL A 1 16  ? 7.991   -20.856 -12.493 1.00 16.97 ? 16  VAL A O   1 
ATOM   103  C  CB  . VAL A 1 16  ? 8.916   -22.867 -9.986  1.00 20.53 ? 16  VAL A CB  1 
ATOM   104  C  CG1 . VAL A 1 16  ? 7.971   -21.799 -9.433  1.00 19.93 ? 16  VAL A CG1 1 
ATOM   105  C  CG2 . VAL A 1 16  ? 8.560   -24.273 -9.455  1.00 23.59 ? 16  VAL A CG2 1 
ATOM   106  N  N   . ARG A 1 17  ? 10.209  -20.887 -12.026 1.00 18.70 ? 17  ARG A N   1 
ATOM   107  C  CA  . ARG A 1 17  ? 10.467  -19.525 -12.536 1.00 20.55 ? 17  ARG A CA  1 
ATOM   108  C  C   . ARG A 1 17  ? 10.099  -19.344 -14.007 1.00 22.67 ? 17  ARG A C   1 
ATOM   109  O  O   . ARG A 1 17  ? 9.447   -18.361 -14.371 1.00 22.75 ? 17  ARG A O   1 
ATOM   110  C  CB  . ARG A 1 17  ? 11.919  -19.095 -12.299 1.00 17.81 ? 17  ARG A CB  1 
ATOM   111  C  CG  . ARG A 1 17  ? 12.174  -18.648 -10.842 1.00 19.60 ? 17  ARG A CG  1 
ATOM   112  C  CD  . ARG A 1 17  ? 13.608  -18.180 -10.622 1.00 17.28 ? 17  ARG A CD  1 
ATOM   113  N  NE  . ARG A 1 17  ? 14.531  -19.293 -10.434 1.00 14.91 ? 17  ARG A NE  1 
ATOM   114  C  CZ  . ARG A 1 17  ? 15.366  -19.797 -11.351 1.00 18.86 ? 17  ARG A CZ  1 
ATOM   115  N  NH1 . ARG A 1 17  ? 16.161  -20.819 -11.003 1.00 12.81 ? 17  ARG A NH1 1 
ATOM   116  N  NH2 . ARG A 1 17  ? 15.416  -19.310 -12.604 1.00 13.51 ? 17  ARG A NH2 1 
ATOM   117  N  N   . GLU A 1 18  ? 10.507  -20.289 -14.848 1.00 21.14 ? 18  GLU A N   1 
ATOM   118  C  CA  . GLU A 1 18  ? 10.175  -20.228 -16.281 1.00 24.74 ? 18  GLU A CA  1 
ATOM   119  C  C   . GLU A 1 18  ? 8.684   -20.521 -16.532 1.00 23.24 ? 18  GLU A C   1 
ATOM   120  O  O   . GLU A 1 18  ? 8.008   -19.790 -17.256 1.00 24.02 ? 18  GLU A O   1 
ATOM   121  C  CB  . GLU A 1 18  ? 11.106  -21.163 -17.088 1.00 25.36 ? 18  GLU A CB  1 
ATOM   122  C  CG  . GLU A 1 18  ? 11.036  -21.021 -18.638 1.00 29.15 ? 18  GLU A CG  1 
ATOM   123  C  CD  . GLU A 1 18  ? 10.940  -19.577 -19.147 1.00 31.40 ? 18  GLU A CD  1 
ATOM   124  O  OE1 . GLU A 1 18  ? 11.698  -18.705 -18.684 1.00 31.62 ? 18  GLU A OE1 1 
ATOM   125  O  OE2 . GLU A 1 18  ? 10.103  -19.304 -20.026 1.00 33.96 ? 18  GLU A OE2 1 
ATOM   126  N  N   . GLY A 1 19  ? 8.163   -21.575 -15.912 1.00 22.41 ? 19  GLY A N   1 
ATOM   127  C  CA  . GLY A 1 19  ? 6.732   -21.889 -16.016 1.00 23.84 ? 19  GLY A CA  1 
ATOM   128  C  C   . GLY A 1 19  ? 5.823   -20.741 -15.623 1.00 26.18 ? 19  GLY A C   1 
ATOM   129  O  O   . GLY A 1 19  ? 4.847   -20.452 -16.315 1.00 25.18 ? 19  GLY A O   1 
ATOM   130  N  N   . LEU A 1 20  ? 6.138   -20.071 -14.515 1.00 26.47 ? 20  LEU A N   1 
ATOM   131  C  CA  . LEU A 1 20  ? 5.353   -18.911 -14.107 1.00 23.21 ? 20  LEU A CA  1 
ATOM   132  C  C   . LEU A 1 20  ? 5.558   -17.676 -14.977 1.00 23.01 ? 20  LEU A C   1 
ATOM   133  O  O   . LEU A 1 20  ? 4.613   -16.927 -15.203 1.00 21.49 ? 20  LEU A O   1 
ATOM   134  C  CB  . LEU A 1 20  ? 5.591   -18.571 -12.640 1.00 23.93 ? 20  LEU A CB  1 
ATOM   135  C  CG  . LEU A 1 20  ? 4.494   -18.844 -11.598 1.00 28.22 ? 20  LEU A CG  1 
ATOM   136  C  CD1 . LEU A 1 20  ? 3.440   -19.785 -12.098 1.00 29.83 ? 20  LEU A CD1 1 
ATOM   137  C  CD2 . LEU A 1 20  ? 5.090   -19.324 -10.281 1.00 25.48 ? 20  LEU A CD2 1 
ATOM   138  N  N   . ARG A 1 21  ? 6.790   -17.430 -15.426 1.00 20.42 ? 21  ARG A N   1 
ATOM   139  C  CA  . ARG A 1 21  ? 7.042   -16.319 -16.337 1.00 22.91 ? 21  ARG A CA  1 
ATOM   140  C  C   . ARG A 1 21  ? 6.133   -16.466 -17.570 1.00 26.33 ? 21  ARG A C   1 
ATOM   141  O  O   . ARG A 1 21  ? 5.481   -15.520 -17.977 1.00 27.96 ? 21  ARG A O   1 
ATOM   142  C  CB  . ARG A 1 21  ? 8.515   -16.261 -16.774 1.00 21.99 ? 21  ARG A CB  1 
ATOM   143  C  CG  . ARG A 1 21  ? 8.834   -15.052 -17.697 1.00 25.41 ? 21  ARG A CG  1 
ATOM   144  C  CD  . ARG A 1 21  ? 9.925   -15.351 -18.732 1.00 24.59 ? 21  ARG A CD  1 
ATOM   145  N  NE  . ARG A 1 21  ? 9.540   -16.463 -19.588 1.00 25.08 ? 21  ARG A NE  1 
ATOM   146  C  CZ  . ARG A 1 21  ? 8.695   -16.364 -20.615 1.00 27.34 ? 21  ARG A CZ  1 
ATOM   147  N  NH1 . ARG A 1 21  ? 8.171   -15.196 -20.939 1.00 25.95 ? 21  ARG A NH1 1 
ATOM   148  N  NH2 . ARG A 1 21  ? 8.370   -17.441 -21.319 1.00 26.14 ? 21  ARG A NH2 1 
ATOM   149  N  N   . ASN A 1 22  ? 6.101   -17.667 -18.146 1.00 29.52 ? 22  ASN A N   1 
ATOM   150  C  CA  . ASN A 1 22  ? 5.273   -17.956 -19.309 1.00 31.82 ? 22  ASN A CA  1 
ATOM   151  C  C   . ASN A 1 22  ? 3.776   -17.868 -19.010 1.00 30.90 ? 22  ASN A C   1 
ATOM   152  O  O   . ASN A 1 22  ? 3.052   -17.187 -19.728 1.00 35.16 ? 22  ASN A O   1 
ATOM   153  C  CB  . ASN A 1 22  ? 5.647   -19.315 -19.919 1.00 37.65 ? 22  ASN A CB  1 
ATOM   154  C  CG  . ASN A 1 22  ? 5.162   -19.471 -21.373 1.00 43.92 ? 22  ASN A CG  1 
ATOM   155  O  OD1 . ASN A 1 22  ? 5.172   -20.575 -21.917 1.00 47.74 ? 22  ASN A OD1 1 
ATOM   156  N  ND2 . ASN A 1 22  ? 4.745   -18.364 -22.002 1.00 47.12 ? 22  ASN A ND2 1 
ATOM   157  N  N   . LEU A 1 23  ? 3.312   -18.538 -17.955 1.00 29.91 ? 23  LEU A N   1 
ATOM   158  C  CA  . LEU A 1 23  ? 1.921   -18.392 -17.519 1.00 29.27 ? 23  LEU A CA  1 
ATOM   159  C  C   . LEU A 1 23  ? 1.506   -16.928 -17.304 1.00 30.45 ? 23  LEU A C   1 
ATOM   160  O  O   . LEU A 1 23  ? 0.421   -16.506 -17.718 1.00 27.88 ? 23  LEU A O   1 
ATOM   161  C  CB  . LEU A 1 23  ? 1.641   -19.198 -16.245 1.00 30.02 ? 23  LEU A CB  1 
ATOM   162  C  CG  . LEU A 1 23  ? 0.240   -19.035 -15.636 1.00 31.47 ? 23  LEU A CG  1 
ATOM   163  C  CD1 . LEU A 1 23  ? -0.833  -19.588 -16.583 1.00 35.73 ? 23  LEU A CD1 1 
ATOM   164  C  CD2 . LEU A 1 23  ? 0.133   -19.715 -14.295 1.00 31.14 ? 23  LEU A CD2 1 
ATOM   165  N  N   . LEU A 1 24  ? 2.360   -16.149 -16.659 1.00 23.70 ? 24  LEU A N   1 
ATOM   166  C  CA  . LEU A 1 24  ? 1.923   -14.829 -16.222 1.00 27.78 ? 24  LEU A CA  1 
ATOM   167  C  C   . LEU A 1 24  ? 1.935   -13.810 -17.362 1.00 28.95 ? 24  LEU A C   1 
ATOM   168  O  O   . LEU A 1 24  ? 1.055   -12.963 -17.422 1.00 27.52 ? 24  LEU A O   1 
ATOM   169  C  CB  . LEU A 1 24  ? 2.736   -14.349 -15.017 1.00 28.22 ? 24  LEU A CB  1 
ATOM   170  C  CG  . LEU A 1 24  ? 2.656   -15.244 -13.766 1.00 29.39 ? 24  LEU A CG  1 
ATOM   171  C  CD1 . LEU A 1 24  ? 3.656   -14.779 -12.731 1.00 24.38 ? 24  LEU A CD1 1 
ATOM   172  C  CD2 . LEU A 1 24  ? 1.233   -15.310 -13.171 1.00 31.24 ? 24  LEU A CD2 1 
ATOM   173  N  N   . ARG A 1 25  ? 2.936   -13.908 -18.244 1.00 29.88 ? 25  ARG A N   1 
ATOM   174  C  CA  . ARG A 1 25  ? 2.979   -13.182 -19.526 1.00 36.98 ? 25  ARG A CA  1 
ATOM   175  C  C   . ARG A 1 25  ? 1.774   -13.481 -20.405 1.00 35.11 ? 25  ARG A C   1 
ATOM   176  O  O   . ARG A 1 25  ? 1.206   -12.572 -21.000 1.00 38.15 ? 25  ARG A O   1 
ATOM   177  C  CB  . ARG A 1 25  ? 4.251   -13.518 -20.320 1.00 39.94 ? 25  ARG A CB  1 
ATOM   178  C  CG  . ARG A 1 25  ? 5.520   -12.904 -19.777 1.00 45.27 ? 25  ARG A CG  1 
ATOM   179  C  CD  . ARG A 1 25  ? 5.591   -11.407 -20.009 1.00 49.93 ? 25  ARG A CD  1 
ATOM   180  N  NE  . ARG A 1 25  ? 6.614   -10.803 -19.152 1.00 55.43 ? 25  ARG A NE  1 
ATOM   181  C  CZ  . ARG A 1 25  ? 7.004   -9.529  -19.207 1.00 57.75 ? 25  ARG A CZ  1 
ATOM   182  N  NH1 . ARG A 1 25  ? 6.471   -8.688  -20.098 1.00 59.08 ? 25  ARG A NH1 1 
ATOM   183  N  NH2 . ARG A 1 25  ? 7.944   -9.095  -18.371 1.00 55.39 ? 25  ARG A NH2 1 
ATOM   184  N  N   A SER A 1 26  ? 1.404   -14.756 -20.492 0.50 35.02 ? 26  SER A N   1 
ATOM   185  N  N   B SER A 1 26  ? 1.396   -14.755 -20.491 0.50 35.40 ? 26  SER A N   1 
ATOM   186  C  CA  A SER A 1 26  ? 0.240   -15.169 -21.269 0.50 34.07 ? 26  SER A CA  1 
ATOM   187  C  CA  B SER A 1 26  ? 0.229   -15.166 -21.275 0.50 34.71 ? 26  SER A CA  1 
ATOM   188  C  C   A SER A 1 26  ? -1.069  -14.663 -20.653 0.50 35.59 ? 26  SER A C   1 
ATOM   189  C  C   B SER A 1 26  ? -1.073  -14.615 -20.689 0.50 35.92 ? 26  SER A C   1 
ATOM   190  O  O   A SER A 1 26  ? -2.158  -15.029 -21.110 0.50 38.20 ? 26  SER A O   1 
ATOM   191  O  O   B SER A 1 26  ? -2.161  -14.915 -21.191 0.50 38.36 ? 26  SER A O   1 
ATOM   192  C  CB  A SER A 1 26  ? 0.211   -16.695 -21.417 0.50 33.27 ? 26  SER A CB  1 
ATOM   193  C  CB  B SER A 1 26  ? 0.151   -16.693 -21.378 0.50 34.47 ? 26  SER A CB  1 
ATOM   194  O  OG  A SER A 1 26  ? 1.377   -17.157 -22.082 0.50 31.70 ? 26  SER A OG  1 
ATOM   195  O  OG  B SER A 1 26  ? -0.519  -17.253 -20.260 0.50 34.08 ? 26  SER A OG  1 
ATOM   196  N  N   . ALA A 1 27  ? -0.953  -13.810 -19.635 1.00 33.43 ? 27  ALA A N   1 
ATOM   197  C  CA  . ALA A 1 27  ? -2.104  -13.266 -18.938 1.00 33.90 ? 27  ALA A CA  1 
ATOM   198  C  C   . ALA A 1 27  ? -2.067  -11.738 -18.816 1.00 34.09 ? 27  ALA A C   1 
ATOM   199  O  O   . ALA A 1 27  ? -2.971  -11.135 -18.224 1.00 34.00 ? 27  ALA A O   1 
ATOM   200  C  CB  . ALA A 1 27  ? -2.225  -13.913 -17.566 1.00 37.13 ? 27  ALA A CB  1 
ATOM   201  N  N   . GLY A 1 28  ? -1.032  -11.105 -19.373 1.00 31.62 ? 28  GLY A N   1 
ATOM   202  C  CA  . GLY A 1 28  ? -0.943  -9.642  -19.344 1.00 28.51 ? 28  GLY A CA  1 
ATOM   203  C  C   . GLY A 1 28  ? -0.151  -9.040  -18.201 1.00 33.58 ? 28  GLY A C   1 
ATOM   204  O  O   . GLY A 1 28  ? -0.092  -7.808  -18.052 1.00 31.63 ? 28  GLY A O   1 
ATOM   205  N  N   . PHE A 1 29  ? 0.478   -9.887  -17.389 1.00 32.66 ? 29  PHE A N   1 
ATOM   206  C  CA  . PHE A 1 29  ? 1.329   -9.377  -16.309 1.00 30.73 ? 29  PHE A CA  1 
ATOM   207  C  C   . PHE A 1 29  ? 2.782   -9.226  -16.741 1.00 29.10 ? 29  PHE A C   1 
ATOM   208  O  O   . PHE A 1 29  ? 3.315   -10.066 -17.465 1.00 35.19 ? 29  PHE A O   1 
ATOM   209  C  CB  . PHE A 1 29  ? 1.233   -10.277 -15.063 1.00 31.88 ? 29  PHE A CB  1 
ATOM   210  C  CG  . PHE A 1 29  ? -0.178  -10.544 -14.634 1.00 34.67 ? 29  PHE A CG  1 
ATOM   211  C  CD1 . PHE A 1 29  ? -0.706  -11.826 -14.691 1.00 35.48 ? 29  PHE A CD1 1 
ATOM   212  C  CD2 . PHE A 1 29  ? -0.993  -9.506  -14.215 1.00 36.72 ? 29  PHE A CD2 1 
ATOM   213  C  CE1 . PHE A 1 29  ? -2.014  -12.078 -14.318 1.00 36.79 ? 29  PHE A CE1 1 
ATOM   214  C  CE2 . PHE A 1 29  ? -2.315  -9.743  -13.848 1.00 38.53 ? 29  PHE A CE2 1 
ATOM   215  C  CZ  . PHE A 1 29  ? -2.820  -11.036 -13.887 1.00 36.64 ? 29  PHE A CZ  1 
ATOM   216  N  N   . GLU A 1 30  ? 3.419   -8.160  -16.281 1.00 25.20 ? 30  GLU A N   1 
ATOM   217  C  CA  . GLU A 1 30  ? 4.868   -8.110  -16.232 1.00 31.69 ? 30  GLU A CA  1 
ATOM   218  C  C   . GLU A 1 30  ? 5.294   -9.132  -15.191 1.00 29.23 ? 30  GLU A C   1 
ATOM   219  O  O   . GLU A 1 30  ? 4.560   -9.387  -14.236 1.00 27.34 ? 30  GLU A O   1 
ATOM   220  C  CB  . GLU A 1 30  ? 5.341   -6.734  -15.767 1.00 33.09 ? 30  GLU A CB  1 
ATOM   221  C  CG  . GLU A 1 30  ? 4.804   -5.630  -16.609 1.00 40.70 ? 30  GLU A CG  1 
ATOM   222  C  CD  . GLU A 1 30  ? 5.267   -5.783  -18.024 1.00 43.51 ? 30  GLU A CD  1 
ATOM   223  O  OE1 . GLU A 1 30  ? 4.435   -6.158  -18.881 1.00 45.20 ? 30  GLU A OE1 1 
ATOM   224  O  OE2 . GLU A 1 30  ? 6.479   -5.577  -18.256 1.00 45.01 ? 30  GLU A OE2 1 
ATOM   225  N  N   . VAL A 1 31  ? 6.473   -9.707  -15.375 1.00 29.25 ? 31  VAL A N   1 
ATOM   226  C  CA  . VAL A 1 31  ? 7.000   -10.693 -14.436 1.00 26.52 ? 31  VAL A CA  1 
ATOM   227  C  C   . VAL A 1 31  ? 8.458   -10.372 -14.125 1.00 24.87 ? 31  VAL A C   1 
ATOM   228  O  O   . VAL A 1 31  ? 9.236   -10.016 -15.008 1.00 21.02 ? 31  VAL A O   1 
ATOM   229  C  CB  . VAL A 1 31  ? 6.869   -12.146 -14.977 1.00 25.93 ? 31  VAL A CB  1 
ATOM   230  C  CG1 . VAL A 1 31  ? 7.388   -13.183 -13.956 1.00 25.25 ? 31  VAL A CG1 1 
ATOM   231  C  CG2 . VAL A 1 31  ? 5.451   -12.452 -15.296 1.00 27.16 ? 31  VAL A CG2 1 
ATOM   232  N  N   . GLU A 1 32  ? 8.820   -10.594 -12.905 1.00 21.19 ? 32  GLU A N   1 
ATOM   233  C  CA  . GLU A 1 32  ? 10.188  -10.474 -12.434 1.00 27.62 ? 32  GLU A CA  1 
ATOM   234  C  C   . GLU A 1 32  ? 10.449  -11.746 -11.618 1.00 24.11 ? 32  GLU A C   1 
ATOM   235  O  O   . GLU A 1 32  ? 9.614   -12.139 -10.803 1.00 21.39 ? 32  GLU A O   1 
ATOM   236  C  CB  . GLU A 1 32  ? 10.332  -9.253  -11.544 1.00 25.72 ? 32  GLU A CB  1 
ATOM   237  C  CG  . GLU A 1 32  ? 10.664  -7.992  -12.298 1.00 32.77 ? 32  GLU A CG  1 
ATOM   238  C  CD  . GLU A 1 32  ? 12.103  -8.056  -12.702 0.01 37.35 ? 32  GLU A CD  1 
ATOM   239  O  OE1 . GLU A 1 32  ? 12.401  -7.719  -13.873 0.01 39.76 ? 32  GLU A OE1 1 
ATOM   240  O  OE2 . GLU A 1 32  ? 12.941  -8.417  -11.860 0.01 39.54 ? 32  GLU A OE2 1 
ATOM   241  N  N   . THR A 1 33  ? 11.578  -12.413 -11.819 1.00 23.92 ? 33  THR A N   1 
ATOM   242  C  CA  . THR A 1 33  ? 11.833  -13.624 -11.060 1.00 20.61 ? 33  THR A CA  1 
ATOM   243  C  C   . THR A 1 33  ? 13.182  -13.536 -10.358 1.00 20.94 ? 33  THR A C   1 
ATOM   244  O  O   . THR A 1 33  ? 14.105  -12.866 -10.834 1.00 17.30 ? 33  THR A O   1 
ATOM   245  C  CB  . THR A 1 33  ? 11.718  -14.922 -11.933 1.00 19.51 ? 33  THR A CB  1 
ATOM   246  O  OG1 . THR A 1 33  ? 12.831  -15.023 -12.805 1.00 19.27 ? 33  THR A OG1 1 
ATOM   247  C  CG2 . THR A 1 33  ? 10.467  -14.924 -12.776 1.00 16.50 ? 33  THR A CG2 1 
ATOM   248  N  N   . PHE A 1 34  ? 13.280  -14.216 -9.219  1.00 15.37 ? 34  PHE A N   1 
ATOM   249  C  CA  . PHE A 1 34  ? 14.484  -14.214 -8.397  1.00 15.77 ? 34  PHE A CA  1 
ATOM   250  C  C   . PHE A 1 34  ? 14.614  -15.651 -7.943  1.00 12.47 ? 34  PHE A C   1 
ATOM   251  O  O   . PHE A 1 34  ? 13.601  -16.319 -7.734  1.00 13.21 ? 34  PHE A O   1 
ATOM   252  C  CB  . PHE A 1 34  ? 14.307  -13.230 -7.203  1.00 17.04 ? 34  PHE A CB  1 
ATOM   253  C  CG  . PHE A 1 34  ? 14.014  -11.805 -7.642  1.00 20.00 ? 34  PHE A CG  1 
ATOM   254  C  CD1 . PHE A 1 34  ? 12.711  -11.402 -7.936  1.00 20.53 ? 34  PHE A CD1 1 
ATOM   255  C  CD2 . PHE A 1 34  ? 15.043  -10.904 -7.840  1.00 20.79 ? 34  PHE A CD2 1 
ATOM   256  C  CE1 . PHE A 1 34  ? 12.446  -10.107 -8.401  1.00 19.73 ? 34  PHE A CE1 1 
ATOM   257  C  CE2 . PHE A 1 34  ? 14.782  -9.606  -8.291  1.00 24.08 ? 34  PHE A CE2 1 
ATOM   258  C  CZ  . PHE A 1 34  ? 13.478  -9.210  -8.571  1.00 15.32 ? 34  PHE A CZ  1 
ATOM   259  N  N   . ASP A 1 35  ? 15.831  -16.157 -7.834  1.00 14.49 ? 35  ASP A N   1 
ATOM   260  C  CA  . ASP A 1 35  ? 16.013  -17.551 -7.397  1.00 18.61 ? 35  ASP A CA  1 
ATOM   261  C  C   . ASP A 1 35  ? 16.359  -17.610 -5.889  1.00 21.71 ? 35  ASP A C   1 
ATOM   262  O  O   . ASP A 1 35  ? 16.546  -18.696 -5.323  1.00 20.41 ? 35  ASP A O   1 
ATOM   263  C  CB  . ASP A 1 35  ? 17.049  -18.267 -8.289  1.00 25.71 ? 35  ASP A CB  1 
ATOM   264  C  CG  . ASP A 1 35  ? 18.472  -17.726 -8.098  1.00 32.49 ? 35  ASP A CG  1 
ATOM   265  O  OD1 . ASP A 1 35  ? 19.428  -18.362 -8.584  1.00 32.52 ? 35  ASP A OD1 1 
ATOM   266  O  OD2 . ASP A 1 35  ? 18.636  -16.671 -7.446  1.00 32.43 ? 35  ASP A OD2 1 
ATOM   267  N  N   A CYS A 1 36  ? 16.462  -16.392 -5.328  0.50 16.57 ? 36  CYS A N   1 
ATOM   268  N  N   B CYS A 1 36  ? 16.399  -16.453 -5.241  0.50 19.51 ? 36  CYS A N   1 
ATOM   269  C  CA  A CYS A 1 36  ? 16.778  -16.147 -3.943  0.50 17.82 ? 36  CYS A CA  1 
ATOM   270  C  CA  B CYS A 1 36  ? 16.640  -16.373 -3.808  0.50 17.74 ? 36  CYS A CA  1 
ATOM   271  C  C   A CYS A 1 36  ? 15.873  -15.053 -3.341  0.50 17.53 ? 36  CYS A C   1 
ATOM   272  C  C   B CYS A 1 36  ? 16.025  -15.084 -3.289  0.50 18.35 ? 36  CYS A C   1 
ATOM   273  O  O   A CYS A 1 36  ? 15.434  -14.140 -4.064  0.50 17.25 ? 36  CYS A O   1 
ATOM   274  O  O   B CYS A 1 36  ? 15.938  -14.085 -4.006  0.50 14.31 ? 36  CYS A O   1 
ATOM   275  C  CB  A CYS A 1 36  ? 18.216  -15.638 -3.774  0.50 12.05 ? 36  CYS A CB  1 
ATOM   276  C  CB  B CYS A 1 36  ? 18.118  -16.511 -3.502  0.50 16.90 ? 36  CYS A CB  1 
ATOM   277  S  SG  A CYS A 1 36  ? 18.358  -13.910 -3.218  0.50 10.00 ? 36  CYS A SG  1 
ATOM   278  S  SG  B CYS A 1 36  ? 19.176  -15.297 -4.358  0.50 16.27 ? 36  CYS A SG  1 
ATOM   279  N  N   . ALA A 1 37  ? 15.601  -15.139 -2.037  1.00 16.17 ? 37  ALA A N   1 
ATOM   280  C  CA  . ALA A 1 37  ? 14.919  -14.048 -1.335  1.00 16.88 ? 37  ALA A CA  1 
ATOM   281  C  C   . ALA A 1 37  ? 15.727  -12.736 -1.297  1.00 18.24 ? 37  ALA A C   1 
ATOM   282  O  O   . ALA A 1 37  ? 15.211  -11.665 -1.614  1.00 18.76 ? 37  ALA A O   1 
ATOM   283  C  CB  . ALA A 1 37  ? 14.537  -14.492 0.070   1.00 14.84 ? 37  ALA A CB  1 
ATOM   284  N  N   . SER A 1 38  ? 17.006  -12.805 -0.964  1.00 20.11 ? 38  SER A N   1 
ATOM   285  C  CA  . SER A 1 38  ? 17.767  -11.558 -0.861  1.00 22.89 ? 38  SER A CA  1 
ATOM   286  C  C   . SER A 1 38  ? 17.933  -10.768 -2.167  1.00 25.67 ? 38  SER A C   1 
ATOM   287  O  O   . SER A 1 38  ? 18.040  -9.559  -2.116  1.00 22.71 ? 38  SER A O   1 
ATOM   288  C  CB  . SER A 1 38  ? 19.116  -11.795 -0.206  1.00 25.81 ? 38  SER A CB  1 
ATOM   289  O  OG  . SER A 1 38  ? 19.950  -12.515 -1.061  1.00 29.53 ? 38  SER A OG  1 
ATOM   290  N  N   . THR A 1 39  ? 17.971  -11.434 -3.324  1.00 24.43 ? 39  THR A N   1 
ATOM   291  C  CA  . THR A 1 39  ? 18.055  -10.700 -4.604  1.00 28.43 ? 39  THR A CA  1 
ATOM   292  C  C   . THR A 1 39  ? 16.737  -9.938  -4.805  1.00 27.06 ? 39  THR A C   1 
ATOM   293  O  O   . THR A 1 39  ? 16.741  -8.779  -5.234  1.00 26.23 ? 39  THR A O   1 
ATOM   294  C  CB  . THR A 1 39  ? 18.417  -11.629 -5.802  1.00 27.97 ? 39  THR A CB  1 
ATOM   295  O  OG1 . THR A 1 39  ? 19.759  -12.107 -5.622  1.00 31.65 ? 39  THR A OG1 1 
ATOM   296  C  CG2 . THR A 1 39  ? 18.374  -10.888 -7.133  1.00 30.65 ? 39  THR A CG2 1 
ATOM   297  N  N   . PHE A 1 40  ? 15.620  -10.582 -4.457  1.00 23.27 ? 40  PHE A N   1 
ATOM   298  C  CA  . PHE A 1 40  ? 14.332  -9.900  -4.415  1.00 19.23 ? 40  PHE A CA  1 
ATOM   299  C  C   . PHE A 1 40  ? 14.321  -8.653  -3.511  1.00 20.51 ? 40  PHE A C   1 
ATOM   300  O  O   . PHE A 1 40  ? 13.966  -7.552  -3.964  1.00 20.78 ? 40  PHE A O   1 
ATOM   301  C  CB  . PHE A 1 40  ? 13.189  -10.846 -4.035  1.00 18.80 ? 40  PHE A CB  1 
ATOM   302  C  CG  . PHE A 1 40  ? 11.905  -10.132 -3.808  1.00 19.88 ? 40  PHE A CG  1 
ATOM   303  C  CD1 . PHE A 1 40  ? 11.173  -9.630  -4.888  1.00 18.22 ? 40  PHE A CD1 1 
ATOM   304  C  CD2 . PHE A 1 40  ? 11.458  -9.884  -2.513  1.00 18.01 ? 40  PHE A CD2 1 
ATOM   305  C  CE1 . PHE A 1 40  ? 9.978   -8.911  -4.666  1.00 15.21 ? 40  PHE A CE1 1 
ATOM   306  C  CE2 . PHE A 1 40  ? 10.285  -9.187  -2.287  1.00 18.28 ? 40  PHE A CE2 1 
ATOM   307  C  CZ  . PHE A 1 40  ? 9.534   -8.702  -3.371  1.00 17.20 ? 40  PHE A CZ  1 
ATOM   308  N  N   . LEU A 1 41  ? 14.703  -8.831  -2.248  1.00 18.11 ? 41  LEU A N   1 
ATOM   309  C  CA  . LEU A 1 41  ? 14.756  -7.738  -1.277  1.00 23.15 ? 41  LEU A CA  1 
ATOM   310  C  C   . LEU A 1 41  ? 15.670  -6.593  -1.707  1.00 23.50 ? 41  LEU A C   1 
ATOM   311  O  O   . LEU A 1 41  ? 15.377  -5.421  -1.462  1.00 23.14 ? 41  LEU A O   1 
ATOM   312  C  CB  . LEU A 1 41  ? 15.249  -8.244  0.075   1.00 25.10 ? 41  LEU A CB  1 
ATOM   313  C  CG  . LEU A 1 41  ? 14.278  -8.375  1.235   1.00 32.01 ? 41  LEU A CG  1 
ATOM   314  C  CD1 . LEU A 1 41  ? 15.059  -8.759  2.494   1.00 29.37 ? 41  LEU A CD1 1 
ATOM   315  C  CD2 . LEU A 1 41  ? 13.482  -7.093  1.453   1.00 31.44 ? 41  LEU A CD2 1 
ATOM   316  N  N   . GLU A 1 42  ? 16.782  -6.947  -2.328  1.00 22.71 ? 42  GLU A N   1 
ATOM   317  C  CA  . GLU A 1 42  ? 17.704  -5.944  -2.824  1.00 28.90 ? 42  GLU A CA  1 
ATOM   318  C  C   . GLU A 1 42  ? 17.107  -5.119  -3.926  1.00 29.75 ? 42  GLU A C   1 
ATOM   319  O  O   . GLU A 1 42  ? 17.354  -3.914  -4.007  1.00 33.43 ? 42  GLU A O   1 
ATOM   320  C  CB  . GLU A 1 42  ? 18.967  -6.602  -3.336  1.00 28.79 ? 42  GLU A CB  1 
ATOM   321  C  CG  . GLU A 1 42  ? 19.807  -7.135  -2.214  0.01 32.99 ? 42  GLU A CG  1 
ATOM   322  C  CD  . GLU A 1 42  ? 21.059  -7.741  -2.728  0.01 34.32 ? 42  GLU A CD  1 
ATOM   323  O  OE1 . GLU A 1 42  ? 20.965  -8.734  -3.489  0.01 35.06 ? 42  GLU A OE1 1 
ATOM   324  O  OE2 . GLU A 1 42  ? 22.150  -7.236  -2.391  0.01 35.05 ? 42  GLU A OE2 1 
ATOM   325  N  N   . HIS A 1 43  ? 16.334  -5.766  -4.796  1.00 32.34 ? 43  HIS A N   1 
ATOM   326  C  CA  . HIS A 1 43  ? 15.674  -5.056  -5.906  1.00 32.99 ? 43  HIS A CA  1 
ATOM   327  C  C   . HIS A 1 43  ? 14.349  -4.416  -5.534  1.00 30.93 ? 43  HIS A C   1 
ATOM   328  O  O   . HIS A 1 43  ? 13.875  -3.523  -6.229  1.00 28.87 ? 43  HIS A O   1 
ATOM   329  C  CB  . HIS A 1 43  ? 15.473  -5.983  -7.094  1.00 33.72 ? 43  HIS A CB  1 
ATOM   330  C  CG  . HIS A 1 43  ? 16.719  -6.211  -7.875  1.00 40.56 ? 43  HIS A CG  1 
ATOM   331  N  ND1 . HIS A 1 43  ? 16.895  -5.716  -9.149  1.00 44.79 ? 43  HIS A ND1 1 
ATOM   332  C  CD2 . HIS A 1 43  ? 17.869  -6.848  -7.551  1.00 40.72 ? 43  HIS A CD2 1 
ATOM   333  C  CE1 . HIS A 1 43  ? 18.094  -6.054  -9.586  1.00 43.98 ? 43  HIS A CE1 1 
ATOM   334  N  NE2 . HIS A 1 43  ? 18.702  -6.744  -8.637  1.00 42.68 ? 43  HIS A NE2 1 
ATOM   335  N  N   . ARG A 1 44  ? 13.759  -4.858  -4.426  1.00 32.46 ? 44  ARG A N   1 
ATOM   336  C  CA  . ARG A 1 44  ? 12.414  -4.427  -4.046  1.00 31.56 ? 44  ARG A CA  1 
ATOM   337  C  C   . ARG A 1 44  ? 12.292  -2.915  -3.801  1.00 33.87 ? 44  ARG A C   1 
ATOM   338  O  O   . ARG A 1 44  ? 13.032  -2.326  -2.998  1.00 33.02 ? 44  ARG A O   1 
ATOM   339  C  CB  . ARG A 1 44  ? 11.902  -5.239  -2.856  1.00 31.95 ? 44  ARG A CB  1 
ATOM   340  C  CG  . ARG A 1 44  ? 10.461  -4.979  -2.421  1.00 30.67 ? 44  ARG A CG  1 
ATOM   341  C  CD  . ARG A 1 44  ? 9.379   -4.960  -3.521  1.00 26.43 ? 44  ARG A CD  1 
ATOM   342  N  NE  . ARG A 1 44  ? 8.124   -4.643  -2.837  1.00 26.80 ? 44  ARG A NE  1 
ATOM   343  C  CZ  . ARG A 1 44  ? 6.984   -4.216  -3.375  1.00 23.46 ? 44  ARG A CZ  1 
ATOM   344  N  NH1 . ARG A 1 44  ? 6.850   -4.020  -4.678  1.00 21.11 ? 44  ARG A NH1 1 
ATOM   345  N  NH2 . ARG A 1 44  ? 5.961   -3.974  -2.565  1.00 21.75 ? 44  ARG A NH2 1 
ATOM   346  N  N   . ARG A 1 45  ? 11.357  -2.315  -4.533  1.00 33.61 ? 45  ARG A N   1 
ATOM   347  C  CA  . ARG A 1 45  ? 10.939  -0.934  -4.346  1.00 34.57 ? 45  ARG A CA  1 
ATOM   348  C  C   . ARG A 1 45  ? 9.485   -0.970  -3.906  1.00 33.80 ? 45  ARG A C   1 
ATOM   349  O  O   . ARG A 1 45  ? 8.631   -1.491  -4.629  1.00 28.89 ? 45  ARG A O   1 
ATOM   350  C  CB  . ARG A 1 45  ? 11.097  -0.145  -5.652  1.00 41.23 ? 45  ARG A CB  1 
ATOM   351  C  CG  . ARG A 1 45  ? 12.556  0.066   -6.114  1.00 44.92 ? 45  ARG A CG  1 
ATOM   352  C  CD  . ARG A 1 45  ? 13.406  0.780   -5.047  1.00 51.48 ? 45  ARG A CD  1 
ATOM   353  N  NE  . ARG A 1 45  ? 14.824  0.842   -5.412  1.00 56.52 ? 45  ARG A NE  1 
ATOM   354  C  CZ  . ARG A 1 45  ? 15.795  0.104   -4.864  1.00 59.87 ? 45  ARG A CZ  1 
ATOM   355  N  NH1 . ARG A 1 45  ? 15.532  -0.774  -3.897  1.00 60.46 ? 45  ARG A NH1 1 
ATOM   356  N  NH2 . ARG A 1 45  ? 17.047  0.247   -5.288  1.00 61.84 ? 45  ARG A NH2 1 
ATOM   357  N  N   . PRO A 1 46  ? 9.200   -0.473  -2.688  1.00 31.50 ? 46  PRO A N   1 
ATOM   358  C  CA  . PRO A 1 46  ? 7.844   -0.577  -2.152  1.00 34.51 ? 46  PRO A CA  1 
ATOM   359  C  C   . PRO A 1 46  ? 6.781   0.238   -2.912  1.00 36.89 ? 46  PRO A C   1 
ATOM   360  O  O   . PRO A 1 46  ? 5.613   0.141   -2.575  1.00 35.67 ? 46  PRO A O   1 
ATOM   361  C  CB  . PRO A 1 46  ? 7.989   -0.073  -0.706  1.00 35.07 ? 46  PRO A CB  1 
ATOM   362  C  CG  . PRO A 1 46  ? 9.209   0.797   -0.719  1.00 33.41 ? 46  PRO A CG  1 
ATOM   363  C  CD  . PRO A 1 46  ? 10.130  0.166   -1.737  1.00 34.51 ? 46  PRO A CD  1 
ATOM   364  N  N   . GLU A 1 47  ? 7.189   1.005   -3.926  1.00 38.90 ? 47  GLU A N   1 
ATOM   365  C  CA  . GLU A 1 47  ? 6.265   1.790   -4.753  1.00 42.35 ? 47  GLU A CA  1 
ATOM   366  C  C   . GLU A 1 47  ? 5.756   0.978   -5.934  1.00 40.67 ? 47  GLU A C   1 
ATOM   367  O  O   . GLU A 1 47  ? 4.742   1.329   -6.549  1.00 42.33 ? 47  GLU A O   1 
ATOM   368  C  CB  . GLU A 1 47  ? 6.946   3.053   -5.303  1.00 43.10 ? 47  GLU A CB  1 
ATOM   369  C  CG  . GLU A 1 47  ? 7.617   3.928   -4.258  1.00 48.11 ? 47  GLU A CG  1 
ATOM   370  C  CD  . GLU A 1 47  ? 9.009   3.424   -3.862  1.00 49.65 ? 47  GLU A CD  1 
ATOM   371  O  OE1 . GLU A 1 47  ? 9.743   2.901   -4.734  1.00 47.95 ? 47  GLU A OE1 1 
ATOM   372  O  OE2 . GLU A 1 47  ? 9.360   3.567   -2.672  1.00 50.41 ? 47  GLU A OE2 1 
ATOM   373  N  N   . GLN A 1 48  ? 6.481   -0.086  -6.273  1.00 38.10 ? 48  GLN A N   1 
ATOM   374  C  CA  . GLN A 1 48  ? 6.117   -0.931  -7.399  1.00 31.36 ? 48  GLN A CA  1 
ATOM   375  C  C   . GLN A 1 48  ? 4.845   -1.681  -7.059  1.00 32.44 ? 48  GLN A C   1 
ATOM   376  O  O   . GLN A 1 48  ? 4.781   -2.410  -6.050  1.00 31.60 ? 48  GLN A O   1 
ATOM   377  C  CB  . GLN A 1 48  ? 7.237   -1.922  -7.711  1.00 33.82 ? 48  GLN A CB  1 
ATOM   378  C  CG  . GLN A 1 48  ? 8.645   -1.418  -8.049  0.01 38.97 ? 48  GLN A CG  1 
ATOM   379  C  CD  . GLN A 1 48  ? 9.775   -2.439  -8.015  0.01 39.96 ? 48  GLN A CD  1 
ATOM   380  O  OE1 . GLN A 1 48  ? 10.883  -2.171  -8.482  0.01 40.67 ? 48  GLN A OE1 1 
ATOM   381  N  NE2 . GLN A 1 48  ? 9.503   -3.611  -7.450  0.01 40.45 ? 48  GLN A NE2 1 
ATOM   382  N  N   . HIS A 1 49  ? 3.834   -1.478  -7.893  1.00 25.92 ? 49  HIS A N   1 
ATOM   383  C  CA  . HIS A 1 49  ? 2.581   -2.191  -7.801  1.00 28.55 ? 49  HIS A CA  1 
ATOM   384  C  C   . HIS A 1 49  ? 2.832   -3.647  -8.219  1.00 29.80 ? 49  HIS A C   1 
ATOM   385  O  O   . HIS A 1 49  ? 3.541   -3.906  -9.189  1.00 23.62 ? 49  HIS A O   1 
ATOM   386  C  CB  . HIS A 1 49  ? 1.535   -1.509  -8.694  1.00 28.44 ? 49  HIS A CB  1 
ATOM   387  C  CG  . HIS A 1 49  ? 0.261   -2.287  -8.852  1.00 31.73 ? 49  HIS A CG  1 
ATOM   388  N  ND1 . HIS A 1 49  ? -0.416  -2.838  -7.786  1.00 29.15 ? 49  HIS A ND1 1 
ATOM   389  C  CD2 . HIS A 1 49  ? -0.478  -2.570  -9.955  1.00 33.14 ? 49  HIS A CD2 1 
ATOM   390  C  CE1 . HIS A 1 49  ? -1.507  -3.445  -8.223  1.00 32.69 ? 49  HIS A CE1 1 
ATOM   391  N  NE2 . HIS A 1 49  ? -1.568  -3.301  -9.535  1.00 33.14 ? 49  HIS A NE2 1 
ATOM   392  N  N   . GLY A 1 50  ? 2.272   -4.595  -7.468  1.00 29.39 ? 50  GLY A N   1 
ATOM   393  C  CA  . GLY A 1 50  ? 2.548   -5.993  -7.724  1.00 26.69 ? 50  GLY A CA  1 
ATOM   394  C  C   . GLY A 1 50  ? 2.057   -6.966  -6.667  1.00 28.51 ? 50  GLY A C   1 
ATOM   395  O  O   . GLY A 1 50  ? 1.406   -6.569  -5.684  1.00 24.63 ? 50  GLY A O   1 
ATOM   396  N  N   . CYS A 1 51  ? 2.374   -8.239  -6.908  1.00 23.35 ? 51  CYS A N   1 
ATOM   397  C  CA  . CYS A 1 51  ? 1.977   -9.387  -6.087  1.00 24.65 ? 51  CYS A CA  1 
ATOM   398  C  C   . CYS A 1 51  ? 3.235   -10.230 -6.037  1.00 21.51 ? 51  CYS A C   1 
ATOM   399  O  O   . CYS A 1 51  ? 3.946   -10.312 -7.027  1.00 21.73 ? 51  CYS A O   1 
ATOM   400  C  CB  . CYS A 1 51  ? 0.866   -10.188 -6.808  1.00 23.41 ? 51  CYS A CB  1 
ATOM   401  S  SG  . CYS A 1 51  ? 0.053   -11.413 -5.806  1.00 35.10 ? 51  CYS A SG  1 
ATOM   402  N  N   . LEU A 1 52  ? 3.492   -10.870 -4.900  1.00 23.50 ? 52  LEU A N   1 
ATOM   403  C  CA  . LEU A 1 52  ? 4.636   -11.756 -4.733  1.00 20.13 ? 52  LEU A CA  1 
ATOM   404  C  C   . LEU A 1 52  ? 4.145   -13.205 -4.723  1.00 23.00 ? 52  LEU A C   1 
ATOM   405  O  O   . LEU A 1 52  ? 3.261   -13.547 -3.956  1.00 22.06 ? 52  LEU A O   1 
ATOM   406  C  CB  . LEU A 1 52  ? 5.346   -11.405 -3.417  1.00 18.85 ? 52  LEU A CB  1 
ATOM   407  C  CG  . LEU A 1 52  ? 6.594   -12.117 -2.911  1.00 23.22 ? 52  LEU A CG  1 
ATOM   408  C  CD1 . LEU A 1 52  ? 7.674   -12.285 -3.975  1.00 20.83 ? 52  LEU A CD1 1 
ATOM   409  C  CD2 . LEU A 1 52  ? 7.138   -11.324 -1.741  1.00 22.19 ? 52  LEU A CD2 1 
ATOM   410  N  N   . VAL A 1 53  ? 4.692   -14.044 -5.601  1.00 14.80 ? 53  VAL A N   1 
ATOM   411  C  CA  . VAL A 1 53  ? 4.478   -15.477 -5.534  1.00 17.53 ? 53  VAL A CA  1 
ATOM   412  C  C   . VAL A 1 53  ? 5.746   -16.027 -4.899  1.00 15.99 ? 53  VAL A C   1 
ATOM   413  O  O   . VAL A 1 53  ? 6.842   -15.830 -5.440  1.00 16.57 ? 53  VAL A O   1 
ATOM   414  C  CB  . VAL A 1 53  ? 4.259   -16.105 -6.944  1.00 18.83 ? 53  VAL A CB  1 
ATOM   415  C  CG1 . VAL A 1 53  ? 4.212   -17.652 -6.863  1.00 16.84 ? 53  VAL A CG1 1 
ATOM   416  C  CG2 . VAL A 1 53  ? 3.004   -15.565 -7.564  1.00 21.48 ? 53  VAL A CG2 1 
ATOM   417  N  N   . LEU A 1 54  ? 5.600   -16.741 -3.775  1.00 16.52 ? 54  LEU A N   1 
ATOM   418  C  CA  . LEU A 1 54  ? 6.745   -17.086 -2.960  1.00 14.96 ? 54  LEU A CA  1 
ATOM   419  C  C   . LEU A 1 54  ? 6.875   -18.548 -2.485  1.00 16.78 ? 54  LEU A C   1 
ATOM   420  O  O   . LEU A 1 54  ? 6.009   -19.092 -1.804  1.00 12.72 ? 54  LEU A O   1 
ATOM   421  C  CB  . LEU A 1 54  ? 6.820   -16.115 -1.770  1.00 16.11 ? 54  LEU A CB  1 
ATOM   422  C  CG  . LEU A 1 54  ? 7.945   -16.251 -0.743  1.00 17.67 ? 54  LEU A CG  1 
ATOM   423  C  CD1 . LEU A 1 54  ? 9.335   -15.979 -1.363  1.00 12.92 ? 54  LEU A CD1 1 
ATOM   424  C  CD2 . LEU A 1 54  ? 7.667   -15.269 0.406   1.00 18.79 ? 54  LEU A CD2 1 
ATOM   425  N  N   . ASP A 1 55  ? 8.009   -19.146 -2.844  1.00 12.43 ? 55  ASP A N   1 
ATOM   426  C  CA  . ASP A 1 55  ? 8.396   -20.463 -2.436  1.00 16.35 ? 55  ASP A CA  1 
ATOM   427  C  C   . ASP A 1 55  ? 8.706   -20.481 -0.920  1.00 18.19 ? 55  ASP A C   1 
ATOM   428  O  O   . ASP A 1 55  ? 9.296   -19.528 -0.398  1.00 16.25 ? 55  ASP A O   1 
ATOM   429  C  CB  . ASP A 1 55  ? 9.659   -20.827 -3.216  1.00 16.52 ? 55  ASP A CB  1 
ATOM   430  C  CG  . ASP A 1 55  ? 10.032  -22.294 -3.086  1.00 20.47 ? 55  ASP A CG  1 
ATOM   431  O  OD1 . ASP A 1 55  ? 9.189   -23.116 -2.679  1.00 18.33 ? 55  ASP A OD1 1 
ATOM   432  O  OD2 . ASP A 1 55  ? 11.188  -22.631 -3.402  1.00 23.67 ? 55  ASP A OD2 1 
ATOM   433  N  N   . MET A 1 56  ? 8.313   -21.556 -0.238  1.00 18.44 ? 56  MET A N   1 
ATOM   434  C  CA  . MET A 1 56  ? 8.650   -21.765 1.181   1.00 20.27 ? 56  MET A CA  1 
ATOM   435  C  C   . MET A 1 56  ? 10.121  -22.042 1.420   1.00 20.11 ? 56  MET A C   1 
ATOM   436  O  O   . MET A 1 56  ? 10.714  -21.475 2.340   1.00 25.72 ? 56  MET A O   1 
ATOM   437  C  CB  . MET A 1 56  ? 7.803   -22.887 1.807   1.00 27.81 ? 56  MET A CB  1 
ATOM   438  C  CG  . MET A 1 56  ? 6.286   -22.586 1.855   1.00 33.67 ? 56  MET A CG  1 
ATOM   439  S  SD  . MET A 1 56  ? 5.737   -21.411 3.125   1.00 41.11 ? 56  MET A SD  1 
ATOM   440  C  CE  . MET A 1 56  ? 6.793   -20.023 2.827   1.00 41.56 ? 56  MET A CE  1 
ATOM   441  N  N   . ARG A 1 57  ? 10.697  -22.937 0.630   1.00 21.93 ? 57  ARG A N   1 
ATOM   442  C  CA  . ARG A 1 57  ? 12.098  -23.357 0.847   1.00 21.83 ? 57  ARG A CA  1 
ATOM   443  C  C   . ARG A 1 57  ? 13.033  -22.996 -0.288  1.00 17.04 ? 57  ARG A C   1 
ATOM   444  O  O   . ARG A 1 57  ? 12.817  -23.401 -1.435  1.00 21.72 ? 57  ARG A O   1 
ATOM   445  C  CB  . ARG A 1 57  ? 12.157  -24.897 1.056   1.00 25.79 ? 57  ARG A CB  1 
ATOM   446  C  CG  . ARG A 1 57  ? 11.231  -25.512 2.091   1.00 31.16 ? 57  ARG A CG  1 
ATOM   447  C  CD  . ARG A 1 57  ? 11.294  -27.032 2.105   0.01 34.52 ? 57  ARG A CD  1 
ATOM   448  N  NE  . ARG A 1 57  ? 10.219  -27.656 2.870   0.01 37.83 ? 57  ARG A NE  1 
ATOM   449  C  CZ  . ARG A 1 57  ? 10.178  -28.929 3.256   0.01 39.38 ? 57  ARG A CZ  1 
ATOM   450  N  NH1 . ARG A 1 57  ? 11.175  -29.749 2.942   0.01 40.19 ? 57  ARG A NH1 1 
ATOM   451  N  NH2 . ARG A 1 57  ? 9.149   -29.371 3.964   0.01 40.40 ? 57  ARG A NH2 1 
ATOM   452  N  N   . MET A 1 58  ? 14.067  -22.225 0.026   1.00 16.82 ? 58  MET A N   1 
ATOM   453  C  CA  . MET A 1 58  ? 15.021  -21.765 -0.974  1.00 18.46 ? 58  MET A CA  1 
ATOM   454  C  C   . MET A 1 58  ? 16.365  -21.655 -0.277  1.00 22.15 ? 58  MET A C   1 
ATOM   455  O  O   . MET A 1 58  ? 16.395  -21.652 0.942   1.00 17.52 ? 58  MET A O   1 
ATOM   456  C  CB  . MET A 1 58  ? 14.623  -20.379 -1.494  1.00 19.88 ? 58  MET A CB  1 
ATOM   457  C  CG  . MET A 1 58  ? 13.239  -20.263 -2.063  1.00 21.16 ? 58  MET A CG  1 
ATOM   458  S  SD  . MET A 1 58  ? 12.960  -18.562 -2.560  1.00 24.74 ? 58  MET A SD  1 
ATOM   459  C  CE  . MET A 1 58  ? 12.470  -17.879 -0.987  1.00 19.55 ? 58  MET A CE  1 
ATOM   460  N  N   . PRO A 1 59  ? 17.482  -21.591 -1.044  1.00 21.54 ? 59  PRO A N   1 
ATOM   461  C  CA  . PRO A 1 59  ? 18.782  -21.308 -0.432  1.00 20.49 ? 59  PRO A CA  1 
ATOM   462  C  C   . PRO A 1 59  ? 18.787  -19.975 0.307   1.00 23.70 ? 59  PRO A C   1 
ATOM   463  O  O   . PRO A 1 59  ? 18.321  -18.960 -0.229  1.00 25.04 ? 59  PRO A O   1 
ATOM   464  C  CB  . PRO A 1 59  ? 19.730  -21.274 -1.640  1.00 22.60 ? 59  PRO A CB  1 
ATOM   465  C  CG  . PRO A 1 59  ? 19.065  -22.220 -2.653  1.00 22.86 ? 59  PRO A CG  1 
ATOM   466  C  CD  . PRO A 1 59  ? 17.608  -21.847 -2.492  1.00 23.26 ? 59  PRO A CD  1 
ATOM   467  N  N   . GLY A 1 60  ? 19.302  -19.973 1.532   1.00 20.73 ? 60  GLY A N   1 
ATOM   468  C  CA  . GLY A 1 60  ? 19.365  -18.745 2.323   1.00 19.55 ? 60  GLY A CA  1 
ATOM   469  C  C   . GLY A 1 60  ? 18.080  -18.558 3.119   1.00 22.95 ? 60  GLY A C   1 
ATOM   470  O  O   . GLY A 1 60  ? 17.665  -19.461 3.855   1.00 20.55 ? 60  GLY A O   1 
ATOM   471  N  N   . MET A 1 61  ? 17.457  -17.390 2.986   1.00 19.20 ? 61  MET A N   1 
ATOM   472  C  CA  . MET A 1 61  ? 16.190  -17.125 3.663   1.00 21.53 ? 61  MET A CA  1 
ATOM   473  C  C   . MET A 1 61  ? 15.066  -17.949 3.056   1.00 15.94 ? 61  MET A C   1 
ATOM   474  O  O   . MET A 1 61  ? 14.920  -18.026 1.821   1.00 15.79 ? 61  MET A O   1 
ATOM   475  C  CB  . MET A 1 61  ? 15.801  -15.648 3.530   1.00 22.88 ? 61  MET A CB  1 
ATOM   476  C  CG  . MET A 1 61  ? 16.498  -14.675 4.474   1.00 25.30 ? 61  MET A CG  1 
ATOM   477  S  SD  . MET A 1 61  ? 15.819  -13.010 4.226   1.00 29.38 ? 61  MET A SD  1 
ATOM   478  C  CE  . MET A 1 61  ? 16.867  -12.366 2.921   1.00 28.52 ? 61  MET A CE  1 
ATOM   479  N  N   . SER A 1 62  ? 14.263  -18.546 3.922   1.00 13.39 ? 62  SER A N   1 
ATOM   480  C  CA  . SER A 1 62  ? 13.060  -19.244 3.509   1.00 20.37 ? 62  SER A CA  1 
ATOM   481  C  C   . SER A 1 62  ? 12.010  -18.205 3.142   1.00 20.48 ? 62  SER A C   1 
ATOM   482  O  O   . SER A 1 62  ? 12.208  -16.998 3.372   1.00 18.23 ? 62  SER A O   1 
ATOM   483  C  CB  . SER A 1 62  ? 12.545  -20.098 4.673   1.00 19.60 ? 62  SER A CB  1 
ATOM   484  O  OG  . SER A 1 62  ? 12.002  -19.258 5.684   1.00 20.39 ? 62  SER A OG  1 
ATOM   485  N  N   . GLY A 1 63  ? 10.881  -18.671 2.614   1.00 18.50 ? 63  GLY A N   1 
ATOM   486  C  CA  . GLY A 1 63  ? 9.764   -17.786 2.287   1.00 17.37 ? 63  GLY A CA  1 
ATOM   487  C  C   . GLY A 1 63  ? 9.175   -17.038 3.473   1.00 15.47 ? 63  GLY A C   1 
ATOM   488  O  O   . GLY A 1 63  ? 8.841   -15.864 3.367   1.00 15.78 ? 63  GLY A O   1 
ATOM   489  N  N   . ILE A 1 64  ? 9.039   -17.716 4.605   1.00 15.77 ? 64  ILE A N   1 
ATOM   490  C  CA  . ILE A 1 64  ? 8.554   -17.097 5.836   1.00 17.63 ? 64  ILE A CA  1 
ATOM   491  C  C   . ILE A 1 64  ? 9.556   -16.047 6.322   1.00 16.21 ? 64  ILE A C   1 
ATOM   492  O  O   . ILE A 1 64  ? 9.168   -14.940 6.700   1.00 19.96 ? 64  ILE A O   1 
ATOM   493  C  CB  . ILE A 1 64  ? 8.340   -18.147 6.980   1.00 19.98 ? 64  ILE A CB  1 
ATOM   494  C  CG1 . ILE A 1 64  ? 7.476   -19.334 6.517   1.00 21.99 ? 64  ILE A CG1 1 
ATOM   495  C  CG2 . ILE A 1 64  ? 7.779   -17.473 8.261   1.00 16.14 ? 64  ILE A CG2 1 
ATOM   496  C  CD1 . ILE A 1 64  ? 6.101   -18.972 6.104   1.00 23.24 ? 64  ILE A CD1 1 
ATOM   497  N  N   . GLU A 1 65  ? 10.840  -16.397 6.298   1.00 17.03 ? 65  GLU A N   1 
ATOM   498  C  CA  . GLU A 1 65  ? 11.896  -15.459 6.687   1.00 15.72 ? 65  GLU A CA  1 
ATOM   499  C  C   . GLU A 1 65  ? 11.933  -14.187 5.816   1.00 19.86 ? 65  GLU A C   1 
ATOM   500  O  O   . GLU A 1 65  ? 12.137  -13.114 6.344   1.00 17.56 ? 65  GLU A O   1 
ATOM   501  C  CB  . GLU A 1 65  ? 13.259  -16.140 6.736   1.00 17.78 ? 65  GLU A CB  1 
ATOM   502  C  CG  . GLU A 1 65  ? 13.442  -16.969 8.017   1.00 19.99 ? 65  GLU A CG  1 
ATOM   503  C  CD  . GLU A 1 65  ? 14.445  -18.094 7.872   1.00 22.62 ? 65  GLU A CD  1 
ATOM   504  O  OE1 . GLU A 1 65  ? 14.730  -18.773 8.892   1.00 27.16 ? 65  GLU A OE1 1 
ATOM   505  O  OE2 . GLU A 1 65  ? 14.960  -18.310 6.751   1.00 22.87 ? 65  GLU A OE2 1 
ATOM   506  N  N   . LEU A 1 66  ? 11.743  -14.313 4.502   1.00 12.17 ? 66  LEU A N   1 
ATOM   507  C  CA  . LEU A 1 66  ? 11.588  -13.133 3.658   1.00 17.48 ? 66  LEU A CA  1 
ATOM   508  C  C   . LEU A 1 66  ? 10.363  -12.299 4.049   1.00 19.23 ? 66  LEU A C   1 
ATOM   509  O  O   . LEU A 1 66  ? 10.428  -11.065 4.098   1.00 22.67 ? 66  LEU A O   1 
ATOM   510  C  CB  . LEU A 1 66  ? 11.520  -13.498 2.172   1.00 13.52 ? 66  LEU A CB  1 
ATOM   511  C  CG  . LEU A 1 66  ? 11.051  -12.359 1.251   1.00 16.61 ? 66  LEU A CG  1 
ATOM   512  C  CD1 . LEU A 1 66  ? 12.067  -11.200 1.274   1.00 15.61 ? 66  LEU A CD1 1 
ATOM   513  C  CD2 . LEU A 1 66  ? 10.836  -12.806 -0.173  1.00 13.09 ? 66  LEU A CD2 1 
ATOM   514  N  N   . GLN A 1 67  ? 9.247   -12.976 4.308   1.00 21.53 ? 67  GLN A N   1 
ATOM   515  C  CA  . GLN A 1 67  ? 8.015   -12.307 4.699   1.00 16.80 ? 67  GLN A CA  1 
ATOM   516  C  C   . GLN A 1 67  ? 8.195   -11.488 5.981   1.00 14.73 ? 67  GLN A C   1 
ATOM   517  O  O   . GLN A 1 67  ? 7.636   -10.400 6.107   1.00 17.91 ? 67  GLN A O   1 
ATOM   518  C  CB  . GLN A 1 67  ? 6.909   -13.334 4.902   1.00 17.88 ? 67  GLN A CB  1 
ATOM   519  C  CG  . GLN A 1 67  ? 5.596   -12.711 5.316   1.00 18.18 ? 67  GLN A CG  1 
ATOM   520  C  CD  . GLN A 1 67  ? 4.534   -13.736 5.645   1.00 24.74 ? 67  GLN A CD  1 
ATOM   521  O  OE1 . GLN A 1 67  ? 3.367   -13.588 5.254   1.00 27.41 ? 67  GLN A OE1 1 
ATOM   522  N  NE2 . GLN A 1 67  ? 4.920   -14.774 6.372   1.00 20.03 ? 67  GLN A NE2 1 
ATOM   523  N  N   . GLU A 1 68  ? 8.953   -12.032 6.927   1.00 14.04 ? 68  GLU A N   1 
ATOM   524  C  CA  . GLU A 1 68  ? 9.315   -11.342 8.175   1.00 21.95 ? 68  GLU A CA  1 
ATOM   525  C  C   . GLU A 1 68  ? 10.073  -10.057 7.922   1.00 20.37 ? 68  GLU A C   1 
ATOM   526  O  O   . GLU A 1 68  ? 9.899   -9.090  8.653   1.00 18.28 ? 68  GLU A O   1 
ATOM   527  C  CB  . GLU A 1 68  ? 10.163  -12.246 9.076   1.00 22.68 ? 68  GLU A CB  1 
ATOM   528  C  CG  . GLU A 1 68  ? 9.350   -13.337 9.745   1.00 28.01 ? 68  GLU A CG  1 
ATOM   529  C  CD  . GLU A 1 68  ? 10.204  -14.442 10.360  1.00 31.35 ? 68  GLU A CD  1 
ATOM   530  O  OE1 . GLU A 1 68  ? 11.446  -14.292 10.496  1.00 31.57 ? 68  GLU A OE1 1 
ATOM   531  O  OE2 . GLU A 1 68  ? 9.605   -15.476 10.708  1.00 35.84 ? 68  GLU A OE2 1 
ATOM   532  N  N   . GLN A 1 69  ? 10.930  -10.060 6.895   1.00 23.25 ? 69  GLN A N   1 
ATOM   533  C  CA  . GLN A 1 69  ? 11.679  -8.859  6.501   1.00 20.01 ? 69  GLN A CA  1 
ATOM   534  C  C   . GLN A 1 69  ? 10.702  -7.813  5.946   1.00 24.39 ? 69  GLN A C   1 
ATOM   535  O  O   . GLN A 1 69  ? 10.771  -6.620  6.290   1.00 22.02 ? 69  GLN A O   1 
ATOM   536  C  CB  . GLN A 1 69  ? 12.755  -9.175  5.446   1.00 20.96 ? 69  GLN A CB  1 
ATOM   537  C  CG  . GLN A 1 69  ? 13.739  -10.343 5.765   1.00 19.08 ? 69  GLN A CG  1 
ATOM   538  C  CD  . GLN A 1 69  ? 14.178  -10.344 7.228   1.00 21.75 ? 69  GLN A CD  1 
ATOM   539  O  OE1 . GLN A 1 69  ? 14.691  -9.334  7.729   1.00 19.57 ? 69  GLN A OE1 1 
ATOM   540  N  NE2 . GLN A 1 69  ? 13.975  -11.470 7.917   1.00 15.15 ? 69  GLN A NE2 1 
ATOM   541  N  N   . LEU A 1 70  ? 9.795   -8.273  5.086   1.00 19.56 ? 70  LEU A N   1 
ATOM   542  C  CA  . LEU A 1 70  ? 8.814   -7.392  4.462   1.00 22.76 ? 70  LEU A CA  1 
ATOM   543  C  C   . LEU A 1 70  ? 7.869   -6.807  5.515   1.00 23.31 ? 70  LEU A C   1 
ATOM   544  O  O   . LEU A 1 70  ? 7.544   -5.610  5.467   1.00 22.22 ? 70  LEU A O   1 
ATOM   545  C  CB  . LEU A 1 70  ? 8.054   -8.116  3.336   1.00 19.62 ? 70  LEU A CB  1 
ATOM   546  C  CG  . LEU A 1 70  ? 8.882   -8.552  2.113   1.00 21.31 ? 70  LEU A CG  1 
ATOM   547  C  CD1 . LEU A 1 70  ? 8.083   -9.541  1.276   1.00 18.34 ? 70  LEU A CD1 1 
ATOM   548  C  CD2 . LEU A 1 70  ? 9.354   -7.359  1.262   1.00 21.65 ? 70  LEU A CD2 1 
ATOM   549  N  N   . THR A 1 71  ? 7.447   -7.640  6.466   1.00 22.47 ? 71  THR A N   1 
ATOM   550  C  CA  . THR A 1 71  ? 6.689   -7.155  7.631   1.00 23.95 ? 71  THR A CA  1 
ATOM   551  C  C   . THR A 1 71  ? 7.501   -6.069  8.365   1.00 26.65 ? 71  THR A C   1 
ATOM   552  O  O   . THR A 1 71  ? 6.993   -4.972  8.618   1.00 28.50 ? 71  THR A O   1 
ATOM   553  C  CB  . THR A 1 71  ? 6.322   -8.306  8.617   1.00 23.29 ? 71  THR A CB  1 
ATOM   554  O  OG1 . THR A 1 71  ? 5.515   -9.279  7.938   1.00 21.47 ? 71  THR A OG1 1 
ATOM   555  C  CG2 . THR A 1 71  ? 5.513   -7.773  9.835   1.00 25.03 ? 71  THR A CG2 1 
ATOM   556  N  N   . ALA A 1 72  ? 8.767   -6.368  8.667   1.00 22.78 ? 72  ALA A N   1 
ATOM   557  C  CA  . ALA A 1 72  ? 9.613   -5.473  9.472   1.00 21.73 ? 72  ALA A CA  1 
ATOM   558  C  C   . ALA A 1 72  ? 9.714   -4.059  8.902   1.00 22.18 ? 72  ALA A C   1 
ATOM   559  O  O   . ALA A 1 72  ? 9.696   -3.080  9.646   1.00 28.26 ? 72  ALA A O   1 
ATOM   560  C  CB  . ALA A 1 72  ? 10.985  -6.068  9.652   1.00 18.51 ? 72  ALA A CB  1 
ATOM   561  N  N   . ILE A 1 73  ? 9.784   -3.963  7.581   1.00 23.93 ? 73  ILE A N   1 
ATOM   562  C  CA  . ILE A 1 73  ? 9.938   -2.703  6.882   1.00 23.21 ? 73  ILE A CA  1 
ATOM   563  C  C   . ILE A 1 73  ? 8.626   -2.159  6.320   1.00 25.44 ? 73  ILE A C   1 
ATOM   564  O  O   . ILE A 1 73  ? 8.640   -1.253  5.475   1.00 31.93 ? 73  ILE A O   1 
ATOM   565  C  CB  . ILE A 1 73  ? 10.962  -2.831  5.737   1.00 25.44 ? 73  ILE A CB  1 
ATOM   566  C  CG1 . ILE A 1 73  ? 10.426  -3.741  4.606   1.00 21.35 ? 73  ILE A CG1 1 
ATOM   567  C  CG2 . ILE A 1 73  ? 12.281  -3.346  6.284   1.00 23.92 ? 73  ILE A CG2 1 
ATOM   568  C  CD1 . ILE A 1 73  ? 11.289  -3.765  3.384   1.00 17.72 ? 73  ILE A CD1 1 
ATOM   569  N  N   . SER A 1 74  ? 7.505   -2.713  6.782   1.00 30.15 ? 74  SER A N   1 
ATOM   570  C  CA  . SER A 1 74  ? 6.168   -2.269  6.382   1.00 30.25 ? 74  SER A CA  1 
ATOM   571  C  C   . SER A 1 74  ? 5.919   -2.299  4.869   1.00 31.67 ? 74  SER A C   1 
ATOM   572  O  O   . SER A 1 74  ? 5.222   -1.419  4.331   1.00 25.62 ? 74  SER A O   1 
ATOM   573  C  CB  . SER A 1 74  ? 5.888   -0.851  6.923   1.00 36.13 ? 74  SER A CB  1 
ATOM   574  O  OG  . SER A 1 74  ? 6.039   -0.796  8.326   1.00 37.24 ? 74  SER A OG  1 
ATOM   575  N  N   . ASP A 1 75  ? 6.518   -3.267  4.176   1.00 27.05 ? 75  ASP A N   1 
ATOM   576  C  CA  . ASP A 1 75  ? 6.220   -3.441  2.759   1.00 30.93 ? 75  ASP A CA  1 
ATOM   577  C  C   . ASP A 1 75  ? 5.031   -4.390  2.697   1.00 31.04 ? 75  ASP A C   1 
ATOM   578  O  O   . ASP A 1 75  ? 5.179   -5.608  2.902   1.00 36.26 ? 75  ASP A O   1 
ATOM   579  C  CB  . ASP A 1 75  ? 7.426   -3.985  1.980   1.00 27.35 ? 75  ASP A CB  1 
ATOM   580  C  CG  . ASP A 1 75  ? 7.157   -4.111  0.476   1.00 26.73 ? 75  ASP A CG  1 
ATOM   581  O  OD1 . ASP A 1 75  ? 5.994   -4.286  0.060   1.00 25.30 ? 75  ASP A OD1 1 
ATOM   582  O  OD2 . ASP A 1 75  ? 8.121   -4.075  -0.305  1.00 25.24 ? 75  ASP A OD2 1 
ATOM   583  N  N   . GLY A 1 76  ? 3.854   -3.824  2.427   1.00 26.65 ? 76  GLY A N   1 
ATOM   584  C  CA  . GLY A 1 76  ? 2.605   -4.578  2.500   1.00 26.86 ? 76  GLY A CA  1 
ATOM   585  C  C   . GLY A 1 76  ? 2.254   -5.386  1.254   1.00 26.61 ? 76  GLY A C   1 
ATOM   586  O  O   . GLY A 1 76  ? 1.100   -5.753  1.080   1.00 19.83 ? 76  GLY A O   1 
ATOM   587  N  N   . ILE A 1 77  ? 3.235   -5.683  0.397   1.00 20.63 ? 77  ILE A N   1 
ATOM   588  C  CA  . ILE A 1 77  ? 2.956   -6.466  -0.822  1.00 23.55 ? 77  ILE A CA  1 
ATOM   589  C  C   . ILE A 1 77  ? 2.275   -7.803  -0.470  1.00 23.79 ? 77  ILE A C   1 
ATOM   590  O  O   . ILE A 1 77  ? 2.704   -8.501  0.462   1.00 28.08 ? 77  ILE A O   1 
ATOM   591  C  CB  . ILE A 1 77  ? 4.217   -6.669  -1.721  1.00 22.80 ? 77  ILE A CB  1 
ATOM   592  C  CG1 . ILE A 1 77  ? 3.845   -7.184  -3.118  1.00 22.86 ? 77  ILE A CG1 1 
ATOM   593  C  CG2 . ILE A 1 77  ? 5.298   -7.554  -1.024  1.00 22.15 ? 77  ILE A CG2 1 
ATOM   594  C  CD1 . ILE A 1 77  ? 5.040   -7.406  -4.037  1.00 23.28 ? 77  ILE A CD1 1 
ATOM   595  N  N   . PRO A 1 78  ? 1.166   -8.125  -1.165  1.00 25.54 ? 78  PRO A N   1 
ATOM   596  C  CA  . PRO A 1 78  ? 0.459   -9.387  -0.962  1.00 18.90 ? 78  PRO A CA  1 
ATOM   597  C  C   . PRO A 1 78  ? 1.264   -10.586 -1.423  1.00 17.05 ? 78  PRO A C   1 
ATOM   598  O  O   . PRO A 1 78  ? 2.017   -10.502 -2.394  1.00 17.37 ? 78  PRO A O   1 
ATOM   599  C  CB  . PRO A 1 78  ? -0.816  -9.229  -1.814  1.00 22.52 ? 78  PRO A CB  1 
ATOM   600  C  CG  . PRO A 1 78  ? -0.935  -7.730  -2.068  1.00 22.24 ? 78  PRO A CG  1 
ATOM   601  C  CD  . PRO A 1 78  ? 0.470   -7.250  -2.135  1.00 23.55 ? 78  PRO A CD  1 
ATOM   602  N  N   . ILE A 1 79  ? 1.114   -11.699 -0.709  1.00 13.32 ? 79  ILE A N   1 
ATOM   603  C  CA  . ILE A 1 79  ? 1.892   -12.901 -0.997  1.00 16.78 ? 79  ILE A CA  1 
ATOM   604  C  C   . ILE A 1 79  ? 1.013   -14.115 -1.280  1.00 17.36 ? 79  ILE A C   1 
ATOM   605  O  O   . ILE A 1 79  ? 0.095   -14.426 -0.520  1.00 21.23 ? 79  ILE A O   1 
ATOM   606  C  CB  . ILE A 1 79  ? 2.828   -13.248 0.195   1.00 17.60 ? 79  ILE A CB  1 
ATOM   607  C  CG1 . ILE A 1 79  ? 3.728   -12.050 0.529   1.00 17.13 ? 79  ILE A CG1 1 
ATOM   608  C  CG2 . ILE A 1 79  ? 3.634   -14.523 -0.135  1.00 15.87 ? 79  ILE A CG2 1 
ATOM   609  C  CD1 . ILE A 1 79  ? 4.516   -12.151 1.808   1.00 16.77 ? 79  ILE A CD1 1 
ATOM   610  N  N   . VAL A 1 80  ? 1.311   -14.812 -2.363  1.00 16.95 ? 80  VAL A N   1 
ATOM   611  C  CA  . VAL A 1 80  ? 0.759   -16.125 -2.573  1.00 14.84 ? 80  VAL A CA  1 
ATOM   612  C  C   . VAL A 1 80  ? 1.901   -17.075 -2.277  1.00 17.61 ? 80  VAL A C   1 
ATOM   613  O  O   . VAL A 1 80  ? 2.912   -17.068 -2.980  1.00 15.18 ? 80  VAL A O   1 
ATOM   614  C  CB  . VAL A 1 80  ? 0.265   -16.352 -4.046  1.00 19.10 ? 80  VAL A CB  1 
ATOM   615  C  CG1 . VAL A 1 80  ? -0.237  -17.780 -4.220  1.00 17.31 ? 80  VAL A CG1 1 
ATOM   616  C  CG2 . VAL A 1 80  ? -0.827  -15.346 -4.412  1.00 19.44 ? 80  VAL A CG2 1 
ATOM   617  N  N   . PHE A 1 81  ? 1.753   -17.874 -1.225  1.00 14.98 ? 81  PHE A N   1 
ATOM   618  C  CA  . PHE A 1 81  ? 2.783   -18.824 -0.876  1.00 14.87 ? 81  PHE A CA  1 
ATOM   619  C  C   . PHE A 1 81  ? 2.587   -20.083 -1.715  1.00 14.97 ? 81  PHE A C   1 
ATOM   620  O  O   . PHE A 1 81  ? 1.452   -20.492 -1.981  1.00 17.27 ? 81  PHE A O   1 
ATOM   621  C  CB  . PHE A 1 81  ? 2.695   -19.173 0.611   1.00 17.69 ? 81  PHE A CB  1 
ATOM   622  C  CG  . PHE A 1 81  ? 3.313   -18.143 1.517   1.00 18.33 ? 81  PHE A CG  1 
ATOM   623  C  CD1 . PHE A 1 81  ? 2.514   -17.300 2.281   1.00 20.03 ? 81  PHE A CD1 1 
ATOM   624  C  CD2 . PHE A 1 81  ? 4.686   -18.023 1.617   1.00 18.30 ? 81  PHE A CD2 1 
ATOM   625  C  CE1 . PHE A 1 81  ? 3.106   -16.323 3.137   1.00 20.96 ? 81  PHE A CE1 1 
ATOM   626  C  CE2 . PHE A 1 81  ? 5.278   -17.074 2.481   1.00 19.24 ? 81  PHE A CE2 1 
ATOM   627  C  CZ  . PHE A 1 81  ? 4.488   -16.235 3.237   1.00 17.04 ? 81  PHE A CZ  1 
ATOM   628  N  N   . ILE A 1 82  ? 3.691   -20.690 -2.129  1.00 13.73 ? 82  ILE A N   1 
ATOM   629  C  CA  . ILE A 1 82  ? 3.630   -21.956 -2.863  1.00 15.18 ? 82  ILE A CA  1 
ATOM   630  C  C   . ILE A 1 82  ? 4.610   -22.921 -2.216  1.00 18.98 ? 82  ILE A C   1 
ATOM   631  O  O   . ILE A 1 82  ? 5.634   -22.501 -1.666  1.00 20.14 ? 82  ILE A O   1 
ATOM   632  C  CB  . ILE A 1 82  ? 3.920   -21.787 -4.389  1.00 16.29 ? 82  ILE A CB  1 
ATOM   633  C  CG1 . ILE A 1 82  ? 5.273   -21.098 -4.631  1.00 17.27 ? 82  ILE A CG1 1 
ATOM   634  C  CG2 . ILE A 1 82  ? 2.792   -20.977 -5.050  1.00 17.19 ? 82  ILE A CG2 1 
ATOM   635  C  CD1 . ILE A 1 82  ? 5.788   -21.233 -6.056  1.00 16.03 ? 82  ILE A CD1 1 
ATOM   636  N  N   . THR A 1 83  ? 4.288   -24.207 -2.220  1.00 14.97 ? 83  THR A N   1 
ATOM   637  C  CA  . THR A 1 83  ? 5.183   -25.155 -1.557  1.00 21.55 ? 83  THR A CA  1 
ATOM   638  C  C   . THR A 1 83  ? 5.056   -26.542 -2.163  1.00 25.45 ? 83  THR A C   1 
ATOM   639  O  O   . THR A 1 83  ? 3.980   -26.931 -2.614  1.00 25.62 ? 83  THR A O   1 
ATOM   640  C  CB  . THR A 1 83  ? 4.895   -25.217 -0.026  1.00 21.95 ? 83  THR A CB  1 
ATOM   641  O  OG1 . THR A 1 83  ? 5.836   -26.081 0.605   1.00 28.41 ? 83  THR A OG1 1 
ATOM   642  C  CG2 . THR A 1 83  ? 3.512   -25.746 0.274   1.00 25.96 ? 83  THR A CG2 1 
ATOM   643  N  N   . ALA A 1 84  ? 6.151   -27.286 -2.142  1.00 30.15 ? 84  ALA A N   1 
ATOM   644  C  CA  . ALA A 1 84  ? 6.117   -28.700 -2.494  1.00 35.55 ? 84  ALA A CA  1 
ATOM   645  C  C   . ALA A 1 84  ? 5.804   -29.600 -1.282  1.00 36.36 ? 84  ALA A C   1 
ATOM   646  O  O   . ALA A 1 84  ? 5.659   -30.810 -1.439  1.00 40.93 ? 84  ALA A O   1 
ATOM   647  C  CB  . ALA A 1 84  ? 7.434   -29.115 -3.150  1.00 36.13 ? 84  ALA A CB  1 
ATOM   648  N  N   . HIS A 1 85  ? 5.694   -29.009 -0.092  1.00 36.17 ? 85  HIS A N   1 
ATOM   649  C  CA  . HIS A 1 85  ? 5.416   -29.760 1.152   1.00 40.43 ? 85  HIS A CA  1 
ATOM   650  C  C   . HIS A 1 85  ? 4.140   -29.295 1.834   1.00 39.15 ? 85  HIS A C   1 
ATOM   651  O  O   . HIS A 1 85  ? 4.171   -28.660 2.896   1.00 38.49 ? 85  HIS A O   1 
ATOM   652  C  CB  . HIS A 1 85  ? 6.605   -29.681 2.103   1.00 39.68 ? 85  HIS A CB  1 
ATOM   653  C  CG  . HIS A 1 85  ? 7.892   -30.009 1.431   1.00 45.94 ? 85  HIS A CG  1 
ATOM   654  N  ND1 . HIS A 1 85  ? 8.550   -29.105 0.624   1.00 45.45 ? 85  HIS A ND1 1 
ATOM   655  C  CD2 . HIS A 1 85  ? 8.595   -31.163 1.364   1.00 46.90 ? 85  HIS A CD2 1 
ATOM   656  C  CE1 . HIS A 1 85  ? 9.616   -29.680 0.110   1.00 45.48 ? 85  HIS A CE1 1 
ATOM   657  N  NE2 . HIS A 1 85  ? 9.671   -30.927 0.546   1.00 48.53 ? 85  HIS A NE2 1 
ATOM   658  N  N   . GLY A 1 86  ? 3.017   -29.621 1.206   1.00 41.98 ? 86  GLY A N   1 
ATOM   659  C  CA  . GLY A 1 86  ? 1.698   -29.221 1.701   1.00 47.45 ? 86  GLY A CA  1 
ATOM   660  C  C   . GLY A 1 86  ? 1.348   -29.737 3.086   1.00 47.16 ? 86  GLY A C   1 
ATOM   661  O  O   . GLY A 1 86  ? 0.467   -29.178 3.753   1.00 47.01 ? 86  GLY A O   1 
ATOM   662  N  N   . ASP A 1 87  ? 2.033   -30.807 3.506   1.00 43.74 ? 87  ASP A N   1 
ATOM   663  C  CA  . ASP A 1 87  ? 1.893   -31.374 4.847   1.00 47.46 ? 87  ASP A CA  1 
ATOM   664  C  C   . ASP A 1 87  ? 2.341   -30.411 5.961   1.00 47.40 ? 87  ASP A C   1 
ATOM   665  O  O   . ASP A 1 87  ? 1.893   -30.537 7.104   1.00 50.00 ? 87  ASP A O   1 
ATOM   666  C  CB  . ASP A 1 87  ? 2.695   -32.678 4.949   1.00 52.32 ? 87  ASP A CB  1 
ATOM   667  C  CG  . ASP A 1 87  ? 4.194   -32.457 4.767   1.00 55.08 ? 87  ASP A CG  1 
ATOM   668  O  OD1 . ASP A 1 87  ? 4.587   -31.820 3.758   1.00 54.38 ? 87  ASP A OD1 1 
ATOM   669  O  OD2 . ASP A 1 87  ? 4.974   -32.910 5.635   1.00 56.73 ? 87  ASP A OD2 1 
ATOM   670  N  N   . ILE A 1 88  ? 3.241   -29.479 5.628   1.00 42.08 ? 88  ILE A N   1 
ATOM   671  C  CA  . ILE A 1 88  ? 3.714   -28.466 6.570   1.00 39.26 ? 88  ILE A CA  1 
ATOM   672  C  C   . ILE A 1 88  ? 2.847   -27.202 6.452   1.00 38.91 ? 88  ILE A C   1 
ATOM   673  O  O   . ILE A 1 88  ? 2.943   -26.459 5.466   1.00 34.74 ? 88  ILE A O   1 
ATOM   674  C  CB  . ILE A 1 88  ? 5.230   -28.135 6.378   1.00 40.74 ? 88  ILE A CB  1 
ATOM   675  C  CG1 . ILE A 1 88  ? 6.093   -29.412 6.387   1.00 44.70 ? 88  ILE A CG1 1 
ATOM   676  C  CG2 . ILE A 1 88  ? 5.721   -27.128 7.439   1.00 41.08 ? 88  ILE A CG2 1 
ATOM   677  C  CD1 . ILE A 1 88  ? 5.895   -30.330 7.628   1.00 45.87 ? 88  ILE A CD1 1 
ATOM   678  N  N   . PRO A 1 89  ? 1.980   -26.970 7.451   1.00 38.08 ? 89  PRO A N   1 
ATOM   679  C  CA  . PRO A 1 89  ? 1.031   -25.865 7.362   1.00 38.07 ? 89  PRO A CA  1 
ATOM   680  C  C   . PRO A 1 89  ? 1.719   -24.521 7.497   1.00 40.04 ? 89  PRO A C   1 
ATOM   681  O  O   . PRO A 1 89  ? 2.824   -24.444 8.028   1.00 40.33 ? 89  PRO A O   1 
ATOM   682  C  CB  . PRO A 1 89  ? 0.091   -26.101 8.549   1.00 35.45 ? 89  PRO A CB  1 
ATOM   683  C  CG  . PRO A 1 89  ? 0.843   -26.964 9.494   1.00 37.78 ? 89  PRO A CG  1 
ATOM   684  C  CD  . PRO A 1 89  ? 1.848   -27.727 8.710   1.00 36.60 ? 89  PRO A CD  1 
ATOM   685  N  N   . MET A 1 90  ? 1.070   -23.479 6.995   1.00 39.31 ? 90  MET A N   1 
ATOM   686  C  CA  . MET A 1 90  ? 1.477   -22.120 7.284   1.00 38.89 ? 90  MET A CA  1 
ATOM   687  C  C   . MET A 1 90  ? 1.229   -21.836 8.753   1.00 38.25 ? 90  MET A C   1 
ATOM   688  O  O   . MET A 1 90  ? 0.287   -22.375 9.344   1.00 33.13 ? 90  MET A O   1 
ATOM   689  C  CB  . MET A 1 90  ? 0.663   -21.134 6.450   1.00 38.40 ? 90  MET A CB  1 
ATOM   690  C  CG  . MET A 1 90  ? 1.187   -20.954 5.028   1.00 42.78 ? 90  MET A CG  1 
ATOM   691  S  SD  . MET A 1 90  ? 0.360   -19.602 4.178   1.00 44.27 ? 90  MET A SD  1 
ATOM   692  C  CE  . MET A 1 90  ? 1.029   -18.225 5.078   1.00 44.14 ? 90  MET A CE  1 
ATOM   693  N  N   . THR A 1 91  ? 2.072   -20.980 9.331   1.00 34.36 ? 91  THR A N   1 
ATOM   694  C  CA  . THR A 1 91  ? 1.842   -20.474 10.679  1.00 32.54 ? 91  THR A CA  1 
ATOM   695  C  C   . THR A 1 91  ? 0.777   -19.387 10.659  1.00 31.81 ? 91  THR A C   1 
ATOM   696  O  O   . THR A 1 91  ? 0.544   -18.730 9.629   1.00 34.54 ? 91  THR A O   1 
ATOM   697  C  CB  . THR A 1 91  ? 3.139   -19.912 11.307  1.00 30.00 ? 91  THR A CB  1 
ATOM   698  O  OG1 . THR A 1 91  ? 3.574   -18.774 10.548  1.00 28.51 ? 91  THR A OG1 1 
ATOM   699  C  CG2 . THR A 1 91  ? 4.239   -20.979 11.295  1.00 29.60 ? 91  THR A CG2 1 
ATOM   700  N  N   . VAL A 1 92  ? 0.128   -19.199 11.805  1.00 33.45 ? 92  VAL A N   1 
ATOM   701  C  CA  . VAL A 1 92  ? -0.861  -18.141 11.982  1.00 32.35 ? 92  VAL A CA  1 
ATOM   702  C  C   . VAL A 1 92  ? -0.258  -16.759 11.670  1.00 29.25 ? 92  VAL A C   1 
ATOM   703  O  O   . VAL A 1 92  ? -0.892  -15.939 11.009  1.00 29.32 ? 92  VAL A O   1 
ATOM   704  C  CB  . VAL A 1 92  ? -1.474  -18.214 13.404  1.00 37.81 ? 92  VAL A CB  1 
ATOM   705  C  CG1 . VAL A 1 92  ? -2.407  -17.026 13.684  1.00 38.82 ? 92  VAL A CG1 1 
ATOM   706  C  CG2 . VAL A 1 92  ? -2.208  -19.549 13.584  1.00 38.32 ? 92  VAL A CG2 1 
ATOM   707  N  N   . ARG A 1 93  ? 1.000   -16.552 12.103  1.00 28.60 ? 93  ARG A N   1 
ATOM   708  C  CA  . ARG A 1 93  ? 1.704   -15.286 11.838  1.00 30.78 ? 93  ARG A CA  1 
ATOM   709  C  C   . ARG A 1 93  ? 1.990   -15.062 10.336  1.00 29.12 ? 93  ARG A C   1 
ATOM   710  O  O   . ARG A 1 93  ? 1.805   -13.967 9.820   1.00 23.01 ? 93  ARG A O   1 
ATOM   711  C  CB  . ARG A 1 93  ? 3.009   -15.203 12.660  1.00 34.91 ? 93  ARG A CB  1 
ATOM   712  C  CG  . ARG A 1 93  ? 3.563   -13.792 12.778  1.00 41.49 ? 93  ARG A CG  1 
ATOM   713  C  CD  . ARG A 1 93  ? 4.334   -13.550 14.034  1.00 47.12 ? 93  ARG A CD  1 
ATOM   714  N  NE  . ARG A 1 93  ? 5.150   -12.352 13.906  0.01 37.63 ? 93  ARG A NE  1 
ATOM   715  C  CZ  . ARG A 1 93  ? 5.703   -11.758 14.914  0.01 38.96 ? 93  ARG A CZ  1 
ATOM   716  N  NH1 . ARG A 1 93  ? 5.525   -12.251 16.128  0.01 39.75 ? 93  ARG A NH1 1 
ATOM   717  N  NH2 . ARG A 1 93  ? 6.459   -10.668 14.741  0.01 39.72 ? 93  ARG A NH2 1 
ATOM   718  N  N   . ALA A 1 94  ? 2.433   -16.114 9.646   1.00 23.60 ? 94  ALA A N   1 
ATOM   719  C  CA  . ALA A 1 94  ? 2.632   -16.045 8.198   1.00 26.31 ? 94  ALA A CA  1 
ATOM   720  C  C   . ALA A 1 94  ? 1.334   -15.690 7.448   1.00 24.74 ? 94  ALA A C   1 
ATOM   721  O  O   . ALA A 1 94  ? 1.365   -14.961 6.455   1.00 26.13 ? 94  ALA A O   1 
ATOM   722  C  CB  . ALA A 1 94  ? 3.200   -17.351 7.682   1.00 19.75 ? 94  ALA A CB  1 
ATOM   723  N  N   . MET A 1 95  ? 0.200   -16.205 7.932   1.00 27.80 ? 95  MET A N   1 
ATOM   724  C  CA  . MET A 1 95  ? -1.095  -15.905 7.311   1.00 27.30 ? 95  MET A CA  1 
ATOM   725  C  C   . MET A 1 95  ? -1.453  -14.443 7.505   1.00 26.63 ? 95  MET A C   1 
ATOM   726  O  O   . MET A 1 95  ? -1.773  -13.757 6.547   1.00 27.27 ? 95  MET A O   1 
ATOM   727  C  CB  . MET A 1 95  ? -2.220  -16.835 7.802   1.00 27.65 ? 95  MET A CB  1 
ATOM   728  C  CG  . MET A 1 95  ? -2.008  -18.309 7.397   1.00 30.87 ? 95  MET A CG  1 
ATOM   729  S  SD  . MET A 1 95  ? -3.399  -19.412 7.789   1.00 32.75 ? 95  MET A SD  1 
ATOM   730  C  CE  . MET A 1 95  ? -3.143  -19.629 9.555   1.00 33.77 ? 95  MET A CE  1 
ATOM   731  N  N   . LYS A 1 96  ? -1.368  -13.966 8.741   1.00 26.61 ? 96  LYS A N   1 
ATOM   732  C  CA  . LYS A 1 96  ? -1.745  -12.589 9.072   1.00 32.97 ? 96  LYS A CA  1 
ATOM   733  C  C   . LYS A 1 96  ? -0.948  -11.518 8.335   1.00 31.71 ? 96  LYS A C   1 
ATOM   734  O  O   . LYS A 1 96  ? -1.464  -10.429 8.094   1.00 36.23 ? 96  LYS A O   1 
ATOM   735  C  CB  . LYS A 1 96  ? -1.647  -12.363 10.581  1.00 33.15 ? 96  LYS A CB  1 
ATOM   736  C  CG  . LYS A 1 96  ? -2.899  -12.800 11.317  1.00 36.19 ? 96  LYS A CG  1 
ATOM   737  C  CD  . LYS A 1 96  ? -2.591  -13.313 12.720  1.00 39.27 ? 96  LYS A CD  1 
ATOM   738  C  CE  . LYS A 1 96  ? -2.651  -12.199 13.753  1.00 43.34 ? 96  LYS A CE  1 
ATOM   739  N  NZ  . LYS A 1 96  ? -2.550  -12.736 15.153  1.00 41.73 ? 96  LYS A NZ  1 
ATOM   740  N  N   . ALA A 1 97  ? 0.305   -11.834 7.999   1.00 31.24 ? 97  ALA A N   1 
ATOM   741  C  CA  . ALA A 1 97  ? 1.228   -10.901 7.365   1.00 30.20 ? 97  ALA A CA  1 
ATOM   742  C  C   . ALA A 1 97  ? 1.059   -10.881 5.836   1.00 30.38 ? 97  ALA A C   1 
ATOM   743  O  O   . ALA A 1 97  ? 2.037   -10.962 5.068   1.00 36.06 ? 97  ALA A O   1 
ATOM   744  C  CB  . ALA A 1 97  ? 2.673   -11.245 7.766   1.00 27.53 ? 97  ALA A CB  1 
ATOM   745  N  N   . GLY A 1 98  ? -0.187  -10.803 5.390   1.00 28.89 ? 98  GLY A N   1 
ATOM   746  C  CA  . GLY A 1 98  ? -0.476  -10.478 3.997   1.00 26.82 ? 98  GLY A CA  1 
ATOM   747  C  C   . GLY A 1 98  ? -0.627  -11.630 3.019   1.00 25.60 ? 98  GLY A C   1 
ATOM   748  O  O   . GLY A 1 98  ? -0.703  -11.388 1.797   1.00 26.09 ? 98  GLY A O   1 
ATOM   749  N  N   . ALA A 1 99  ? -0.693  -12.862 3.535   1.00 21.09 ? 99  ALA A N   1 
ATOM   750  C  CA  . ALA A 1 99  ? -0.966  -14.043 2.711   1.00 19.48 ? 99  ALA A CA  1 
ATOM   751  C  C   . ALA A 1 99  ? -2.325  -13.994 2.012   1.00 22.31 ? 99  ALA A C   1 
ATOM   752  O  O   . ALA A 1 99  ? -3.372  -13.876 2.654   1.00 24.94 ? 99  ALA A O   1 
ATOM   753  C  CB  . ALA A 1 99  ? -0.866  -15.337 3.546   1.00 22.05 ? 99  ALA A CB  1 
ATOM   754  N  N   . ILE A 1 100 ? -2.294  -14.124 0.694   1.00 19.69 ? 100 ILE A N   1 
ATOM   755  C  CA  . ILE A 1 100 ? -3.500  -14.215 -0.114  1.00 21.96 ? 100 ILE A CA  1 
ATOM   756  C  C   . ILE A 1 100 ? -4.004  -15.632 -0.030  1.00 18.96 ? 100 ILE A C   1 
ATOM   757  O  O   . ILE A 1 100 ? -5.178  -15.867 0.270   1.00 17.73 ? 100 ILE A O   1 
ATOM   758  C  CB  . ILE A 1 100 ? -3.214  -13.819 -1.601  1.00 22.47 ? 100 ILE A CB  1 
ATOM   759  C  CG1 . ILE A 1 100 ? -2.845  -12.332 -1.688  1.00 25.78 ? 100 ILE A CG1 1 
ATOM   760  C  CG2 . ILE A 1 100 ? -4.409  -14.132 -2.521  1.00 21.91 ? 100 ILE A CG2 1 
ATOM   761  C  CD1 . ILE A 1 100 ? -3.871  -11.385 -1.055  1.00 23.29 ? 100 ILE A CD1 1 
ATOM   762  N  N   . GLU A 1 101 ? -3.079  -16.571 -0.245  1.00 18.07 ? 101 GLU A N   1 
ATOM   763  C  CA  . GLU A 1 101 ? -3.384  -17.980 -0.384  1.00 19.38 ? 101 GLU A CA  1 
ATOM   764  C  C   . GLU A 1 101 ? -2.096  -18.809 -0.246  1.00 18.70 ? 101 GLU A C   1 
ATOM   765  O  O   . GLU A 1 101 ? -0.985  -18.301 -0.391  1.00 18.35 ? 101 GLU A O   1 
ATOM   766  C  CB  . GLU A 1 101 ? -4.044  -18.237 -1.748  1.00 26.84 ? 101 GLU A CB  1 
ATOM   767  C  CG  . GLU A 1 101 ? -4.828  -19.537 -1.830  1.00 32.24 ? 101 GLU A CG  1 
ATOM   768  C  CD  . GLU A 1 101 ? -5.895  -19.543 -2.927  1.00 36.93 ? 101 GLU A CD  1 
ATOM   769  O  OE1 . GLU A 1 101 ? -6.200  -18.471 -3.523  1.00 42.98 ? 101 GLU A OE1 1 
ATOM   770  O  OE2 . GLU A 1 101 ? -6.436  -20.633 -3.197  1.00 37.10 ? 101 GLU A OE2 1 
ATOM   771  N  N   . PHE A 1 102 ? -2.285  -20.087 0.043   1.00 18.71 ? 102 PHE A N   1 
ATOM   772  C  CA  . PHE A 1 102 ? -1.245  -21.071 0.245   1.00 16.32 ? 102 PHE A CA  1 
ATOM   773  C  C   . PHE A 1 102 ? -1.537  -22.160 -0.785  1.00 20.39 ? 102 PHE A C   1 
ATOM   774  O  O   . PHE A 1 102 ? -2.593  -22.777 -0.747  1.00 21.66 ? 102 PHE A O   1 
ATOM   775  C  CB  . PHE A 1 102 ? -1.398  -21.595 1.679   1.00 20.52 ? 102 PHE A CB  1 
ATOM   776  C  CG  . PHE A 1 102 ? -0.309  -22.496 2.133   1.00 25.41 ? 102 PHE A CG  1 
ATOM   777  C  CD1 . PHE A 1 102 ? 1.010   -22.306 1.711   1.00 25.51 ? 102 PHE A CD1 1 
ATOM   778  C  CD2 . PHE A 1 102 ? -0.585  -23.515 3.056   1.00 28.23 ? 102 PHE A CD2 1 
ATOM   779  C  CE1 . PHE A 1 102 ? 2.030   -23.128 2.172   1.00 23.48 ? 102 PHE A CE1 1 
ATOM   780  C  CE2 . PHE A 1 102 ? 0.429   -24.345 3.522   1.00 29.44 ? 102 PHE A CE2 1 
ATOM   781  C  CZ  . PHE A 1 102 ? 1.750   -24.146 3.075   1.00 25.44 ? 102 PHE A CZ  1 
ATOM   782  N  N   . LEU A 1 103 ? -0.623  -22.392 -1.719  1.00 25.44 ? 103 LEU A N   1 
ATOM   783  C  CA  . LEU A 1 103 ? -0.907  -23.298 -2.825  1.00 24.92 ? 103 LEU A CA  1 
ATOM   784  C  C   . LEU A 1 103 ? 0.167   -24.333 -2.958  1.00 26.06 ? 103 LEU A C   1 
ATOM   785  O  O   . LEU A 1 103 ? 1.315   -24.043 -2.659  1.00 26.11 ? 103 LEU A O   1 
ATOM   786  C  CB  . LEU A 1 103 ? -1.048  -22.537 -4.156  1.00 24.72 ? 103 LEU A CB  1 
ATOM   787  C  CG  . LEU A 1 103 ? -2.271  -21.639 -4.334  1.00 26.47 ? 103 LEU A CG  1 
ATOM   788  C  CD1 . LEU A 1 103 ? -2.114  -20.800 -5.609  1.00 23.74 ? 103 LEU A CD1 1 
ATOM   789  C  CD2 . LEU A 1 103 ? -3.565  -22.461 -4.366  1.00 23.81 ? 103 LEU A CD2 1 
ATOM   790  N  N   . PRO A 1 104 ? -0.208  -25.564 -3.379  1.00 32.28 ? 104 PRO A N   1 
ATOM   791  C  CA  . PRO A 1 104 ? 0.788   -26.612 -3.629  1.00 30.77 ? 104 PRO A CA  1 
ATOM   792  C  C   . PRO A 1 104 ? 1.536   -26.465 -4.956  1.00 35.69 ? 104 PRO A C   1 
ATOM   793  O  O   . PRO A 1 104 ? 1.026   -25.865 -5.916  1.00 32.13 ? 104 PRO A O   1 
ATOM   794  C  CB  . PRO A 1 104 ? -0.051  -27.898 -3.657  1.00 30.51 ? 104 PRO A CB  1 
ATOM   795  C  CG  . PRO A 1 104 ? -1.393  -27.463 -4.124  1.00 30.65 ? 104 PRO A CG  1 
ATOM   796  C  CD  . PRO A 1 104 ? -1.592  -26.051 -3.588  1.00 29.94 ? 104 PRO A CD  1 
ATOM   797  N  N   . LYS A 1 105 ? 2.745   -27.012 -4.992  1.00 31.55 ? 105 LYS A N   1 
ATOM   798  C  CA  . LYS A 1 105 ? 3.434   -27.253 -6.239  1.00 35.72 ? 105 LYS A CA  1 
ATOM   799  C  C   . LYS A 1 105 ? 3.341   -28.753 -6.423  1.00 39.32 ? 105 LYS A C   1 
ATOM   800  O  O   . LYS A 1 105 ? 3.609   -29.484 -5.479  1.00 41.60 ? 105 LYS A O   1 
ATOM   801  C  CB  . LYS A 1 105 ? 4.904   -26.835 -6.143  1.00 33.31 ? 105 LYS A CB  1 
ATOM   802  C  CG  . LYS A 1 105 ? 5.132   -25.336 -6.246  1.00 31.07 ? 105 LYS A CG  1 
ATOM   803  C  CD  . LYS A 1 105 ? 6.619   -24.976 -6.327  1.00 27.09 ? 105 LYS A CD  1 
ATOM   804  C  CE  . LYS A 1 105 ? 7.268   -24.866 -4.964  1.00 23.28 ? 105 LYS A CE  1 
ATOM   805  N  NZ  . LYS A 1 105 ? 8.732   -24.673 -5.104  1.00 20.92 ? 105 LYS A NZ  1 
ATOM   806  N  N   . PRO A 1 106 ? 2.926   -29.224 -7.618  1.00 42.57 ? 106 PRO A N   1 
ATOM   807  C  CA  . PRO A 1 106 ? 2.419   -28.455 -8.761  1.00 42.77 ? 106 PRO A CA  1 
ATOM   808  C  C   . PRO A 1 106 ? 1.045   -27.859 -8.496  1.00 40.34 ? 106 PRO A C   1 
ATOM   809  O  O   . PRO A 1 106 ? 0.244   -28.422 -7.739  1.00 41.76 ? 106 PRO A O   1 
ATOM   810  C  CB  . PRO A 1 106 ? 2.334   -29.500 -9.887  1.00 44.86 ? 106 PRO A CB  1 
ATOM   811  C  CG  . PRO A 1 106 ? 3.133   -30.690 -9.381  1.00 45.97 ? 106 PRO A CG  1 
ATOM   812  C  CD  . PRO A 1 106 ? 2.970   -30.669 -7.913  1.00 41.60 ? 106 PRO A CD  1 
ATOM   813  N  N   . PHE A 1 107 ? 0.794   -26.703 -9.099  1.00 45.04 ? 107 PHE A N   1 
ATOM   814  C  CA  . PHE A 1 107 ? -0.441  -25.966 -8.849  1.00 48.60 ? 107 PHE A CA  1 
ATOM   815  C  C   . PHE A 1 107 ? -1.369  -25.990 -10.041 1.00 47.01 ? 107 PHE A C   1 
ATOM   816  O  O   . PHE A 1 107 ? -0.945  -26.150 -11.185 1.00 44.65 ? 107 PHE A O   1 
ATOM   817  C  CB  . PHE A 1 107 ? -0.172  -24.509 -8.431  1.00 50.85 ? 107 PHE A CB  1 
ATOM   818  C  CG  . PHE A 1 107 ? 0.994   -23.886 -9.134  1.00 51.68 ? 107 PHE A CG  1 
ATOM   819  C  CD1 . PHE A 1 107 ? 0.927   -23.578 -10.491 1.00 52.15 ? 107 PHE A CD1 1 
ATOM   820  C  CD2 . PHE A 1 107 ? 2.168   -23.615 -8.441  1.00 52.63 ? 107 PHE A CD2 1 
ATOM   821  C  CE1 . PHE A 1 107 ? 2.013   -23.021 -11.144 1.00 51.53 ? 107 PHE A CE1 1 
ATOM   822  C  CE2 . PHE A 1 107 ? 3.266   -23.048 -9.089  1.00 51.28 ? 107 PHE A CE2 1 
ATOM   823  C  CZ  . PHE A 1 107 ? 3.186   -22.753 -10.436 1.00 51.64 ? 107 PHE A CZ  1 
ATOM   824  N  N   . GLU A 1 108 ? -2.648  -25.857 -9.721  1.00 47.68 ? 108 GLU A N   1 
ATOM   825  C  CA  . GLU A 1 108 ? -3.686  -25.586 -10.676 1.00 48.79 ? 108 GLU A CA  1 
ATOM   826  C  C   . GLU A 1 108 ? -3.399  -24.174 -11.178 1.00 45.81 ? 108 GLU A C   1 
ATOM   827  O  O   . GLU A 1 108 ? -3.322  -23.230 -10.384 1.00 40.78 ? 108 GLU A O   1 
ATOM   828  C  CB  . GLU A 1 108 ? -5.037  -25.651 -9.957  1.00 51.91 ? 108 GLU A CB  1 
ATOM   829  C  CG  . GLU A 1 108 ? -6.247  -25.711 -10.861 1.00 58.54 ? 108 GLU A CG  1 
ATOM   830  C  CD  . GLU A 1 108 ? -7.516  -25.199 -10.196 1.00 60.96 ? 108 GLU A CD  1 
ATOM   831  O  OE1 . GLU A 1 108 ? -7.801  -25.610 -9.040  1.00 62.81 ? 108 GLU A OE1 1 
ATOM   832  O  OE2 . GLU A 1 108 ? -8.228  -24.389 -10.839 1.00 61.07 ? 108 GLU A OE2 1 
ATOM   833  N  N   . GLU A 1 109 ? -3.207  -24.051 -12.489 1.00 43.19 ? 109 GLU A N   1 
ATOM   834  C  CA  . GLU A 1 109 ? -2.946  -22.762 -13.144 1.00 41.58 ? 109 GLU A CA  1 
ATOM   835  C  C   . GLU A 1 109 ? -3.967  -21.696 -12.777 1.00 36.71 ? 109 GLU A C   1 
ATOM   836  O  O   . GLU A 1 109 ? -3.588  -20.562 -12.475 1.00 33.71 ? 109 GLU A O   1 
ATOM   837  C  CB  . GLU A 1 109 ? -2.902  -22.917 -14.668 1.00 45.46 ? 109 GLU A CB  1 
ATOM   838  C  CG  . GLU A 1 109 ? -1.646  -23.607 -15.202 1.00 49.71 ? 109 GLU A CG  1 
ATOM   839  C  CD  . GLU A 1 109 ? -1.519  -23.510 -16.727 1.00 52.15 ? 109 GLU A CD  1 
ATOM   840  O  OE1 . GLU A 1 109 ? -2.550  -23.288 -17.413 1.00 53.32 ? 109 GLU A OE1 1 
ATOM   841  O  OE2 . GLU A 1 109 ? -0.384  -23.659 -17.237 1.00 53.92 ? 109 GLU A OE2 1 
ATOM   842  N  N   . GLN A 1 110 ? -5.248  -22.075 -12.774 1.00 29.22 ? 110 GLN A N   1 
ATOM   843  C  CA  . GLN A 1 110 ? -6.356  -21.139 -12.563 1.00 31.15 ? 110 GLN A CA  1 
ATOM   844  C  C   . GLN A 1 110 ? -6.465  -20.648 -11.109 1.00 26.86 ? 110 GLN A C   1 
ATOM   845  O  O   . GLN A 1 110 ? -6.687  -19.469 -10.861 1.00 29.90 ? 110 GLN A O   1 
ATOM   846  C  CB  . GLN A 1 110 ? -7.681  -21.759 -13.048 1.00 32.03 ? 110 GLN A CB  1 
ATOM   847  C  CG  . GLN A 1 110 ? -8.883  -20.791 -13.104 1.00 36.87 ? 110 GLN A CG  1 
ATOM   848  C  CD  . GLN A 1 110 ? -8.637  -19.593 -14.016 1.00 40.84 ? 110 GLN A CD  1 
ATOM   849  O  OE1 . GLN A 1 110 ? -8.154  -19.730 -15.146 1.00 41.54 ? 110 GLN A OE1 1 
ATOM   850  N  NE2 . GLN A 1 110 ? -8.952  -18.400 -13.514 1.00 43.03 ? 110 GLN A NE2 1 
ATOM   851  N  N   . ALA A 1 111 ? -6.315  -21.573 -10.171 1.00 24.64 ? 111 ALA A N   1 
ATOM   852  C  CA  . ALA A 1 111 ? -6.158  -21.282 -8.749  1.00 25.62 ? 111 ALA A CA  1 
ATOM   853  C  C   . ALA A 1 111 ? -5.039  -20.257 -8.526  1.00 24.74 ? 111 ALA A C   1 
ATOM   854  O  O   . ALA A 1 111 ? -5.224  -19.277 -7.798  1.00 25.77 ? 111 ALA A O   1 
ATOM   855  C  CB  . ALA A 1 111 ? -5.836  -22.567 -8.012  1.00 18.21 ? 111 ALA A CB  1 
ATOM   856  N  N   . LEU A 1 112 ? -3.891  -20.470 -9.168  1.00 22.82 ? 112 LEU A N   1 
ATOM   857  C  CA  . LEU A 1 112 ? -2.775  -19.533 -9.022  1.00 26.56 ? 112 LEU A CA  1 
ATOM   858  C  C   . LEU A 1 112 ? -3.157  -18.155 -9.596  1.00 27.95 ? 112 LEU A C   1 
ATOM   859  O  O   . LEU A 1 112 ? -3.073  -17.149 -8.887  1.00 23.47 ? 112 LEU A O   1 
ATOM   860  C  CB  . LEU A 1 112 ? -1.495  -20.094 -9.646  1.00 27.32 ? 112 LEU A CB  1 
ATOM   861  C  CG  . LEU A 1 112 ? -0.278  -19.161 -9.780  1.00 31.52 ? 112 LEU A CG  1 
ATOM   862  C  CD1 . LEU A 1 112 ? 0.275   -18.689 -8.436  1.00 30.52 ? 112 LEU A CD1 1 
ATOM   863  C  CD2 . LEU A 1 112 ? 0.780   -19.871 -10.557 1.00 34.00 ? 112 LEU A CD2 1 
ATOM   864  N  N   . LEU A 1 113 ? -3.634  -18.130 -10.845 1.00 24.08 ? 113 LEU A N   1 
ATOM   865  C  CA  . LEU A 1 113 ? -4.138  -16.887 -11.499 1.00 29.02 ? 113 LEU A CA  1 
ATOM   866  C  C   . LEU A 1 113 ? -5.205  -16.117 -10.706 1.00 25.21 ? 113 LEU A C   1 
ATOM   867  O  O   . LEU A 1 113 ? -5.134  -14.894 -10.607 1.00 25.41 ? 113 LEU A O   1 
ATOM   868  C  CB  . LEU A 1 113 ? -4.697  -17.190 -12.901 1.00 29.69 ? 113 LEU A CB  1 
ATOM   869  C  CG  . LEU A 1 113 ? -3.737  -17.711 -13.979 1.00 35.50 ? 113 LEU A CG  1 
ATOM   870  C  CD1 . LEU A 1 113 ? -4.508  -18.058 -15.265 1.00 33.93 ? 113 LEU A CD1 1 
ATOM   871  C  CD2 . LEU A 1 113 ? -2.607  -16.709 -14.270 1.00 34.18 ? 113 LEU A CD2 1 
ATOM   872  N  N   . ASP A 1 114 ? -6.205  -16.833 -10.175 1.00 22.94 ? 114 ASP A N   1 
ATOM   873  C  CA  . ASP A 1 114 ? -7.208  -16.231 -9.300  1.00 26.16 ? 114 ASP A CA  1 
ATOM   874  C  C   . ASP A 1 114 ? -6.575  -15.559 -8.066  1.00 21.53 ? 114 ASP A C   1 
ATOM   875  O  O   . ASP A 1 114 ? -7.023  -14.502 -7.651  1.00 26.26 ? 114 ASP A O   1 
ATOM   876  C  CB  . ASP A 1 114 ? -8.230  -17.265 -8.800  1.00 31.65 ? 114 ASP A CB  1 
ATOM   877  C  CG  . ASP A 1 114 ? -9.145  -17.830 -9.914  1.00 35.54 ? 114 ASP A CG  1 
ATOM   878  O  OD1 . ASP A 1 114 ? -9.142  -17.339 -11.072 1.00 33.32 ? 114 ASP A OD1 1 
ATOM   879  O  OD2 . ASP A 1 114 ? -9.875  -18.805 -9.598  1.00 35.18 ? 114 ASP A OD2 1 
ATOM   880  N  N   . ALA A 1 115 ? -5.565  -16.192 -7.476  1.00 16.82 ? 115 ALA A N   1 
ATOM   881  C  CA  . ALA A 1 115 ? -4.917  -15.657 -6.273  1.00 20.54 ? 115 ALA A CA  1 
ATOM   882  C  C   . ALA A 1 115 ? -4.162  -14.372 -6.600  1.00 17.27 ? 115 ALA A C   1 
ATOM   883  O  O   . ALA A 1 115 ? -4.241  -13.374 -5.870  1.00 19.51 ? 115 ALA A O   1 
ATOM   884  C  CB  . ALA A 1 115 ? -3.978  -16.698 -5.660  1.00 16.62 ? 115 ALA A CB  1 
ATOM   885  N  N   . ILE A 1 116 ? -3.437  -14.404 -7.709  1.00 17.25 ? 116 ILE A N   1 
ATOM   886  C  CA  . ILE A 1 116 ? -2.699  -13.247 -8.185  1.00 22.85 ? 116 ILE A CA  1 
ATOM   887  C  C   . ILE A 1 116 ? -3.607  -12.065 -8.544  1.00 24.80 ? 116 ILE A C   1 
ATOM   888  O  O   . ILE A 1 116 ? -3.263  -10.915 -8.271  1.00 29.72 ? 116 ILE A O   1 
ATOM   889  C  CB  . ILE A 1 116 ? -1.749  -13.637 -9.332  1.00 26.15 ? 116 ILE A CB  1 
ATOM   890  C  CG1 . ILE A 1 116 ? -0.492  -14.283 -8.757  1.00 26.49 ? 116 ILE A CG1 1 
ATOM   891  C  CG2 . ILE A 1 116 ? -1.330  -12.421 -10.164 1.00 29.20 ? 116 ILE A CG2 1 
ATOM   892  C  CD1 . ILE A 1 116 ? 0.097   -15.321 -9.657  1.00 31.50 ? 116 ILE A CD1 1 
ATOM   893  N  N   . GLU A 1 117 ? -4.769  -12.333 -9.111  1.00 25.07 ? 117 GLU A N   1 
ATOM   894  C  CA  . GLU A 1 117 ? -5.752  -11.304 -9.461  1.00 28.66 ? 117 GLU A CA  1 
ATOM   895  C  C   . GLU A 1 117 ? -6.257  -10.676 -8.165  1.00 30.16 ? 117 GLU A C   1 
ATOM   896  O  O   . GLU A 1 117 ? -6.373  -9.451  -8.032  1.00 27.80 ? 117 GLU A O   1 
ATOM   897  C  CB  . GLU A 1 117 ? -6.851  -11.946 -10.324 1.00 31.12 ? 117 GLU A CB  1 
ATOM   898  C  CG  . GLU A 1 117 ? -8.126  -11.135 -10.517 0.01 35.41 ? 117 GLU A CG  1 
ATOM   899  C  CD  . GLU A 1 117 ? -9.217  -11.971 -11.167 0.01 36.76 ? 117 GLU A CD  1 
ATOM   900  O  OE1 . GLU A 1 117 ? -8.903  -12.755 -12.081 0.01 37.54 ? 117 GLU A OE1 1 
ATOM   901  O  OE2 . GLU A 1 117 ? -10.393 -11.836 -10.766 0.01 37.64 ? 117 GLU A OE2 1 
ATOM   902  N  N   . GLN A 1 118 ? -6.565  -11.550 -7.210  1.00 27.47 ? 118 GLN A N   1 
ATOM   903  C  CA  . GLN A 1 118 ? -6.952  -11.124 -5.883  1.00 29.71 ? 118 GLN A CA  1 
ATOM   904  C  C   . GLN A 1 118 ? -5.854  -10.258 -5.282  1.00 26.44 ? 118 GLN A C   1 
ATOM   905  O  O   . GLN A 1 118 ? -6.129  -9.179  -4.777  1.00 26.74 ? 118 GLN A O   1 
ATOM   906  C  CB  . GLN A 1 118 ? -7.255  -12.347 -5.002  1.00 34.15 ? 118 GLN A CB  1 
ATOM   907  C  CG  . GLN A 1 118 ? -8.320  -12.107 -3.995  1.00 42.22 ? 118 GLN A CG  1 
ATOM   908  C  CD  . GLN A 1 118 ? -9.630  -11.664 -4.639  1.00 47.72 ? 118 GLN A CD  1 
ATOM   909  O  OE1 . GLN A 1 118 ? -10.225 -12.413 -5.415  1.00 50.96 ? 118 GLN A OE1 1 
ATOM   910  N  NE2 . GLN A 1 118 ? -10.072 -10.433 -4.337  1.00 45.64 ? 118 GLN A NE2 1 
ATOM   911  N  N   . GLY A 1 119 ? -4.599  -10.699 -5.397  1.00 24.87 ? 119 GLY A N   1 
ATOM   912  C  CA  . GLY A 1 119 ? -3.477  -9.949  -4.834  1.00 24.84 ? 119 GLY A CA  1 
ATOM   913  C  C   . GLY A 1 119 ? -3.277  -8.583  -5.478  1.00 25.14 ? 119 GLY A C   1 
ATOM   914  O  O   . GLY A 1 119 ? -3.039  -7.594  -4.789  1.00 22.86 ? 119 GLY A O   1 
ATOM   915  N  N   . LEU A 1 120 ? -3.382  -8.515  -6.798  1.00 24.15 ? 120 LEU A N   1 
ATOM   916  C  CA  . LEU A 1 120 ? -3.195  -7.239  -7.480  1.00 30.25 ? 120 LEU A CA  1 
ATOM   917  C  C   . LEU A 1 120 ? -4.241  -6.228  -7.017  1.00 27.30 ? 120 LEU A C   1 
ATOM   918  O  O   . LEU A 1 120 ? -3.899  -5.086  -6.728  1.00 30.12 ? 120 LEU A O   1 
ATOM   919  C  CB  . LEU A 1 120 ? -3.164  -7.386  -9.010  1.00 30.02 ? 120 LEU A CB  1 
ATOM   920  C  CG  . LEU A 1 120 ? -1.887  -8.077  -9.529  1.00 32.90 ? 120 LEU A CG  1 
ATOM   921  C  CD1 . LEU A 1 120 ? -2.128  -8.801  -10.853 1.00 32.12 ? 120 LEU A CD1 1 
ATOM   922  C  CD2 . LEU A 1 120 ? -0.615  -7.171  -9.607  1.00 28.13 ? 120 LEU A CD2 1 
ATOM   923  N  N   . GLN A 1 121 ? -5.495  -6.657  -6.901  1.00 33.96 ? 121 GLN A N   1 
ATOM   924  C  CA  . GLN A 1 121 ? -6.569  -5.762  -6.437  1.00 34.74 ? 121 GLN A CA  1 
ATOM   925  C  C   . GLN A 1 121 ? -6.318  -5.276  -5.003  1.00 35.04 ? 121 GLN A C   1 
ATOM   926  O  O   . GLN A 1 121 ? -6.540  -4.109  -4.702  1.00 31.73 ? 121 GLN A O   1 
ATOM   927  C  CB  . GLN A 1 121 ? -7.951  -6.436  -6.568  1.00 40.28 ? 121 GLN A CB  1 
ATOM   928  C  CG  . GLN A 1 121 ? -9.162  -5.565  -6.145  1.00 45.87 ? 121 GLN A CG  1 
ATOM   929  C  CD  . GLN A 1 121 ? -9.437  -4.347  -7.058  1.00 50.38 ? 121 GLN A CD  1 
ATOM   930  O  OE1 . GLN A 1 121 ? -8.554  -3.525  -7.322  1.00 52.71 ? 121 GLN A OE1 1 
ATOM   931  N  NE2 . GLN A 1 121 ? -10.682 -4.221  -7.512  1.00 51.88 ? 121 GLN A NE2 1 
ATOM   932  N  N   . LEU A 1 122 ? -5.838  -6.162  -4.130  1.00 29.23 ? 122 LEU A N   1 
ATOM   933  C  CA  . LEU A 1 122 ? -5.513  -5.769  -2.772  1.00 26.74 ? 122 LEU A CA  1 
ATOM   934  C  C   . LEU A 1 122 ? -4.308  -4.858  -2.736  1.00 29.47 ? 122 LEU A C   1 
ATOM   935  O  O   . LEU A 1 122 ? -4.208  -4.018  -1.854  1.00 29.44 ? 122 LEU A O   1 
ATOM   936  C  CB  . LEU A 1 122 ? -5.277  -6.976  -1.883  1.00 32.98 ? 122 LEU A CB  1 
ATOM   937  C  CG  . LEU A 1 122 ? -6.537  -7.593  -1.290  1.00 34.43 ? 122 LEU A CG  1 
ATOM   938  C  CD1 . LEU A 1 122 ? -6.307  -9.034  -1.012  1.00 34.21 ? 122 LEU A CD1 1 
ATOM   939  C  CD2 . LEU A 1 122 ? -6.927  -6.841  -0.009  1.00 37.87 ? 122 LEU A CD2 1 
ATOM   940  N  N   . ASN A 1 123 ? -3.396  -5.016  -3.695  1.00 26.09 ? 123 ASN A N   1 
ATOM   941  C  CA  . ASN A 1 123 ? -2.244  -4.128  -3.769  1.00 26.61 ? 123 ASN A CA  1 
ATOM   942  C  C   . ASN A 1 123 ? -2.653  -2.743  -4.257  1.00 27.07 ? 123 ASN A C   1 
ATOM   943  O  O   . ASN A 1 123 ? -2.233  -1.746  -3.676  1.00 30.51 ? 123 ASN A O   1 
ATOM   944  C  CB  . ASN A 1 123 ? -1.143  -4.695  -4.660  1.00 20.63 ? 123 ASN A CB  1 
ATOM   945  C  CG  . ASN A 1 123 ? 0.154   -3.915  -4.544  1.00 21.69 ? 123 ASN A CG  1 
ATOM   946  O  OD1 . ASN A 1 123 ? 0.672   -3.375  -5.533  1.00 21.96 ? 123 ASN A OD1 1 
ATOM   947  N  ND2 . ASN A 1 123 ? 0.704   -3.876  -3.343  1.00 14.84 ? 123 ASN A ND2 1 
ATOM   948  N  N   . ALA A 1 124 ? -3.460  -2.700  -5.318  1.00 29.23 ? 124 ALA A N   1 
ATOM   949  C  CA  . ALA A 1 124 ? -3.994  -1.449  -5.871  1.00 33.19 ? 124 ALA A CA  1 
ATOM   950  C  C   . ALA A 1 124 ? -4.693  -0.629  -4.776  1.00 35.80 ? 124 ALA A C   1 
ATOM   951  O  O   . ALA A 1 124 ? -4.410  0.562   -4.583  1.00 32.56 ? 124 ALA A O   1 
ATOM   952  C  CB  . ALA A 1 124 ? -4.957  -1.749  -7.018  1.00 29.76 ? 124 ALA A CB  1 
ATOM   953  N  N   . GLU A 1 125 ? -5.580  -1.293  -4.044  1.00 38.70 ? 125 GLU A N   1 
ATOM   954  C  CA  . GLU A 1 125 ? -6.310  -0.671  -2.946  1.00 42.49 ? 125 GLU A CA  1 
ATOM   955  C  C   . GLU A 1 125 ? -5.398  -0.124  -1.861  1.00 42.92 ? 125 GLU A C   1 
ATOM   956  O  O   . GLU A 1 125 ? -5.535  1.031   -1.460  1.00 39.62 ? 125 GLU A O   1 
ATOM   957  C  CB  . GLU A 1 125 ? -7.293  -1.654  -2.329  1.00 43.57 ? 125 GLU A CB  1 
ATOM   958  C  CG  . GLU A 1 125 ? -8.545  -1.871  -3.157  1.00 47.28 ? 125 GLU A CG  1 
ATOM   959  C  CD  . GLU A 1 125 ? -9.371  -3.010  -2.617  1.00 49.50 ? 125 GLU A CD  1 
ATOM   960  O  OE1 . GLU A 1 125 ? -9.186  -3.370  -1.429  1.00 50.34 ? 125 GLU A OE1 1 
ATOM   961  O  OE2 . GLU A 1 125 ? -10.191 -3.555  -3.385  1.00 52.60 ? 125 GLU A OE2 1 
ATOM   962  N  N   . ARG A 1 126 ? -4.484  -0.969  -1.381  1.00 44.12 ? 126 ARG A N   1 
ATOM   963  C  CA  . ARG A 1 126 ? -3.499  -0.603  -0.336  1.00 42.17 ? 126 ARG A CA  1 
ATOM   964  C  C   . ARG A 1 126 ? -2.670  0.587   -0.747  1.00 43.87 ? 126 ARG A C   1 
ATOM   965  O  O   . ARG A 1 126 ? -2.463  1.519   0.041   1.00 42.44 ? 126 ARG A O   1 
ATOM   966  C  CB  . ARG A 1 126 ? -2.582  -1.812  -0.025  1.00 44.03 ? 126 ARG A CB  1 
ATOM   967  C  CG  . ARG A 1 126 ? -1.962  -1.893  1.350   1.00 46.21 ? 126 ARG A CG  1 
ATOM   968  C  CD  . ARG A 1 126 ? -1.539  -3.333  1.615   0.01 59.98 ? 126 ARG A CD  1 
ATOM   969  N  NE  . ARG A 1 126 ? -2.685  -4.222  1.618   0.01 62.35 ? 126 ARG A NE  1 
ATOM   970  C  CZ  . ARG A 1 126 ? -3.698  -4.051  2.462   0.01 63.60 ? 126 ARG A CZ  1 
ATOM   971  N  NH1 . ARG A 1 126 ? -3.683  -3.050  3.331   0.01 64.36 ? 126 ARG A NH1 1 
ATOM   972  N  NH2 . ARG A 1 126 ? -4.731  -4.883  2.437   0.01 64.39 ? 126 ARG A NH2 1 
ATOM   973  N  N   . ARG A 1 127 ? -2.168  0.553   -1.982  1.00 42.20 ? 127 ARG A N   1 
ATOM   974  C  CA  . ARG A 1 127 ? -1.353  1.643   -2.517  1.00 45.67 ? 127 ARG A CA  1 
ATOM   975  C  C   . ARG A 1 127 ? -2.116  2.969   -2.612  1.00 47.32 ? 127 ARG A C   1 
ATOM   976  O  O   . ARG A 1 127 ? -1.547  4.035   -2.348  1.00 45.98 ? 127 ARG A O   1 
ATOM   977  C  CB  . ARG A 1 127 ? -0.779  1.279   -3.883  1.00 45.33 ? 127 ARG A CB  1 
ATOM   978  C  CG  . ARG A 1 127 ? 0.491   0.438   -3.809  1.00 50.98 ? 127 ARG A CG  1 
ATOM   979  C  CD  . ARG A 1 127 ? 0.915   -0.084  -5.171  1.00 51.56 ? 127 ARG A CD  1 
ATOM   980  N  NE  . ARG A 1 127 ? 1.147   0.986   -6.142  1.00 55.18 ? 127 ARG A NE  1 
ATOM   981  C  CZ  . ARG A 1 127 ? 0.296   1.346   -7.102  1.00 55.49 ? 127 ARG A CZ  1 
ATOM   982  N  NH1 . ARG A 1 127 ? -0.872  0.715   -7.252  1.00 54.75 ? 127 ARG A NH1 1 
ATOM   983  N  NH2 . ARG A 1 127 ? 0.624   2.335   -7.924  1.00 53.77 ? 127 ARG A NH2 1 
ATOM   984  N  N   . GLN A 1 128 ? -3.390  2.893   -2.996  1.00 45.92 ? 128 GLN A N   1 
ATOM   985  C  CA  . GLN A 1 128 ? -4.263  4.067   -3.084  1.00 46.04 ? 128 GLN A CA  1 
ATOM   986  C  C   . GLN A 1 128 ? -4.448  4.723   -1.719  1.00 46.94 ? 128 GLN A C   1 
ATOM   987  O  O   . GLN A 1 128 ? -4.383  5.943   -1.611  1.00 45.86 ? 128 GLN A O   1 
ATOM   988  C  CB  . GLN A 1 128 ? -5.622  3.694   -3.681  1.00 47.22 ? 128 GLN A CB  1 
ATOM   989  C  CG  . GLN A 1 128 ? -5.848  3.256   -5.160  0.01 62.33 ? 128 GLN A CG  1 
ATOM   990  C  CD  . GLN A 1 128 ? -7.028  2.326   -5.554  0.01 64.21 ? 128 GLN A CD  1 
ATOM   991  O  OE1 . GLN A 1 128 ? -7.975  2.129   -4.781  0.01 66.18 ? 128 GLN A OE1 1 
ATOM   992  N  NE2 . GLN A 1 128 ? -6.960  1.767   -6.763  0.01 64.05 ? 128 GLN A NE2 1 
ATOM   993  N  N   . ALA A 1 129 ? -4.666  3.906   -0.687  1.00 43.88 ? 129 ALA A N   1 
ATOM   994  C  CA  . ALA A 1 129 ? -4.773  4.379   0.691   1.00 47.24 ? 129 ALA A CA  1 
ATOM   995  C  C   . ALA A 1 129 ? -3.451  4.916   1.254   1.00 51.14 ? 129 ALA A C   1 
ATOM   996  O  O   . ALA A 1 129 ? -3.448  5.629   2.264   1.00 55.28 ? 129 ALA A O   1 
ATOM   997  C  CB  . ALA A 1 129 ? -5.311  3.271   1.592   1.00 45.64 ? 129 ALA A CB  1 
ATOM   998  N  N   . ARG A 1 130 ? -2.355  4.591   0.604   1.00 51.84 ? 130 ARG A N   1 
ATOM   999  C  CA  . ARG A 1 130 ? -0.982  5.038   0.962   1.00 51.68 ? 130 ARG A CA  1 
ATOM   1000 C  C   . ARG A 1 130 ? -0.724  6.396   0.324   1.00 50.36 ? 130 ARG A C   1 
ATOM   1001 O  O   . ARG A 1 130 ? -0.271  7.329   0.963   1.00 49.36 ? 130 ARG A O   1 
ATOM   1002 C  CB  . ARG A 1 130 ? 0.116   4.133   0.357   1.00 52.24 ? 130 ARG A CB  1 
ATOM   1003 C  CG  . ARG A 1 130 ? 0.395   2.783   1.028   0.01 70.10 ? 130 ARG A CG  1 
ATOM   1004 C  CD  . ARG A 1 130 ? 1.388   1.929   0.284   0.01 71.32 ? 130 ARG A CD  1 
ATOM   1005 N  NE  . ARG A 1 130 ? 1.553   0.616   0.916   0.01 74.72 ? 130 ARG A NE  1 
ATOM   1006 C  CZ  . ARG A 1 130 ? 1.801   -0.521  0.268   0.01 76.11 ? 130 ARG A CZ  1 
ATOM   1007 N  NH1 . ARG A 1 130 ? 1.943   -0.526  -1.052  0.01 76.78 ? 130 ARG A NH1 1 
ATOM   1008 N  NH2 . ARG A 1 130 ? 1.891   -1.658  0.945   0.01 76.04 ? 130 ARG A NH2 1 
ATOM   1009 N  N   . GLU A 1 131 ? -1.026  6.472   -0.970  1.00 48.42 ? 131 GLU A N   1 
ATOM   1010 C  CA  . GLU A 1 131 ? -0.888  7.704   -1.736  1.00 51.13 ? 131 GLU A CA  1 
ATOM   1011 C  C   . GLU A 1 131 ? -1.792  8.825   -1.186  1.00 55.13 ? 131 GLU A C   1 
ATOM   1012 O  O   . GLU A 1 131 ? -1.390  10.000  -1.145  1.00 55.02 ? 131 GLU A O   1 
ATOM   1013 C  CB  . GLU A 1 131 ? -1.186  7.450   -3.219  1.00 50.08 ? 131 GLU A CB  1 
ATOM   1014 C  CG  . GLU A 1 131 ? -0.137  6.705   -3.979  0.01 65.78 ? 131 GLU A CG  1 
ATOM   1015 C  CD  . GLU A 1 131 ? -0.567  6.136   -5.332  0.01 66.39 ? 131 GLU A CD  1 
ATOM   1016 O  OE1 . GLU A 1 131 ? -1.757  5.778   -5.503  0.01 67.62 ? 131 GLU A OE1 1 
ATOM   1017 O  OE2 . GLU A 1 131 ? 0.298   6.028   -6.229  0.01 65.79 ? 131 GLU A OE2 1 
ATOM   1018 N  N   . THR A 1 132 ? -2.997  8.453   -0.753  1.00 54.36 ? 132 THR A N   1 
ATOM   1019 C  CA  . THR A 1 132 ? -3.959  9.408   -0.207  1.00 56.70 ? 132 THR A CA  1 
ATOM   1020 C  C   . THR A 1 132 ? -3.472  10.025  1.104   1.00 57.54 ? 132 THR A C   1 
ATOM   1021 O  O   . THR A 1 132 ? -3.442  11.244  1.228   1.00 60.95 ? 132 THR A O   1 
ATOM   1022 C  CB  . THR A 1 132 ? -5.366  8.781   -0.039  1.00 55.66 ? 132 THR A CB  1 
ATOM   1023 O  OG1 . THR A 1 132 ? -5.826  8.310   -1.312  1.00 52.81 ? 132 THR A OG1 1 
ATOM   1024 C  CG2 . THR A 1 132 ? -6.365  9.804   0.506   1.00 55.48 ? 132 THR A CG2 1 
ATOM   1025 N  N   . GLN A 1 133 ? -3.085  9.185   2.063   1.00 59.27 ? 133 GLN A N   1 
ATOM   1026 C  CA  . GLN A 1 133 ? -2.504  9.561   3.376   1.00 58.11 ? 133 GLN A CA  1 
ATOM   1027 C  C   . GLN A 1 133 ? -1.241  10.403  3.208   1.00 59.30 ? 133 GLN A C   1 
ATOM   1028 O  O   . GLN A 1 133 ? -0.996  11.327  3.979   1.00 58.02 ? 133 GLN A O   1 
ATOM   1029 C  CB  . GLN A 1 133 ? -2.074  8.312   4.150   1.00 57.49 ? 133 GLN A CB  1 
ATOM   1030 C  CG  . GLN A 1 133 ? -2.896  7.875   5.347   0.01 70.81 ? 133 GLN A CG  1 
ATOM   1031 C  CD  . GLN A 1 133 ? -2.262  6.727   6.146   0.01 71.93 ? 133 GLN A CD  1 
ATOM   1032 O  OE1 . GLN A 1 133 ? -1.249  6.906   6.835   0.01 72.43 ? 133 GLN A OE1 1 
ATOM   1033 N  NE2 . GLN A 1 133 ? -2.688  5.483   6.203   0.01 72.79 ? 133 GLN A NE2 1 
ATOM   1034 N  N   . ASP A 1 134 ? -0.475  10.054  2.175   1.00 59.69 ? 134 ASP A N   1 
ATOM   1035 C  CA  . ASP A 1 134 ? 0.765   10.752  1.849   1.00 60.96 ? 134 ASP A CA  1 
ATOM   1036 C  C   . ASP A 1 134 ? 0.453   12.153  1.329   1.00 61.02 ? 134 ASP A C   1 
ATOM   1037 O  O   . ASP A 1 134 ? 1.066   13.135  1.760   1.00 60.13 ? 134 ASP A O   1 
ATOM   1038 C  CB  . ASP A 1 134 ? 1.632   9.943   0.864   1.00 61.19 ? 134 ASP A CB  1 
ATOM   1039 C  CG  . ASP A 1 134 ? 2.443   8.823   1.532   0.01 70.46 ? 134 ASP A CG  1 
ATOM   1040 O  OD1 . ASP A 1 134 ? 2.173   8.543   2.715   0.01 70.85 ? 134 ASP A OD1 1 
ATOM   1041 O  OD2 . ASP A 1 134 ? 3.327   8.243   0.881   0.01 69.83 ? 134 ASP A OD2 1 
ATOM   1042 N  N   . GLN A 1 135 ? -0.509  12.229  0.410   1.00 59.10 ? 135 GLN A N   1 
ATOM   1043 C  CA  . GLN A 1 135 ? -0.982  13.480  -0.159  1.00 58.68 ? 135 GLN A CA  1 
ATOM   1044 C  C   . GLN A 1 135 ? -1.589  14.410  0.915   1.00 57.66 ? 135 GLN A C   1 
ATOM   1045 O  O   . GLN A 1 135 ? -1.402  15.621  0.876   1.00 57.45 ? 135 GLN A O   1 
ATOM   1046 C  CB  . GLN A 1 135 ? -1.968  13.202  -1.330  1.00 57.89 ? 135 GLN A CB  1 
ATOM   1047 C  CG  . GLN A 1 135 ? -2.105  14.347  -2.343  1.00 58.92 ? 135 GLN A CG  1 
ATOM   1048 C  CD  . GLN A 1 135 ? -2.864  14.045  -3.669  0.01 71.85 ? 135 GLN A CD  1 
ATOM   1049 O  OE1 . GLN A 1 135 ? -4.093  14.008  -3.677  0.01 73.22 ? 135 GLN A OE1 1 
ATOM   1050 N  NE2 . GLN A 1 135 ? -2.316  13.808  -4.863  0.01 71.18 ? 135 GLN A NE2 1 
ATOM   1051 N  N   . LEU A 1 136 ? -2.302  13.824  1.876   1.00 55.42 ? 136 LEU A N   1 
ATOM   1052 C  CA  . LEU A 1 136 ? -3.004  14.612  2.899   1.00 53.02 ? 136 LEU A CA  1 
ATOM   1053 C  C   . LEU A 1 136 ? -2.122  15.103  4.049   1.00 53.68 ? 136 LEU A C   1 
ATOM   1054 O  O   . LEU A 1 136 ? -2.452  16.093  4.704   1.00 49.08 ? 136 LEU A O   1 
ATOM   1055 C  CB  . LEU A 1 136 ? -4.243  13.875  3.436   1.00 49.84 ? 136 LEU A CB  1 
ATOM   1056 C  CG  . LEU A 1 136 ? -5.409  13.607  2.471   1.00 49.94 ? 136 LEU A CG  1 
ATOM   1057 C  CD1 . LEU A 1 136 ? -6.628  13.154  3.239   1.00 48.85 ? 136 LEU A CD1 1 
ATOM   1058 C  CD2 . LEU A 1 136 ? -5.753  14.810  1.585   1.00 50.17 ? 136 LEU A CD2 1 
ATOM   1059 N  N   . GLU A 1 137 ? -1.024  14.419  4.294   1.00 54.30 ? 137 GLU A N   1 
ATOM   1060 C  CA  . GLU A 1 137 ? -0.051  14.827  5.289   1.00 53.82 ? 137 GLU A CA  1 
ATOM   1061 C  C   . GLU A 1 137 ? 0.744   16.053  4.745   1.00 53.89 ? 137 GLU A C   1 
ATOM   1062 O  O   . GLU A 1 137 ? 1.071   16.959  5.505   1.00 53.41 ? 137 GLU A O   1 
ATOM   1063 C  CB  . GLU A 1 137 ? 0.909   13.639  5.639   1.00 58.26 ? 137 GLU A CB  1 
ATOM   1064 C  CG  . GLU A 1 137 ? 0.538   12.835  6.889   0.01 70.38 ? 137 GLU A CG  1 
ATOM   1065 C  CD  . GLU A 1 137 ? 1.282   11.488  7.043   0.01 71.76 ? 137 GLU A CD  1 
ATOM   1066 O  OE1 . GLU A 1 137 ? 2.473   11.399  6.660   0.01 72.44 ? 137 GLU A OE1 1 
ATOM   1067 O  OE2 . GLU A 1 137 ? 0.648   10.535  7.547   0.01 73.25 ? 137 GLU A OE2 1 
ATOM   1068 N  N   . GLN A 1 138 ? 1.042   16.062  3.422   1.00 50.74 ? 138 GLN A N   1 
ATOM   1069 C  CA  . GLN A 1 138 ? 1.747   17.141  2.779   1.00 52.51 ? 138 GLN A CA  1 
ATOM   1070 C  C   . GLN A 1 138 ? 0.832   18.381  2.713   1.00 53.20 ? 138 GLN A C   1 
ATOM   1071 O  O   . GLN A 1 138 ? 1.293   19.484  2.978   1.00 54.74 ? 138 GLN A O   1 
ATOM   1072 C  CB  . GLN A 1 138 ? 2.214   16.719  1.374   1.00 53.22 ? 138 GLN A CB  1 
ATOM   1073 C  CG  . GLN A 1 138 ? 3.419   15.748  1.380   0.01 68.81 ? 138 GLN A CG  1 
ATOM   1074 C  CD  . GLN A 1 138 ? 3.702   15.035  0.073   0.01 70.77 ? 138 GLN A CD  1 
ATOM   1075 O  OE1 . GLN A 1 138 ? 3.705   15.661  -0.995  0.01 72.79 ? 138 GLN A OE1 1 
ATOM   1076 N  NE2 . GLN A 1 138 ? 3.970   13.743  -0.074  0.01 72.03 ? 138 GLN A NE2 1 
ATOM   1077 N  N   . LEU A 1 139 ? -0.451  18.244  2.375   1.00 51.97 ? 139 LEU A N   1 
ATOM   1078 C  CA  . LEU A 1 139 ? -1.385  19.365  2.376   1.00 46.24 ? 139 LEU A CA  1 
ATOM   1079 C  C   . LEU A 1 139 ? -1.563  19.952  3.771   1.00 42.46 ? 139 LEU A C   1 
ATOM   1080 O  O   . LEU A 1 139 ? -1.497  21.164  3.953   1.00 40.87 ? 139 LEU A O   1 
ATOM   1081 C  CB  . LEU A 1 139 ? -2.739  18.944  1.803   1.00 45.58 ? 139 LEU A CB  1 
ATOM   1082 C  CG  . LEU A 1 139 ? -2.780  18.518  0.341   1.00 45.45 ? 139 LEU A CG  1 
ATOM   1083 C  CD1 . LEU A 1 139 ? -4.223  18.416  -0.105  1.00 45.33 ? 139 LEU A CD1 1 
ATOM   1084 C  CD2 . LEU A 1 139 ? -2.026  19.488  -0.548  1.00 46.46 ? 139 LEU A CD2 1 
ATOM   1085 N  N   . PHE A 1 140 ? -1.773  19.091  4.756   1.00 41.37 ? 140 PHE A N   1 
ATOM   1086 C  CA  . PHE A 1 140 ? -1.991  19.567  6.114   1.00 44.24 ? 140 PHE A CA  1 
ATOM   1087 C  C   . PHE A 1 140 ? -0.740  20.127  6.783   1.00 44.76 ? 140 PHE A C   1 
ATOM   1088 O  O   . PHE A 1 140 ? -0.836  21.072  7.574   1.00 44.06 ? 140 PHE A O   1 
ATOM   1089 C  CB  . PHE A 1 140 ? -2.695  18.510  6.969   1.00 45.89 ? 140 PHE A CB  1 
ATOM   1090 C  CG  . PHE A 1 140 ? -4.180  18.493  6.771   1.00 48.33 ? 140 PHE A CG  1 
ATOM   1091 C  CD1 . PHE A 1 140 ? -4.756  17.714  5.769   1.00 49.14 ? 140 PHE A CD1 1 
ATOM   1092 C  CD2 . PHE A 1 140 ? -5.009  19.290  7.557   1.00 48.24 ? 140 PHE A CD2 1 
ATOM   1093 C  CE1 . PHE A 1 140 ? -6.137  17.716  5.570   1.00 49.18 ? 140 PHE A CE1 1 
ATOM   1094 C  CE2 . PHE A 1 140 ? -6.383  19.297  7.359   1.00 48.24 ? 140 PHE A CE2 1 
ATOM   1095 C  CZ  . PHE A 1 140 ? -6.948  18.508  6.363   1.00 46.92 ? 140 PHE A CZ  1 
ATOM   1096 N  N   . SER A 1 141 ? 0.424   19.557  6.464   1.00 46.15 ? 141 SER A N   1 
ATOM   1097 C  CA  . SER A 1 141 ? 1.700   20.028  7.017   1.00 45.65 ? 141 SER A CA  1 
ATOM   1098 C  C   . SER A 1 141 ? 2.090   21.397  6.461   1.00 45.72 ? 141 SER A C   1 
ATOM   1099 O  O   . SER A 1 141 ? 2.917   22.101  7.050   1.00 46.71 ? 141 SER A O   1 
ATOM   1100 C  CB  . SER A 1 141 ? 2.827   19.002  6.783   1.00 48.50 ? 141 SER A CB  1 
ATOM   1101 O  OG  . SER A 1 141 ? 2.683   17.873  7.642   1.00 46.96 ? 141 SER A OG  1 
ATOM   1102 N  N   . SER A 1 142 ? 1.478   21.781  5.342   1.00 43.34 ? 142 SER A N   1 
ATOM   1103 C  CA  . SER A 1 142 ? 1.780   23.057  4.705   1.00 43.54 ? 142 SER A CA  1 
ATOM   1104 C  C   . SER A 1 142 ? 1.051   24.252  5.342   1.00 45.54 ? 142 SER A C   1 
ATOM   1105 O  O   . SER A 1 142 ? 1.196   25.389  4.875   1.00 44.00 ? 142 SER A O   1 
ATOM   1106 C  CB  . SER A 1 142 ? 1.500   22.987  3.203   1.00 44.67 ? 142 SER A CB  1 
ATOM   1107 O  OG  . SER A 1 142 ? 0.110   23.060  2.922   1.00 46.05 ? 142 SER A OG  1 
ATOM   1108 N  N   . LEU A 1 143 ? 0.267   23.985  6.390   1.00 40.39 ? 143 LEU A N   1 
ATOM   1109 C  CA  . LEU A 1 143 ? -0.485  25.017  7.096   1.00 39.94 ? 143 LEU A CA  1 
ATOM   1110 C  C   . LEU A 1 143 ? 0.347   25.523  8.270   1.00 41.89 ? 143 LEU A C   1 
ATOM   1111 O  O   . LEU A 1 143 ? 1.072   24.752  8.906   1.00 39.42 ? 143 LEU A O   1 
ATOM   1112 C  CB  . LEU A 1 143 ? -1.837  24.490  7.624   1.00 36.16 ? 143 LEU A CB  1 
ATOM   1113 C  CG  . LEU A 1 143 ? -2.892  23.825  6.719   1.00 36.37 ? 143 LEU A CG  1 
ATOM   1114 C  CD1 . LEU A 1 143 ? -4.015  23.225  7.570   1.00 36.71 ? 143 LEU A CD1 1 
ATOM   1115 C  CD2 . LEU A 1 143 ? -3.465  24.748  5.629   1.00 33.49 ? 143 LEU A CD2 1 
ATOM   1116 N  N   . THR A 1 144 ? 0.233   26.822  8.545   1.00 39.49 ? 144 THR A N   1 
ATOM   1117 C  CA  . THR A 1 144 ? 0.923   27.443  9.668   1.00 38.40 ? 144 THR A CA  1 
ATOM   1118 C  C   . THR A 1 144 ? 0.128   27.167  10.935  1.00 39.05 ? 144 THR A C   1 
ATOM   1119 O  O   . THR A 1 144 ? -1.032  26.734  10.858  1.00 43.57 ? 144 THR A O   1 
ATOM   1120 C  CB  . THR A 1 144 ? 1.099   28.975  9.451   1.00 38.80 ? 144 THR A CB  1 
ATOM   1121 O  OG1 . THR A 1 144 ? -0.185  29.604  9.387   1.00 39.92 ? 144 THR A OG1 1 
ATOM   1122 C  CG2 . THR A 1 144 ? 1.853   29.274  8.137   1.00 37.34 ? 144 THR A CG2 1 
ATOM   1123 N  N   . GLY A 1 145 ? 0.741   27.396  12.094  1.00 35.40 ? 145 GLY A N   1 
ATOM   1124 C  CA  . GLY A 1 145 ? 0.044   27.286  13.381  1.00 33.73 ? 145 GLY A CA  1 
ATOM   1125 C  C   . GLY A 1 145 ? -1.202  28.159  13.464  1.00 35.87 ? 145 GLY A C   1 
ATOM   1126 O  O   . GLY A 1 145 ? -2.224  27.741  14.010  1.00 37.29 ? 145 GLY A O   1 
ATOM   1127 N  N   . ARG A 1 146 ? -1.099  29.378  12.934  1.00 35.09 ? 146 ARG A N   1 
ATOM   1128 C  CA  . ARG A 1 146 ? -2.225  30.318  12.864  1.00 35.96 ? 146 ARG A CA  1 
ATOM   1129 C  C   . ARG A 1 146 ? -3.384  29.744  12.058  1.00 30.76 ? 146 ARG A C   1 
ATOM   1130 O  O   . ARG A 1 146 ? -4.516  29.726  12.521  1.00 28.61 ? 146 ARG A O   1 
ATOM   1131 C  CB  . ARG A 1 146 ? -1.778  31.637  12.227  1.00 37.99 ? 146 ARG A CB  1 
ATOM   1132 C  CG  . ARG A 1 146 ? -1.463  32.711  13.236  1.00 41.84 ? 146 ARG A CG  1 
ATOM   1133 C  CD  . ARG A 1 146 ? -0.399  33.666  12.724  1.00 44.27 ? 146 ARG A CD  1 
ATOM   1134 N  NE  . ARG A 1 146 ? 0.046   34.539  13.810  1.00 48.40 ? 146 ARG A NE  1 
ATOM   1135 C  CZ  . ARG A 1 146 ? 1.286   34.988  13.967  1.00 49.45 ? 146 ARG A CZ  1 
ATOM   1136 N  NH1 . ARG A 1 146 ? 2.244   34.653  13.107  1.00 49.48 ? 146 ARG A NH1 1 
ATOM   1137 N  NH2 . ARG A 1 146 ? 1.563   35.775  14.994  1.00 50.95 ? 146 ARG A NH2 1 
ATOM   1138 N  N   . GLU A 1 147 ? -3.076  29.287  10.851  1.00 28.36 ? 147 GLU A N   1 
ATOM   1139 C  CA  . GLU A 1 147 ? -4.050  28.635  9.989   1.00 34.40 ? 147 GLU A CA  1 
ATOM   1140 C  C   . GLU A 1 147 ? -4.652  27.383  10.642  1.00 34.86 ? 147 GLU A C   1 
ATOM   1141 O  O   . GLU A 1 147 ? -5.864  27.138  10.511  1.00 33.85 ? 147 GLU A O   1 
ATOM   1142 C  CB  . GLU A 1 147 ? -3.427  28.305  8.645   1.00 31.88 ? 147 GLU A CB  1 
ATOM   1143 C  CG  . GLU A 1 147 ? -3.222  29.514  7.772   1.00 33.65 ? 147 GLU A CG  1 
ATOM   1144 C  CD  . GLU A 1 147 ? -2.304  29.239  6.594   1.00 32.41 ? 147 GLU A CD  1 
ATOM   1145 O  OE1 . GLU A 1 147 ? -1.677  28.170  6.550   1.00 33.32 ? 147 GLU A OE1 1 
ATOM   1146 O  OE2 . GLU A 1 147 ? -2.214  30.094  5.702   1.00 35.15 ? 147 GLU A OE2 1 
ATOM   1147 N  N   . GLN A 1 148 ? -3.829  26.634  11.377  1.00 34.83 ? 148 GLN A N   1 
ATOM   1148 C  CA  . GLN A 1 148 ? -4.297  25.460  12.122  1.00 38.75 ? 148 GLN A CA  1 
ATOM   1149 C  C   . GLN A 1 148 ? -5.357  25.838  13.156  1.00 37.80 ? 148 GLN A C   1 
ATOM   1150 O  O   . GLN A 1 148 ? -6.368  25.153  13.286  1.00 35.00 ? 148 GLN A O   1 
ATOM   1151 C  CB  . GLN A 1 148 ? -3.124  24.721  12.793  1.00 41.63 ? 148 GLN A CB  1 
ATOM   1152 C  CG  . GLN A 1 148 ? -3.384  23.246  13.063  1.00 48.88 ? 148 GLN A CG  1 
ATOM   1153 C  CD  . GLN A 1 148 ? -2.244  22.543  13.812  1.00 51.94 ? 148 GLN A CD  1 
ATOM   1154 O  OE1 . GLN A 1 148 ? -1.071  22.652  13.436  1.00 54.99 ? 148 GLN A OE1 1 
ATOM   1155 N  NE2 . GLN A 1 148 ? -2.593  21.809  14.873  1.00 53.20 ? 148 GLN A NE2 1 
ATOM   1156 N  N   . GLN A 1 149 ? -5.121  26.934  13.881  1.00 36.21 ? 149 GLN A N   1 
ATOM   1157 C  CA  . GLN A 1 149 ? -6.078  27.454  14.860  1.00 35.87 ? 149 GLN A CA  1 
ATOM   1158 C  C   . GLN A 1 149 ? -7.411  27.848  14.221  1.00 31.01 ? 149 GLN A C   1 
ATOM   1159 O  O   . GLN A 1 149 ? -8.479  27.585  14.780  1.00 29.46 ? 149 GLN A O   1 
ATOM   1160 C  CB  . GLN A 1 149 ? -5.495  28.681  15.561  1.00 38.83 ? 149 GLN A CB  1 
ATOM   1161 C  CG  . GLN A 1 149 ? -4.435  28.419  16.614  1.00 41.69 ? 149 GLN A CG  1 
ATOM   1162 C  CD  . GLN A 1 149 ? -4.033  29.702  17.333  1.00 43.42 ? 149 GLN A CD  1 
ATOM   1163 O  OE1 . GLN A 1 149 ? -3.644  30.694  16.697  1.00 46.45 ? 149 GLN A OE1 1 
ATOM   1164 N  NE2 . GLN A 1 149 ? -4.147  29.699  18.660  1.00 44.24 ? 149 GLN A NE2 1 
ATOM   1165 N  N   . VAL A 1 150 ? -7.343  28.496  13.057  1.00 26.93 ? 150 VAL A N   1 
ATOM   1166 C  CA  . VAL A 1 150 ? -8.551  28.886  12.330  1.00 24.22 ? 150 VAL A CA  1 
ATOM   1167 C  C   . VAL A 1 150 ? -9.322  27.640  11.823  1.00 23.08 ? 150 VAL A C   1 
ATOM   1168 O  O   . VAL A 1 150 ? -10.530 27.538  12.020  1.00 20.46 ? 150 VAL A O   1 
ATOM   1169 C  CB  . VAL A 1 150 ? -8.252  29.917  11.191  1.00 23.43 ? 150 VAL A CB  1 
ATOM   1170 C  CG1 . VAL A 1 150 ? -9.480  30.141  10.298  1.00 20.33 ? 150 VAL A CG1 1 
ATOM   1171 C  CG2 . VAL A 1 150 ? -7.790  31.256  11.802  1.00 21.57 ? 150 VAL A CG2 1 
ATOM   1172 N  N   . LEU A 1 151 ? -8.608  26.700  11.210  1.00 21.09 ? 151 LEU A N   1 
ATOM   1173 C  CA  . LEU A 1 151 ? -9.182  25.443  10.749  1.00 25.90 ? 151 LEU A CA  1 
ATOM   1174 C  C   . LEU A 1 151 ? -9.971  24.706  11.841  1.00 26.35 ? 151 LEU A C   1 
ATOM   1175 O  O   . LEU A 1 151 ? -11.116 24.317  11.624  1.00 25.73 ? 151 LEU A O   1 
ATOM   1176 C  CB  . LEU A 1 151 ? -8.079  24.525  10.207  1.00 29.80 ? 151 LEU A CB  1 
ATOM   1177 C  CG  . LEU A 1 151 ? -8.517  23.125  9.755   1.00 29.38 ? 151 LEU A CG  1 
ATOM   1178 C  CD1 . LEU A 1 151 ? -9.572  23.196  8.661   1.00 30.32 ? 151 LEU A CD1 1 
ATOM   1179 C  CD2 . LEU A 1 151 ? -7.321  22.347  9.269   1.00 28.84 ? 151 LEU A CD2 1 
ATOM   1180 N  N   . GLN A 1 152 ? -9.348  24.539  13.008  1.00 25.98 ? 152 GLN A N   1 
ATOM   1181 C  CA  . GLN A 1 152 ? -9.970  23.895  14.154  1.00 24.75 ? 152 GLN A CA  1 
ATOM   1182 C  C   . GLN A 1 152 ? -11.282 24.524  14.588  1.00 28.77 ? 152 GLN A C   1 
ATOM   1183 O  O   . GLN A 1 152 ? -12.175 23.812  15.031  1.00 27.00 ? 152 GLN A O   1 
ATOM   1184 C  CB  . GLN A 1 152 ? -9.010  23.856  15.339  1.00 26.22 ? 152 GLN A CB  1 
ATOM   1185 C  CG  . GLN A 1 152 ? -7.782  22.977  15.080  1.00 33.45 ? 152 GLN A CG  1 
ATOM   1186 C  CD  . GLN A 1 152 ? -6.818  23.045  16.265  0.01 33.45 ? 152 GLN A CD  1 
ATOM   1187 O  OE1 . GLN A 1 152 ? -6.311  24.095  16.662  0.01 34.50 ? 152 GLN A OE1 1 
ATOM   1188 N  NE2 . GLN A 1 152 ? -6.582  21.864  16.847  0.01 34.49 ? 152 GLN A NE2 1 
ATOM   1189 N  N   . LEU A 1 153 ? -11.407 25.842  14.478  1.00 24.87 ? 153 LEU A N   1 
ATOM   1190 C  CA  . LEU A 1 153 ? -12.632 26.493  14.932  1.00 30.47 ? 153 LEU A CA  1 
ATOM   1191 C  C   . LEU A 1 153 ? -13.696 26.472  13.841  1.00 30.59 ? 153 LEU A C   1 
ATOM   1192 O  O   . LEU A 1 153 ? -14.895 26.382  14.137  1.00 28.95 ? 153 LEU A O   1 
ATOM   1193 C  CB  . LEU A 1 153 ? -12.366 27.925  15.407  1.00 26.94 ? 153 LEU A CB  1 
ATOM   1194 C  CG  . LEU A 1 153 ? -11.493 28.123  16.654  1.00 32.11 ? 153 LEU A CG  1 
ATOM   1195 C  CD1 . LEU A 1 153 ? -11.272 29.599  16.906  1.00 30.60 ? 153 LEU A CD1 1 
ATOM   1196 C  CD2 . LEU A 1 153 ? -12.093 27.442  17.889  1.00 33.25 ? 153 LEU A CD2 1 
ATOM   1197 N  N   . THR A 1 154 ? -13.227 26.576  12.595  1.00 27.93 ? 154 THR A N   1 
ATOM   1198 C  CA  . THR A 1 154 ? -14.037 26.511  11.383  1.00 31.78 ? 154 THR A CA  1 
ATOM   1199 C  C   . THR A 1 154 ? -14.789 25.168  11.252  1.00 33.62 ? 154 THR A C   1 
ATOM   1200 O  O   . THR A 1 154 ? -15.962 25.129  10.870  1.00 31.16 ? 154 THR A O   1 
ATOM   1201 C  CB  . THR A 1 154 ? -13.131 26.739  10.126  1.00 29.91 ? 154 THR A CB  1 
ATOM   1202 O  OG1 . THR A 1 154 ? -12.543 28.041  10.200  1.00 31.88 ? 154 THR A OG1 1 
ATOM   1203 C  CG2 . THR A 1 154 ? -13.904 26.634  8.825   1.00 31.05 ? 154 THR A CG2 1 
ATOM   1204 N  N   . ILE A 1 155 ? -14.116 24.071  11.569  1.00 30.17 ? 155 ILE A N   1 
ATOM   1205 C  CA  . ILE A 1 155 ? -14.780 22.785  11.484  1.00 35.82 ? 155 ILE A CA  1 
ATOM   1206 C  C   . ILE A 1 155 ? -15.668 22.542  12.725  1.00 37.42 ? 155 ILE A C   1 
ATOM   1207 O  O   . ILE A 1 155 ? -16.276 21.470  12.866  1.00 39.57 ? 155 ILE A O   1 
ATOM   1208 C  CB  . ILE A 1 155 ? -13.780 21.621  11.201  1.00 35.07 ? 155 ILE A CB  1 
ATOM   1209 C  CG1 . ILE A 1 155 ? -12.807 21.436  12.377  1.00 33.41 ? 155 ILE A CG1 1 
ATOM   1210 C  CG2 . ILE A 1 155 ? -13.066 21.835  9.849   1.00 32.17 ? 155 ILE A CG2 1 
ATOM   1211 C  CD1 . ILE A 1 155 ? -11.734 20.394  12.138  1.00 37.22 ? 155 ILE A CD1 1 
ATOM   1212 N  N   . ARG A 1 156 ? -15.803 23.566  13.576  1.00 36.06 ? 156 ARG A N   1 
ATOM   1213 C  CA  . ARG A 1 156 ? -16.699 23.553  14.763  1.00 34.24 ? 156 ARG A CA  1 
ATOM   1214 C  C   . ARG A 1 156 ? -17.942 24.400  14.435  1.00 33.87 ? 156 ARG A C   1 
ATOM   1215 O  O   . ARG A 1 156 ? -18.784 24.647  15.310  1.00 34.77 ? 156 ARG A O   1 
ATOM   1216 C  CB  . ARG A 1 156 ? -16.052 24.196  16.025  1.00 36.29 ? 156 ARG A CB  1 
ATOM   1217 C  CG  . ARG A 1 156 ? -15.750 23.280  17.160  1.00 37.45 ? 156 ARG A CG  1 
ATOM   1218 C  CD  . ARG A 1 156 ? -14.338 22.759  16.993  1.00 38.84 ? 156 ARG A CD  1 
ATOM   1219 N  NE  . ARG A 1 156 ? -13.438 22.897  18.134  0.01 48.76 ? 156 ARG A NE  1 
ATOM   1220 C  CZ  . ARG A 1 156 ? -13.134 21.851  18.894  0.01 50.21 ? 156 ARG A CZ  1 
ATOM   1221 N  NH1 . ARG A 1 156 ? -13.669 20.669  18.616  0.01 51.11 ? 156 ARG A NH1 1 
ATOM   1222 N  NH2 . ARG A 1 156 ? -12.297 21.997  19.902  0.01 51.01 ? 156 ARG A NH2 1 
ATOM   1223 N  N   . GLY A 1 157 ? -18.062 24.830  13.184  1.00 28.26 ? 157 GLY A N   1 
ATOM   1224 C  CA  . GLY A 1 157 ? -19.213 25.597  12.729  1.00 30.83 ? 157 GLY A CA  1 
ATOM   1225 C  C   . GLY A 1 157 ? -19.262 27.061  13.143  1.00 27.24 ? 157 GLY A C   1 
ATOM   1226 O  O   . GLY A 1 157 ? -20.297 27.705  12.972  1.00 32.23 ? 157 GLY A O   1 
ATOM   1227 N  N   . LEU A 1 158 ? -18.158 27.595  13.667  1.00 28.92 ? 158 LEU A N   1 
ATOM   1228 C  CA  . LEU A 1 158 ? -18.100 29.008  14.071  1.00 30.08 ? 158 LEU A CA  1 
ATOM   1229 C  C   . LEU A 1 158 ? -18.132 29.944  12.828  1.00 29.40 ? 158 LEU A C   1 
ATOM   1230 O  O   . LEU A 1 158 ? -17.612 29.610  11.759  1.00 34.05 ? 158 LEU A O   1 
ATOM   1231 C  CB  . LEU A 1 158 ? -16.849 29.273  14.912  1.00 28.39 ? 158 LEU A CB  1 
ATOM   1232 C  CG  . LEU A 1 158 ? -16.724 28.475  16.211  1.00 30.94 ? 158 LEU A CG  1 
ATOM   1233 C  CD1 . LEU A 1 158 ? -16.448 29.400  17.387  1.00 29.39 ? 158 LEU A CD1 1 
ATOM   1234 C  CD2 . LEU A 1 158 ? -17.980 27.654  16.461  1.00 28.83 ? 158 LEU A CD2 1 
ATOM   1235 N  N   . MET A 1 159 ? -18.763 31.097  13.000  1.00 35.03 ? 159 MET A N   1 
ATOM   1236 C  CA  . MET A 1 159 ? -18.769 32.164  11.997  1.00 41.27 ? 159 MET A CA  1 
ATOM   1237 C  C   . MET A 1 159 ? -17.487 32.999  12.146  1.00 38.32 ? 159 MET A C   1 
ATOM   1238 O  O   . MET A 1 159 ? -16.889 33.023  13.230  1.00 34.27 ? 159 MET A O   1 
ATOM   1239 C  CB  . MET A 1 159 ? -20.015 33.024  12.187  1.00 42.67 ? 159 MET A CB  1 
ATOM   1240 C  CG  . MET A 1 159 ? -20.459 33.781  10.957  1.00 49.76 ? 159 MET A CG  1 
ATOM   1241 S  SD  . MET A 1 159 ? -22.226 34.160  11.022  1.00 55.70 ? 159 MET A SD  1 
ATOM   1242 C  CE  . MET A 1 159 ? -22.893 32.770  10.158  1.00 51.55 ? 159 MET A CE  1 
ATOM   1243 N  N   . ASN A 1 160 ? -17.059 33.658  11.066  1.00 35.06 ? 160 ASN A N   1 
ATOM   1244 C  CA  . ASN A 1 160 ? -15.791 34.402  11.065  1.00 34.54 ? 160 ASN A CA  1 
ATOM   1245 C  C   . ASN A 1 160 ? -15.705 35.346  12.255  1.00 34.42 ? 160 ASN A C   1 
ATOM   1246 O  O   . ASN A 1 160 ? -14.687 35.391  12.948  1.00 34.91 ? 160 ASN A O   1 
ATOM   1247 C  CB  . ASN A 1 160 ? -15.585 35.194  9.759   1.00 34.09 ? 160 ASN A CB  1 
ATOM   1248 C  CG  . ASN A 1 160 ? -15.240 34.313  8.563   1.00 37.40 ? 160 ASN A CG  1 
ATOM   1249 O  OD1 . ASN A 1 160 ? -15.165 33.083  8.660   1.00 38.39 ? 160 ASN A OD1 1 
ATOM   1250 N  ND2 . ASN A 1 160 ? -15.043 34.950  7.412   1.00 36.70 ? 160 ASN A ND2 1 
ATOM   1251 N  N   . LYS A 1 161 ? -16.784 36.093  12.486  1.00 35.12 ? 161 LYS A N   1 
ATOM   1252 C  CA  . LYS A 1 161 ? -16.897 36.984  13.645  1.00 34.82 ? 161 LYS A CA  1 
ATOM   1253 C  C   . LYS A 1 161 ? -16.583 36.268  14.957  1.00 31.23 ? 161 LYS A C   1 
ATOM   1254 O  O   . LYS A 1 161 ? -15.887 36.816  15.803  1.00 29.46 ? 161 LYS A O   1 
ATOM   1255 C  CB  . LYS A 1 161 ? -18.294 37.613  13.722  1.00 36.90 ? 161 LYS A CB  1 
ATOM   1256 C  CG  . LYS A 1 161 ? -18.434 38.734  14.775  1.00 41.67 ? 161 LYS A CG  1 
ATOM   1257 C  CD  . LYS A 1 161 ? -19.819 39.394  14.774  1.00 42.15 ? 161 LYS A CD  1 
ATOM   1258 C  CE  . LYS A 1 161 ? -20.890 38.489  15.395  1.00 46.75 ? 161 LYS A CE  1 
ATOM   1259 N  NZ  . LYS A 1 161 ? -22.243 39.129  15.518  1.00 45.59 ? 161 LYS A NZ  1 
ATOM   1260 N  N   . GLN A 1 162 ? -17.085 35.045  15.124  1.00 28.14 ? 162 GLN A N   1 
ATOM   1261 C  CA  . GLN A 1 162 ? -16.862 34.307  16.378  1.00 29.88 ? 162 GLN A CA  1 
ATOM   1262 C  C   . GLN A 1 162 ? -15.448 33.754  16.461  1.00 25.38 ? 162 GLN A C   1 
ATOM   1263 O  O   . GLN A 1 162 ? -14.846 33.743  17.540  1.00 29.10 ? 162 GLN A O   1 
ATOM   1264 C  CB  . GLN A 1 162 ? -17.895 33.189  16.595  1.00 31.43 ? 162 GLN A CB  1 
ATOM   1265 C  CG  . GLN A 1 162 ? -19.326 33.655  16.562  1.00 40.10 ? 162 GLN A CG  1 
ATOM   1266 C  CD  . GLN A 1 162 ? -19.715 34.426  17.807  1.00 46.28 ? 162 GLN A CD  1 
ATOM   1267 O  OE1 . GLN A 1 162 ? -19.694 33.883  18.924  1.00 49.95 ? 162 GLN A OE1 1 
ATOM   1268 N  NE2 . GLN A 1 162 ? -20.075 35.699  17.628  1.00 46.84 ? 162 GLN A NE2 1 
ATOM   1269 N  N   . ILE A 1 163 ? -14.905 33.319  15.324  1.00 26.10 ? 163 ILE A N   1 
ATOM   1270 C  CA  . ILE A 1 163 ? -13.523 32.834  15.276  1.00 25.93 ? 163 ILE A CA  1 
ATOM   1271 C  C   . ILE A 1 163 ? -12.564 33.949  15.670  1.00 28.38 ? 163 ILE A C   1 
ATOM   1272 O  O   . ILE A 1 163 ? -11.683 33.744  16.511  1.00 29.09 ? 163 ILE A O   1 
ATOM   1273 C  CB  . ILE A 1 163 ? -13.140 32.280  13.889  1.00 26.28 ? 163 ILE A CB  1 
ATOM   1274 C  CG1 . ILE A 1 163 ? -14.030 31.083  13.549  1.00 22.99 ? 163 ILE A CG1 1 
ATOM   1275 C  CG2 . ILE A 1 163 ? -11.627 31.915  13.846  1.00 25.08 ? 163 ILE A CG2 1 
ATOM   1276 C  CD1 . ILE A 1 163 ? -13.790 30.474  12.189  1.00 23.35 ? 163 ILE A CD1 1 
ATOM   1277 N  N   . ALA A 1 164 ? -12.764 35.127  15.068  1.00 26.85 ? 164 ALA A N   1 
ATOM   1278 C  CA  . ALA A 1 164 ? -11.968 36.330  15.349  1.00 28.38 ? 164 ALA A CA  1 
ATOM   1279 C  C   . ALA A 1 164 ? -11.899 36.642  16.849  1.00 27.09 ? 164 ALA A C   1 
ATOM   1280 O  O   . ALA A 1 164 ? -10.817 36.864  17.388  1.00 31.21 ? 164 ALA A O   1 
ATOM   1281 C  CB  . ALA A 1 164 ? -12.544 37.564  14.569  1.00 19.42 ? 164 ALA A CB  1 
ATOM   1282 N  N   . GLY A 1 165 ? -13.065 36.671  17.492  1.00 26.52 ? 165 GLY A N   1 
ATOM   1283 C  CA  . GLY A 1 165 ? -13.181 36.948  18.916  1.00 33.88 ? 165 GLY A CA  1 
ATOM   1284 C  C   . GLY A 1 165 ? -12.526 35.892  19.779  1.00 33.79 ? 165 GLY A C   1 
ATOM   1285 O  O   . GLY A 1 165 ? -11.888 36.218  20.780  1.00 36.37 ? 165 GLY A O   1 
ATOM   1286 N  N   . GLU A 1 166 ? -12.681 34.628  19.396  1.00 38.46 ? 166 GLU A N   1 
ATOM   1287 C  CA  . GLU A 1 166 ? -12.065 33.501  20.125  1.00 37.74 ? 166 GLU A CA  1 
ATOM   1288 C  C   . GLU A 1 166 ? -10.538 33.527  20.116  1.00 37.08 ? 166 GLU A C   1 
ATOM   1289 O  O   . GLU A 1 166 ? -9.899  33.205  21.117  1.00 41.88 ? 166 GLU A O   1 
ATOM   1290 C  CB  . GLU A 1 166 ? -12.545 32.165  19.552  1.00 42.94 ? 166 GLU A CB  1 
ATOM   1291 C  CG  . GLU A 1 166 ? -14.022 31.872  19.804  1.00 48.15 ? 166 GLU A CG  1 
ATOM   1292 C  CD  . GLU A 1 166 ? -14.303 31.199  21.147  1.00 51.45 ? 166 GLU A CD  1 
ATOM   1293 O  OE1 . GLU A 1 166 ? -13.391 31.107  22.007  1.00 52.37 ? 166 GLU A OE1 1 
ATOM   1294 O  OE2 . GLU A 1 166 ? -15.457 30.756  21.336  1.00 54.23 ? 166 GLU A OE2 1 
ATOM   1295 N  N   . LEU A 1 167 ? -9.959  33.899  18.980  1.00 32.68 ? 167 LEU A N   1 
ATOM   1296 C  CA  . LEU A 1 167 ? -8.512  33.907  18.801  1.00 30.69 ? 167 LEU A CA  1 
ATOM   1297 C  C   . LEU A 1 167 ? -7.875  35.268  19.097  1.00 28.90 ? 167 LEU A C   1 
ATOM   1298 O  O   . LEU A 1 167 ? -6.653  35.371  19.178  1.00 25.89 ? 167 LEU A O   1 
ATOM   1299 C  CB  . LEU A 1 167 ? -8.158  33.493  17.364  1.00 32.07 ? 167 LEU A CB  1 
ATOM   1300 C  CG  . LEU A 1 167 ? -8.423  32.045  16.942  1.00 31.99 ? 167 LEU A CG  1 
ATOM   1301 C  CD1 . LEU A 1 167 ? -7.951  31.789  15.506  1.00 29.21 ? 167 LEU A CD1 1 
ATOM   1302 C  CD2 . LEU A 1 167 ? -7.734  31.075  17.890  1.00 32.94 ? 167 LEU A CD2 1 
ATOM   1303 N  N   . GLY A 1 168 ? -8.701  36.304  19.237  1.00 28.03 ? 168 GLY A N   1 
ATOM   1304 C  CA  . GLY A 1 168 ? -8.204  37.672  19.433  1.00 32.19 ? 168 GLY A CA  1 
ATOM   1305 C  C   . GLY A 1 168 ? -7.562  38.309  18.199  1.00 32.70 ? 168 GLY A C   1 
ATOM   1306 O  O   . GLY A 1 168 ? -6.573  39.057  18.312  1.00 32.42 ? 168 GLY A O   1 
ATOM   1307 N  N   . ILE A 1 169 ? -8.120  38.014  17.023  1.00 28.03 ? 169 ILE A N   1 
ATOM   1308 C  CA  . ILE A 1 169 ? -7.624  38.557  15.742  1.00 20.58 ? 169 ILE A CA  1 
ATOM   1309 C  C   . ILE A 1 169 ? -8.759  39.318  15.024  1.00 24.18 ? 169 ILE A C   1 
ATOM   1310 O  O   . ILE A 1 169 ? -9.924  39.234  15.441  1.00 25.23 ? 169 ILE A O   1 
ATOM   1311 C  CB  . ILE A 1 169 ? -6.995  37.434  14.870  1.00 23.09 ? 169 ILE A CB  1 
ATOM   1312 C  CG1 . ILE A 1 169 ? -8.033  36.352  14.504  1.00 19.48 ? 169 ILE A CG1 1 
ATOM   1313 C  CG2 . ILE A 1 169 ? -5.780  36.791  15.626  1.00 23.64 ? 169 ILE A CG2 1 
ATOM   1314 C  CD1 . ILE A 1 169 ? -7.415  35.111  13.847  1.00 18.88 ? 169 ILE A CD1 1 
ATOM   1315 N  N   . ALA A 1 170 ? -8.442  40.080  13.978  1.00 17.35 ? 170 ALA A N   1 
ATOM   1316 C  CA  . ALA A 1 170 ? -9.468  40.818  13.290  1.00 21.13 ? 170 ALA A CA  1 
ATOM   1317 C  C   . ALA A 1 170 ? -10.252 39.831  12.422  1.00 23.85 ? 170 ALA A C   1 
ATOM   1318 O  O   . ALA A 1 170 ? -9.752  38.760  12.100  1.00 22.79 ? 170 ALA A O   1 
ATOM   1319 C  CB  . ALA A 1 170 ? -8.861  41.950  12.430  1.00 17.78 ? 170 ALA A CB  1 
ATOM   1320 N  N   . GLU A 1 171 ? -11.465 40.210  12.037  1.00 28.26 ? 171 GLU A N   1 
ATOM   1321 C  CA  . GLU A 1 171 ? -12.302 39.368  11.205  1.00 30.76 ? 171 GLU A CA  1 
ATOM   1322 C  C   . GLU A 1 171 ? -11.674 39.176  9.828   1.00 29.22 ? 171 GLU A C   1 
ATOM   1323 O  O   . GLU A 1 171 ? -11.638 38.063  9.311   1.00 29.53 ? 171 GLU A O   1 
ATOM   1324 C  CB  . GLU A 1 171 ? -13.714 39.941  11.104  1.00 33.13 ? 171 GLU A CB  1 
ATOM   1325 C  CG  . GLU A 1 171 ? -14.692 38.958  10.447  1.00 40.97 ? 171 GLU A CG  1 
ATOM   1326 C  CD  . GLU A 1 171 ? -16.134 39.433  10.466  1.00 41.43 ? 171 GLU A CD  1 
ATOM   1327 O  OE1 . GLU A 1 171 ? -16.876 39.081  9.520   1.00 43.56 ? 171 GLU A OE1 1 
ATOM   1328 O  OE2 . GLU A 1 171 ? -16.515 40.149  11.423  1.00 44.06 ? 171 GLU A OE2 1 
ATOM   1329 N  N   . VAL A 1 172 ? -11.140 40.252  9.259   1.00 26.75 ? 172 VAL A N   1 
ATOM   1330 C  CA  . VAL A 1 172 ? -10.411 40.184  7.996   1.00 26.24 ? 172 VAL A CA  1 
ATOM   1331 C  C   . VAL A 1 172 ? -9.248  39.188  8.068   1.00 25.83 ? 172 VAL A C   1 
ATOM   1332 O  O   . VAL A 1 172 ? -9.020  38.404  7.129   1.00 23.08 ? 172 VAL A O   1 
ATOM   1333 C  CB  . VAL A 1 172 ? -9.890  41.585  7.579   1.00 28.89 ? 172 VAL A CB  1 
ATOM   1334 C  CG1 . VAL A 1 172 ? -8.762  41.488  6.496   1.00 31.45 ? 172 VAL A CG1 1 
ATOM   1335 C  CG2 . VAL A 1 172 ? -11.023 42.409  7.097   1.00 26.99 ? 172 VAL A CG2 1 
ATOM   1336 N  N   . THR A 1 173 ? -8.525  39.195  9.186   1.00 20.98 ? 173 THR A N   1 
ATOM   1337 C  CA  . THR A 1 173 ? -7.465  38.201  9.384   1.00 23.56 ? 173 THR A CA  1 
ATOM   1338 C  C   . THR A 1 173 ? -8.020  36.766  9.271   1.00 23.94 ? 173 THR A C   1 
ATOM   1339 O  O   . THR A 1 173 ? -7.405  35.904  8.626   1.00 21.92 ? 173 THR A O   1 
ATOM   1340 C  CB  . THR A 1 173 ? -6.728  38.409  10.709  1.00 23.57 ? 173 THR A CB  1 
ATOM   1341 O  OG1 . THR A 1 173 ? -6.351  39.790  10.821  1.00 23.43 ? 173 THR A OG1 1 
ATOM   1342 C  CG2 . THR A 1 173 ? -5.492  37.561  10.769  1.00 20.80 ? 173 THR A CG2 1 
ATOM   1343 N  N   . VAL A 1 174 ? -9.187  36.524  9.875   1.00 23.85 ? 174 VAL A N   1 
ATOM   1344 C  CA  . VAL A 1 174 ? -9.808  35.198  9.799   1.00 22.76 ? 174 VAL A CA  1 
ATOM   1345 C  C   . VAL A 1 174 ? -10.176 34.865  8.356   1.00 22.52 ? 174 VAL A C   1 
ATOM   1346 O  O   . VAL A 1 174 ? -9.943  33.746  7.894   1.00 20.65 ? 174 VAL A O   1 
ATOM   1347 C  CB  . VAL A 1 174 ? -11.049 35.080  10.705  1.00 23.72 ? 174 VAL A CB  1 
ATOM   1348 C  CG1 . VAL A 1 174 ? -11.815 33.790  10.386  1.00 25.12 ? 174 VAL A CG1 1 
ATOM   1349 C  CG2 . VAL A 1 174 ? -10.616 35.062  12.185  1.00 20.19 ? 174 VAL A CG2 1 
ATOM   1350 N  N   . LYS A 1 175 ? -10.758 35.848  7.684   1.00 22.29 ? 175 LYS A N   1 
ATOM   1351 C  CA  . LYS A 1 175 ? -11.185 35.696  6.284   1.00 28.15 ? 175 LYS A CA  1 
ATOM   1352 C  C   . LYS A 1 175 ? -10.027 35.259  5.409   1.00 27.28 ? 175 LYS A C   1 
ATOM   1353 O  O   . LYS A 1 175 ? -10.153 34.334  4.622   1.00 29.01 ? 175 LYS A O   1 
ATOM   1354 C  CB  . LYS A 1 175 ? -11.812 37.019  5.761   1.00 34.20 ? 175 LYS A CB  1 
ATOM   1355 C  CG  . LYS A 1 175 ? -12.260 36.975  4.311   1.00 37.65 ? 175 LYS A CG  1 
ATOM   1356 C  CD  . LYS A 1 175 ? -13.276 38.070  3.995   1.00 38.20 ? 175 LYS A CD  1 
ATOM   1357 C  CE  . LYS A 1 175 ? -13.936 38.612  5.241   0.01 35.95 ? 175 LYS A CE  1 
ATOM   1358 N  NZ  . LYS A 1 175 ? -15.263 37.992  5.496   0.01 36.28 ? 175 LYS A NZ  1 
ATOM   1359 N  N   . VAL A 1 176 ? -8.909  35.953  5.578   1.00 23.55 ? 176 VAL A N   1 
ATOM   1360 C  CA  . VAL A 1 176 ? -7.710  35.712  4.816   1.00 23.55 ? 176 VAL A CA  1 
ATOM   1361 C  C   . VAL A 1 176 ? -7.145  34.330  5.165   1.00 24.84 ? 176 VAL A C   1 
ATOM   1362 O  O   . VAL A 1 176 ? -6.837  33.556  4.268   1.00 28.17 ? 176 VAL A O   1 
ATOM   1363 C  CB  . VAL A 1 176 ? -6.680  36.865  5.029   1.00 23.01 ? 176 VAL A CB  1 
ATOM   1364 C  CG1 . VAL A 1 176 ? -5.446  36.641  4.238   1.00 23.43 ? 176 VAL A CG1 1 
ATOM   1365 C  CG2 . VAL A 1 176 ? -7.297  38.199  4.613   1.00 25.56 ? 176 VAL A CG2 1 
ATOM   1366 N  N   . HIS A 1 177 ? -7.019  34.008  6.453   1.00 22.18 ? 177 HIS A N   1 
ATOM   1367 C  CA  . HIS A 1 177 ? -6.607  32.651  6.840   1.00 23.38 ? 177 HIS A CA  1 
ATOM   1368 C  C   . HIS A 1 177 ? -7.497  31.591  6.178   1.00 24.63 ? 177 HIS A C   1 
ATOM   1369 O  O   . HIS A 1 177 ? -7.007  30.595  5.663   1.00 24.74 ? 177 HIS A O   1 
ATOM   1370 C  CB  . HIS A 1 177 ? -6.677  32.474  8.362   1.00 21.86 ? 177 HIS A CB  1 
ATOM   1371 C  CG  . HIS A 1 177 ? -5.552  33.136  9.103   1.00 22.81 ? 177 HIS A CG  1 
ATOM   1372 N  ND1 . HIS A 1 177 ? -4.246  33.114  8.657   1.00 23.62 ? 177 HIS A ND1 1 
ATOM   1373 C  CD2 . HIS A 1 177 ? -5.537  33.819  10.272  1.00 23.30 ? 177 HIS A CD2 1 
ATOM   1374 C  CE1 . HIS A 1 177 ? -3.474  33.751  9.525   1.00 23.41 ? 177 HIS A CE1 1 
ATOM   1375 N  NE2 . HIS A 1 177 ? -4.234  34.196  10.509  1.00 20.97 ? 177 HIS A NE2 1 
ATOM   1376 N  N   . ARG A 1 178 ? -8.810  31.815  6.216   1.00 26.17 ? 178 ARG A N   1 
ATOM   1377 C  CA  . ARG A 1 178 ? -9.775  30.887  5.628   1.00 32.50 ? 178 ARG A CA  1 
ATOM   1378 C  C   . ARG A 1 178 ? -9.531  30.716  4.131   1.00 31.56 ? 178 ARG A C   1 
ATOM   1379 O  O   . ARG A 1 178 ? -9.523  29.592  3.643   1.00 26.59 ? 178 ARG A O   1 
ATOM   1380 C  CB  . ARG A 1 178 ? -11.208 31.360  5.846   1.00 36.69 ? 178 ARG A CB  1 
ATOM   1381 C  CG  . ARG A 1 178 ? -11.801 30.995  7.184   1.00 47.45 ? 178 ARG A CG  1 
ATOM   1382 C  CD  . ARG A 1 178 ? -13.265 30.628  6.975   1.00 53.55 ? 178 ARG A CD  1 
ATOM   1383 N  NE  . ARG A 1 178 ? -14.062 30.720  8.193   1.00 58.33 ? 178 ARG A NE  1 
ATOM   1384 C  CZ  . ARG A 1 178 ? -15.203 30.061  8.395   1.00 59.22 ? 178 ARG A CZ  1 
ATOM   1385 N  NH1 . ARG A 1 178 ? -15.677 29.238  7.459   1.00 57.55 ? 178 ARG A NH1 1 
ATOM   1386 N  NH2 . ARG A 1 178 ? -15.864 30.218  9.536   1.00 57.58 ? 178 ARG A NH2 1 
ATOM   1387 N  N   . HIS A 1 179 ? -9.345  31.828  3.418   1.00 30.56 ? 179 HIS A N   1 
ATOM   1388 C  CA  . HIS A 1 179 ? -8.983  31.778  1.996   1.00 35.58 ? 179 HIS A CA  1 
ATOM   1389 C  C   . HIS A 1 179 ? -7.719  30.967  1.732   1.00 36.11 ? 179 HIS A C   1 
ATOM   1390 O  O   . HIS A 1 179 ? -7.696  30.138  0.816   1.00 35.86 ? 179 HIS A O   1 
ATOM   1391 C  CB  . HIS A 1 179 ? -8.826  33.177  1.399   1.00 40.38 ? 179 HIS A CB  1 
ATOM   1392 C  CG  . HIS A 1 179 ? -8.681  33.178  -0.090  1.00 44.68 ? 179 HIS A CG  1 
ATOM   1393 N  ND1 . HIS A 1 179 ? -7.453  33.215  -0.719  1.00 46.36 ? 179 HIS A ND1 1 
ATOM   1394 C  CD2 . HIS A 1 179 ? -9.610  33.121  -1.077  1.00 45.86 ? 179 HIS A CD2 1 
ATOM   1395 C  CE1 . HIS A 1 179 ? -7.633  33.192  -2.028  1.00 46.85 ? 179 HIS A CE1 1 
ATOM   1396 N  NE2 . HIS A 1 179 ? -8.932  33.134  -2.271  1.00 46.85 ? 179 HIS A NE2 1 
ATOM   1397 N  N   . ASN A 1 180 ? -6.679  31.199  2.530   1.00 35.47 ? 180 ASN A N   1 
ATOM   1398 C  CA  . ASN A 1 180 ? -5.407  30.493  2.365   1.00 33.59 ? 180 ASN A CA  1 
ATOM   1399 C  C   . ASN A 1 180 ? -5.493  29.004  2.687   1.00 34.55 ? 180 ASN A C   1 
ATOM   1400 O  O   . ASN A 1 180 ? -4.798  28.186  2.062   1.00 33.84 ? 180 ASN A O   1 
ATOM   1401 C  CB  . ASN A 1 180 ? -4.302  31.153  3.195   1.00 38.58 ? 180 ASN A CB  1 
ATOM   1402 C  CG  . ASN A 1 180 ? -3.982  32.578  2.734   1.00 39.62 ? 180 ASN A CG  1 
ATOM   1403 O  OD1 . ASN A 1 180 ? -4.053  32.889  1.548   1.00 40.10 ? 180 ASN A OD1 1 
ATOM   1404 N  ND2 . ASN A 1 180 ? -3.621  33.443  3.680   1.00 38.70 ? 180 ASN A ND2 1 
ATOM   1405 N  N   . ILE A 1 181 ? -6.336  28.652  3.659   1.00 33.35 ? 181 ILE A N   1 
ATOM   1406 C  CA  . ILE A 1 181 ? -6.563  27.238  4.016   1.00 32.24 ? 181 ILE A CA  1 
ATOM   1407 C  C   . ILE A 1 181 ? -7.217  26.494  2.841   1.00 35.43 ? 181 ILE A C   1 
ATOM   1408 O  O   . ILE A 1 181 ? -6.741  25.435  2.435   1.00 33.49 ? 181 ILE A O   1 
ATOM   1409 C  CB  . ILE A 1 181 ? -7.384  27.087  5.326   1.00 33.27 ? 181 ILE A CB  1 
ATOM   1410 C  CG1 . ILE A 1 181 ? -6.520  27.460  6.539   1.00 33.87 ? 181 ILE A CG1 1 
ATOM   1411 C  CG2 . ILE A 1 181 ? -7.924  25.664  5.482   1.00 32.14 ? 181 ILE A CG2 1 
ATOM   1412 C  CD1 . ILE A 1 181 ? -7.311  27.882  7.754   1.00 30.03 ? 181 ILE A CD1 1 
ATOM   1413 N  N   . MET A 1 182 ? -8.279  27.075  2.291   1.00 36.11 ? 182 MET A N   1 
ATOM   1414 C  CA  . MET A 1 182 ? -8.974  26.516  1.140   1.00 39.44 ? 182 MET A CA  1 
ATOM   1415 C  C   . MET A 1 182 ? -8.015  26.265  -0.022  1.00 42.50 ? 182 MET A C   1 
ATOM   1416 O  O   . MET A 1 182 ? -8.021  25.178  -0.602  1.00 38.94 ? 182 MET A O   1 
ATOM   1417 C  CB  . MET A 1 182 ? -10.124 27.423  0.677   1.00 39.51 ? 182 MET A CB  1 
ATOM   1418 C  CG  . MET A 1 182 ? -11.149 27.776  1.755   1.00 39.98 ? 182 MET A CG  1 
ATOM   1419 S  SD  . MET A 1 182 ? -11.894 26.343  2.559   1.00 43.74 ? 182 MET A SD  1 
ATOM   1420 C  CE  . MET A 1 182 ? -13.435 26.216  1.652   1.00 40.11 ? 182 MET A CE  1 
ATOM   1421 N  N   . GLN A 1 183 ? -7.194  27.263  -0.353  1.00 45.60 ? 183 GLN A N   1 
ATOM   1422 C  CA  . GLN A 1 183 ? -6.222  27.136  -1.446  1.00 47.42 ? 183 GLN A CA  1 
ATOM   1423 C  C   . GLN A 1 183 ? -5.135  26.098  -1.177  1.00 45.25 ? 183 GLN A C   1 
ATOM   1424 O  O   . GLN A 1 183 ? -4.822  25.291  -2.050  1.00 44.13 ? 183 GLN A O   1 
ATOM   1425 C  CB  . GLN A 1 183 ? -5.591  28.487  -1.795  1.00 54.38 ? 183 GLN A CB  1 
ATOM   1426 C  CG  . GLN A 1 183 ? -6.553  29.431  -2.514  1.00 62.10 ? 183 GLN A CG  1 
ATOM   1427 C  CD  . GLN A 1 183 ? -5.840  30.521  -3.311  1.00 67.56 ? 183 GLN A CD  1 
ATOM   1428 O  OE1 . GLN A 1 183 ? -4.684  30.887  -3.022  1.00 71.26 ? 183 GLN A OE1 1 
ATOM   1429 N  NE2 . GLN A 1 183 ? -6.530  31.052  -4.325  1.00 69.34 ? 183 GLN A NE2 1 
ATOM   1430 N  N   . LYS A 1 184 ? -4.567  26.112  0.025   1.00 41.15 ? 184 LYS A N   1 
ATOM   1431 C  CA  . LYS A 1 184 ? -3.540  25.134  0.395   1.00 41.17 ? 184 LYS A CA  1 
ATOM   1432 C  C   . LYS A 1 184 ? -4.079  23.705  0.339   1.00 43.01 ? 184 LYS A C   1 
ATOM   1433 O  O   . LYS A 1 184 ? -3.417  22.812  -0.200  1.00 43.83 ? 184 LYS A O   1 
ATOM   1434 C  CB  . LYS A 1 184 ? -2.965  25.423  1.787   1.00 38.31 ? 184 LYS A CB  1 
ATOM   1435 C  CG  . LYS A 1 184 ? -2.007  26.624  1.839   1.00 40.42 ? 184 LYS A CG  1 
ATOM   1436 C  CD  . LYS A 1 184 ? -1.409  26.802  3.248   1.00 36.33 ? 184 LYS A CD  1 
ATOM   1437 C  CE  . LYS A 1 184 ? -0.427  27.989  3.333   1.00 36.52 ? 184 LYS A CE  1 
ATOM   1438 N  NZ  . LYS A 1 184 ? 0.331   27.953  4.636   1.00 30.19 ? 184 LYS A NZ  1 
ATOM   1439 N  N   . LEU A 1 185 ? -5.285  23.503  0.874   1.00 42.12 ? 185 LEU A N   1 
ATOM   1440 C  CA  . LEU A 1 185 ? -5.869  22.166  0.984   1.00 43.52 ? 185 LEU A CA  1 
ATOM   1441 C  C   . LEU A 1 185 ? -6.646  21.779  -0.256  1.00 43.91 ? 185 LEU A C   1 
ATOM   1442 O  O   . LEU A 1 185 ? -7.231  20.697  -0.313  1.00 44.88 ? 185 LEU A O   1 
ATOM   1443 C  CB  . LEU A 1 185 ? -6.764  22.037  2.225   1.00 39.32 ? 185 LEU A CB  1 
ATOM   1444 C  CG  . LEU A 1 185 ? -6.105  22.244  3.590   1.00 39.36 ? 185 LEU A CG  1 
ATOM   1445 C  CD1 . LEU A 1 185 ? -7.045  21.811  4.688   1.00 35.92 ? 185 LEU A CD1 1 
ATOM   1446 C  CD2 . LEU A 1 185 ? -4.771  21.509  3.701   1.00 40.01 ? 185 LEU A CD2 1 
ATOM   1447 N  N   . ASN A 1 186 ? -6.641  22.673  -1.244  1.00 45.38 ? 186 ASN A N   1 
ATOM   1448 C  CA  . ASN A 1 186 ? -7.372  22.494  -2.494  1.00 46.79 ? 186 ASN A CA  1 
ATOM   1449 C  C   . ASN A 1 186 ? -8.837  22.038  -2.328  1.00 46.41 ? 186 ASN A C   1 
ATOM   1450 O  O   . ASN A 1 186 ? -9.246  21.026  -2.909  1.00 46.66 ? 186 ASN A O   1 
ATOM   1451 C  CB  . ASN A 1 186 ? -6.611  21.543  -3.431  1.00 51.65 ? 186 ASN A CB  1 
ATOM   1452 C  CG  . ASN A 1 186 ? -6.893  21.828  -4.890  1.00 53.60 ? 186 ASN A CG  1 
ATOM   1453 O  OD1 . ASN A 1 186 ? -7.739  21.184  -5.508  1.00 55.38 ? 186 ASN A OD1 1 
ATOM   1454 N  ND2 . ASN A 1 186 ? -6.197  22.811  -5.445  1.00 54.87 ? 186 ASN A ND2 1 
ATOM   1455 N  N   . VAL A 1 187 ? -9.608  22.786  -1.533  1.00 43.77 ? 187 VAL A N   1 
ATOM   1456 C  CA  . VAL A 1 187 ? -11.063 22.558  -1.379  1.00 37.52 ? 187 VAL A CA  1 
ATOM   1457 C  C   . VAL A 1 187 ? -11.845 23.856  -1.606  1.00 40.63 ? 187 VAL A C   1 
ATOM   1458 O  O   . VAL A 1 187 ? -11.367 24.948  -1.268  1.00 39.41 ? 187 VAL A O   1 
ATOM   1459 C  CB  . VAL A 1 187 ? -11.425 21.921  0.001   1.00 39.77 ? 187 VAL A CB  1 
ATOM   1460 C  CG1 . VAL A 1 187 ? -10.771 20.548  0.151   1.00 37.68 ? 187 VAL A CG1 1 
ATOM   1461 C  CG2 . VAL A 1 187 ? -11.022 22.837  1.184   1.00 34.86 ? 187 VAL A CG2 1 
ATOM   1462 N  N   . ARG A 1 188 ? -13.043 23.741  -2.174  1.00 38.03 ? 188 ARG A N   1 
ATOM   1463 C  CA  . ARG A 1 188 ? -13.826 24.915  -2.552  1.00 40.24 ? 188 ARG A CA  1 
ATOM   1464 C  C   . ARG A 1 188 ? -15.088 25.143  -1.705  1.00 35.91 ? 188 ARG A C   1 
ATOM   1465 O  O   . ARG A 1 188 ? -15.844 26.088  -1.939  1.00 33.14 ? 188 ARG A O   1 
ATOM   1466 C  CB  . ARG A 1 188 ? -14.141 24.855  -4.051  1.00 46.75 ? 188 ARG A CB  1 
ATOM   1467 C  CG  . ARG A 1 188 ? -12.855 24.842  -4.896  1.00 53.82 ? 188 ARG A CG  1 
ATOM   1468 C  CD  . ARG A 1 188 ? -13.099 24.794  -6.405  1.00 59.04 ? 188 ARG A CD  1 
ATOM   1469 N  NE  . ARG A 1 188 ? -11.879 25.166  -7.137  1.00 66.30 ? 188 ARG A NE  1 
ATOM   1470 C  CZ  . ARG A 1 188 ? -11.781 25.310  -8.462  1.00 68.89 ? 188 ARG A CZ  1 
ATOM   1471 N  NH1 . ARG A 1 188 ? -12.837 25.114  -9.251  1.00 68.84 ? 188 ARG A NH1 1 
ATOM   1472 N  NH2 . ARG A 1 188 ? -10.615 25.656  -9.001  1.00 69.81 ? 188 ARG A NH2 1 
ATOM   1473 N  N   . SER A 1 189 ? -15.302 24.286  -0.712  1.00 32.12 ? 189 SER A N   1 
ATOM   1474 C  CA  . SER A 1 189 ? -16.476 24.382  0.150   1.00 27.38 ? 189 SER A CA  1 
ATOM   1475 C  C   . SER A 1 189 ? -16.166 23.940  1.556   1.00 23.48 ? 189 SER A C   1 
ATOM   1476 O  O   . SER A 1 189 ? -15.224 23.192  1.793   1.00 24.68 ? 189 SER A O   1 
ATOM   1477 C  CB  . SER A 1 189 ? -17.605 23.510  -0.384  1.00 25.96 ? 189 SER A CB  1 
ATOM   1478 O  OG  . SER A 1 189 ? -17.241 22.143  -0.355  1.00 20.57 ? 189 SER A OG  1 
ATOM   1479 N  N   . LEU A 1 190 ? -16.976 24.402  2.492   1.00 21.50 ? 190 LEU A N   1 
ATOM   1480 C  CA  . LEU A 1 190 ? -16.808 24.040  3.881   1.00 23.17 ? 190 LEU A CA  1 
ATOM   1481 C  C   . LEU A 1 190 ? -17.078 22.549  4.086   1.00 24.98 ? 190 LEU A C   1 
ATOM   1482 O  O   . LEU A 1 190 ? -16.411 21.901  4.893   1.00 27.23 ? 190 LEU A O   1 
ATOM   1483 C  CB  . LEU A 1 190 ? -17.715 24.923  4.727   1.00 24.73 ? 190 LEU A CB  1 
ATOM   1484 C  CG  . LEU A 1 190 ? -17.821 24.750  6.227   1.00 30.72 ? 190 LEU A CG  1 
ATOM   1485 C  CD1 . LEU A 1 190 ? -16.447 24.905  6.884   1.00 32.37 ? 190 LEU A CD1 1 
ATOM   1486 C  CD2 . LEU A 1 190 ? -18.797 25.808  6.743   1.00 31.65 ? 190 LEU A CD2 1 
ATOM   1487 N  N   . ALA A 1 191 ? -18.045 22.021  3.328   1.00 23.48 ? 191 ALA A N   1 
ATOM   1488 C  CA  . ALA A 1 191 ? -18.349 20.591  3.279   1.00 29.31 ? 191 ALA A CA  1 
ATOM   1489 C  C   . ALA A 1 191 ? -17.114 19.774  2.961   1.00 25.65 ? 191 ALA A C   1 
ATOM   1490 O  O   . ALA A 1 191 ? -16.761 18.879  3.723   1.00 24.52 ? 191 ALA A O   1 
ATOM   1491 C  CB  . ALA A 1 191 ? -19.463 20.285  2.247   1.00 22.05 ? 191 ALA A CB  1 
ATOM   1492 N  N   . ASN A 1 192 ? -16.457 20.086  1.850   1.00 24.58 ? 192 ASN A N   1 
ATOM   1493 C  CA  . ASN A 1 192 ? -15.246 19.337  1.480   1.00 30.24 ? 192 ASN A CA  1 
ATOM   1494 C  C   . ASN A 1 192 ? -14.035 19.556  2.407   1.00 35.06 ? 192 ASN A C   1 
ATOM   1495 O  O   . ASN A 1 192 ? -13.268 18.618  2.651   1.00 35.15 ? 192 ASN A O   1 
ATOM   1496 C  CB  . ASN A 1 192 ? -14.903 19.537  0.002   1.00 34.25 ? 192 ASN A CB  1 
ATOM   1497 C  CG  . ASN A 1 192 ? -15.917 18.855  -0.917  1.00 36.59 ? 192 ASN A CG  1 
ATOM   1498 O  OD1 . ASN A 1 192 ? -16.521 17.831  -0.552  1.00 37.94 ? 192 ASN A OD1 1 
ATOM   1499 N  ND2 . ASN A 1 192 ? -16.127 19.426  -2.095  1.00 37.49 ? 192 ASN A ND2 1 
ATOM   1500 N  N   . LEU A 1 193 ? -13.902 20.766  2.961   1.00 31.34 ? 193 LEU A N   1 
ATOM   1501 C  CA  . LEU A 1 193 ? -12.945 21.025  4.045   1.00 30.74 ? 193 LEU A CA  1 
ATOM   1502 C  C   . LEU A 1 193 ? -13.155 20.084  5.227   1.00 29.71 ? 193 LEU A C   1 
ATOM   1503 O  O   . LEU A 1 193 ? -12.196 19.518  5.740   1.00 29.56 ? 193 LEU A O   1 
ATOM   1504 C  CB  . LEU A 1 193 ? -13.026 22.484  4.536   1.00 29.30 ? 193 LEU A CB  1 
ATOM   1505 C  CG  . LEU A 1 193 ? -11.972 22.964  5.549   1.00 31.52 ? 193 LEU A CG  1 
ATOM   1506 C  CD1 . LEU A 1 193 ? -10.566 22.889  4.960   1.00 29.57 ? 193 LEU A CD1 1 
ATOM   1507 C  CD2 . LEU A 1 193 ? -12.254 24.386  6.035   1.00 30.85 ? 193 LEU A CD2 1 
ATOM   1508 N  N   . VAL A 1 194 ? -14.400 19.932  5.672   1.00 30.22 ? 194 VAL A N   1 
ATOM   1509 C  CA  . VAL A 1 194 ? -14.695 19.068  6.825   1.00 30.60 ? 194 VAL A CA  1 
ATOM   1510 C  C   . VAL A 1 194 ? -14.472 17.581  6.505   1.00 35.05 ? 194 VAL A C   1 
ATOM   1511 O  O   . VAL A 1 194 ? -14.005 16.827  7.362   1.00 32.46 ? 194 VAL A O   1 
ATOM   1512 C  CB  . VAL A 1 194 ? -16.125 19.308  7.403   1.00 32.04 ? 194 VAL A CB  1 
ATOM   1513 C  CG1 . VAL A 1 194 ? -16.393 18.392  8.606   1.00 30.98 ? 194 VAL A CG1 1 
ATOM   1514 C  CG2 . VAL A 1 194 ? -16.306 20.761  7.813   1.00 26.67 ? 194 VAL A CG2 1 
ATOM   1515 N  N   . HIS A 1 195 ? -14.816 17.171  5.282   1.00 39.12 ? 195 HIS A N   1 
ATOM   1516 C  CA  . HIS A 1 195 ? -14.575 15.794  4.816   1.00 45.51 ? 195 HIS A CA  1 
ATOM   1517 C  C   . HIS A 1 195 ? -13.086 15.468  4.901   1.00 44.98 ? 195 HIS A C   1 
ATOM   1518 O  O   . HIS A 1 195 ? -12.693 14.450  5.474   1.00 43.60 ? 195 HIS A O   1 
ATOM   1519 C  CB  . HIS A 1 195 ? -15.075 15.589  3.375   1.00 49.28 ? 195 HIS A CB  1 
ATOM   1520 C  CG  . HIS A 1 195 ? -16.472 15.048  3.282   1.00 56.63 ? 195 HIS A CG  1 
ATOM   1521 N  ND1 . HIS A 1 195 ? -16.769 13.714  3.478   1.00 59.96 ? 195 HIS A ND1 1 
ATOM   1522 C  CD2 . HIS A 1 195 ? -17.647 15.656  2.992   1.00 58.04 ? 195 HIS A CD2 1 
ATOM   1523 C  CE1 . HIS A 1 195 ? -18.069 13.527  3.322   1.00 61.52 ? 195 HIS A CE1 1 
ATOM   1524 N  NE2 . HIS A 1 195 ? -18.625 14.691  3.030   1.00 61.69 ? 195 HIS A NE2 1 
ATOM   1525 N  N   . LEU A 1 196 ? -12.276 16.368  4.347   1.00 45.19 ? 196 LEU A N   1 
ATOM   1526 C  CA  . LEU A 1 196 ? -10.821 16.233  4.289   1.00 44.13 ? 196 LEU A CA  1 
ATOM   1527 C  C   . LEU A 1 196 ? -10.177 16.104  5.666   1.00 42.87 ? 196 LEU A C   1 
ATOM   1528 O  O   . LEU A 1 196 ? -9.336  15.249  5.872   1.00 43.43 ? 196 LEU A O   1 
ATOM   1529 C  CB  . LEU A 1 196 ? -10.224 17.428  3.558   1.00 46.41 ? 196 LEU A CB  1 
ATOM   1530 C  CG  . LEU A 1 196 ? -8.926  17.201  2.786   1.00 49.77 ? 196 LEU A CG  1 
ATOM   1531 C  CD1 . LEU A 1 196 ? -9.175  16.286  1.589   1.00 49.11 ? 196 LEU A CD1 1 
ATOM   1532 C  CD2 . LEU A 1 196 ? -8.368  18.551  2.328   1.00 49.24 ? 196 LEU A CD2 1 
ATOM   1533 N  N   . VAL A 1 197 ? -10.575 16.957  6.600   1.00 39.59 ? 197 VAL A N   1 
ATOM   1534 C  CA  . VAL A 1 197 ? -10.039 16.922  7.952   1.00 44.86 ? 197 VAL A CA  1 
ATOM   1535 C  C   . VAL A 1 197 ? -10.403 15.600  8.628   1.00 48.54 ? 197 VAL A C   1 
ATOM   1536 O  O   . VAL A 1 197 ? -9.569  14.994  9.304   1.00 49.63 ? 197 VAL A O   1 
ATOM   1537 C  CB  . VAL A 1 197 ? -10.503 18.142  8.794   1.00 41.27 ? 197 VAL A CB  1 
ATOM   1538 C  CG1 . VAL A 1 197 ? -10.160 17.953  10.259  1.00 42.64 ? 197 VAL A CG1 1 
ATOM   1539 C  CG2 . VAL A 1 197 ? -9.873  19.414  8.281   1.00 38.77 ? 197 VAL A CG2 1 
ATOM   1540 N  N   . GLU A 1 198 ? -11.643 15.159  8.432   1.00 51.30 ? 198 GLU A N   1 
ATOM   1541 C  CA  . GLU A 1 198 ? -12.083 13.861  8.928   1.00 55.62 ? 198 GLU A CA  1 
ATOM   1542 C  C   . GLU A 1 198 ? -11.386 12.696  8.215   1.00 55.60 ? 198 GLU A C   1 
ATOM   1543 O  O   . GLU A 1 198 ? -10.967 11.744  8.875   1.00 56.66 ? 198 GLU A O   1 
ATOM   1544 C  CB  . GLU A 1 198 ? -13.609 13.730  8.865   1.00 55.56 ? 198 GLU A CB  1 
ATOM   1545 C  CG  . GLU A 1 198 ? -14.307 14.325  10.082  1.00 57.05 ? 198 GLU A CG  1 
ATOM   1546 C  CD  . GLU A 1 198 ? -15.801 14.040  10.122  1.00 58.66 ? 198 GLU A CD  1 
ATOM   1547 O  OE1 . GLU A 1 198 ? -16.446 14.450  11.119  1.00 58.75 ? 198 GLU A OE1 1 
ATOM   1548 O  OE2 . GLU A 1 198 ? -16.327 13.412  9.169   1.00 58.10 ? 198 GLU A OE2 1 
ATOM   1549 N  N   . LYS A 1 199 ? -11.258 12.780  6.887   1.00 54.34 ? 199 LYS A N   1 
ATOM   1550 C  CA  . LYS A 1 199 ? -10.485 11.801  6.108   1.00 57.23 ? 199 LYS A CA  1 
ATOM   1551 C  C   . LYS A 1 199 ? -9.090  11.579  6.714   1.00 57.24 ? 199 LYS A C   1 
ATOM   1552 O  O   . LYS A 1 199 ? -8.726  10.450  7.040   1.00 54.94 ? 199 LYS A O   1 
ATOM   1553 C  CB  . LYS A 1 199 ? -10.345 12.226  4.635   1.00 57.77 ? 199 LYS A CB  1 
ATOM   1554 C  CG  . LYS A 1 199 ? -11.419 11.703  3.685   1.00 60.55 ? 199 LYS A CG  1 
ATOM   1555 C  CD  . LYS A 1 199 ? -11.032 11.920  2.202   1.00 61.56 ? 199 LYS A CD  1 
ATOM   1556 C  CE  . LYS A 1 199 ? -12.266 11.841  1.277   1.00 62.92 ? 199 LYS A CE  1 
ATOM   1557 N  NZ  . LYS A 1 199 ? -11.965 12.087  -0.167  1.00 60.32 ? 199 LYS A NZ  1 
ATOM   1558 N  N   . TYR A 1 200 ? -8.328  12.665  6.856   1.00 57.28 ? 200 TYR A N   1 
ATOM   1559 C  CA  . TYR A 1 200 ? -7.015  12.652  7.463   1.00 58.64 ? 200 TYR A CA  1 
ATOM   1560 C  C   . TYR A 1 200 ? -7.141  12.393  8.942   1.00 59.91 ? 200 TYR A C   1 
ATOM   1561 O  O   . TYR A 1 200 ? -7.537  11.304  9.357   1.00 62.31 ? 200 TYR A O   1 
ATOM   1562 C  CB  . TYR A 1 200 ? -6.296  13.984  7.440   1.00 56.56 ? 200 TYR A CB  1 
ATOM   1563 C  CG  . TYR A 1 200 ? -4.925  13.906  8.026   0.01 73.98 ? 200 TYR A CG  1 
ATOM   1564 C  CD1 . TYR A 1 200 ? -4.010  13.015  7.470   0.01 75.09 ? 200 TYR A CD1 1 
ATOM   1565 C  CD2 . TYR A 1 200 ? -4.495  14.688  9.098   0.01 74.98 ? 200 TYR A CD2 1 
ATOM   1566 C  CE1 . TYR A 1 200 ? -2.704  12.915  7.942   0.01 76.15 ? 200 TYR A CE1 1 
ATOM   1567 C  CE2 . TYR A 1 200 ? -3.187  14.583  9.606   0.01 76.05 ? 200 TYR A CE2 1 
ATOM   1568 C  CZ  . TYR A 1 200 ? -2.299  13.702  9.007   0.01 76.35 ? 200 TYR A CZ  1 
ATOM   1569 O  OH  . TYR A 1 200 ? -1.009  13.605  9.475   0.01 76.97 ? 200 TYR A OH  1 
HETATM 1570 HG HG  A HG  B 2 .   ? 20.136  -15.538 -5.542  0.60 50.28 ? 209 HG  A HG  1 
HETATM 1571 HG HG  B HG  B 2 .   ? 18.341  -13.404 -3.592  0.40 50.28 ? 209 HG  A HG  1 
HETATM 1572 HG HG  . HG  C 2 .   ? 20.699  -7.137  -8.971  0.70 50.25 ? 210 HG  A HG  1 
HETATM 1573 HG HG  . HG  D 2 .   ? -0.119  -8.987  -8.762  0.40 50.01 ? 211 HG  A HG  1 
HETATM 1574 MG MG  . MG  E 3 .   ? 12.408  -24.267 -3.328  1.00 27.38 ? 212 MG  A MG  1 
HETATM 1575 O  O   . HOH F 4 .   ? 14.300  -26.977 -12.338 1.00 33.86 ? 213 HOH A O   1 
HETATM 1576 O  O   . HOH F 4 .   ? -6.136  -24.813 -13.759 1.00 32.78 ? 214 HOH A O   1 
HETATM 1577 O  O   . HOH F 4 .   ? -6.861  -19.726 -5.781  1.00 31.82 ? 215 HOH A O   1 
HETATM 1578 O  O   . HOH F 4 .   ? -4.852  -24.160 -0.476  1.00 36.88 ? 216 HOH A O   1 
HETATM 1579 O  O   . HOH F 4 .   ? 14.032  -25.766 -3.266  1.00 14.52 ? 217 HOH A O   1 
HETATM 1580 O  O   . HOH F 4 .   ? 10.941  -25.363 -2.501  1.00 21.66 ? 218 HOH A O   1 
HETATM 1581 O  O   . HOH F 4 .   ? 11.646  -24.638 -5.274  1.00 18.88 ? 219 HOH A O   1 
HETATM 1582 O  O   . HOH F 4 .   ? 15.176  -4.743  -10.356 1.00 18.55 ? 220 HOH A O   1 
HETATM 1583 O  O   . HOH F 4 .   ? 16.334  -17.325 -0.290  1.00 18.50 ? 221 HOH A O   1 
HETATM 1584 O  O   . HOH F 4 .   ? 9.504   -12.165 -20.056 1.00 19.09 ? 222 HOH A O   1 
HETATM 1585 O  O   . HOH F 4 .   ? 13.658  -10.815 -13.087 1.00 21.02 ? 223 HOH A O   1 
HETATM 1586 O  O   . HOH F 4 .   ? 6.074   -14.031 8.606   1.00 32.95 ? 224 HOH A O   1 
HETATM 1587 O  O   . HOH F 4 .   ? 4.117   -8.265  2.621   1.00 26.87 ? 225 HOH A O   1 
HETATM 1588 O  O   . HOH F 4 .   ? 13.964  -12.066 10.466  1.00 25.10 ? 226 HOH A O   1 
HETATM 1589 O  O   . HOH F 4 .   ? 16.488  -25.338 -10.888 1.00 28.03 ? 227 HOH A O   1 
HETATM 1590 O  O   . HOH F 4 .   ? 9.241   -9.514  11.222  1.00 30.93 ? 228 HOH A O   1 
HETATM 1591 O  O   . HOH F 4 .   ? 6.363   -33.368 0.772   1.00 41.43 ? 229 HOH A O   1 
HETATM 1592 O  O   . HOH F 4 .   ? 12.089  -32.602 2.813   1.00 24.18 ? 230 HOH A O   1 
HETATM 1593 O  O   . HOH F 4 .   ? -15.647 12.202  5.197   1.00 38.38 ? 231 HOH A O   1 
HETATM 1594 O  O   . HOH F 4 .   ? -18.665 35.758  7.954   1.00 27.88 ? 232 HOH A O   1 
HETATM 1595 O  O   . HOH F 4 .   ? -2.972  32.578  6.318   1.00 20.28 ? 233 HOH A O   1 
HETATM 1596 O  O   . HOH F 4 .   ? -12.429 42.603  13.142  1.00 33.44 ? 234 HOH A O   1 
HETATM 1597 O  O   . HOH F 4 .   ? -4.676  32.044  14.244  1.00 27.99 ? 235 HOH A O   1 
HETATM 1598 O  O   . HOH F 4 .   ? 4.638   -4.344  -20.591 1.00 37.06 ? 236 HOH A O   1 
HETATM 1599 O  O   . HOH F 4 .   ? -19.401 20.875  -1.524  1.00 31.14 ? 237 HOH A O   1 
HETATM 1600 O  O   . HOH F 4 .   ? 13.312  -17.816 -20.245 1.00 22.48 ? 238 HOH A O   1 
HETATM 1601 O  O   . HOH F 4 .   ? -20.584 30.783  15.376  1.00 39.75 ? 239 HOH A O   1 
HETATM 1602 O  O   . HOH F 4 .   ? 3.878   -22.093 -18.108 1.00 26.77 ? 240 HOH A O   1 
HETATM 1603 O  O   . HOH F 4 .   ? -3.508  -3.791  -11.169 1.00 34.11 ? 241 HOH A O   1 
HETATM 1604 O  O   . HOH F 4 .   ? 11.263  -20.493 7.973   1.00 24.43 ? 242 HOH A O   1 
HETATM 1605 O  O   . HOH F 4 .   ? 9.489   1.572   5.716   1.00 34.07 ? 243 HOH A O   1 
HETATM 1606 O  O   . HOH F 4 .   ? 8.991   -0.622  2.604   1.00 38.91 ? 244 HOH A O   1 
HETATM 1607 O  O   . HOH F 4 .   ? -0.452  -14.325 15.572  1.00 38.04 ? 245 HOH A O   1 
HETATM 1608 O  O   . HOH F 4 .   ? 6.840   -15.345 11.080  1.00 34.11 ? 246 HOH A O   1 
HETATM 1609 O  O   . HOH F 4 .   ? 18.653  -22.283 -8.413  1.00 44.68 ? 247 HOH A O   1 
HETATM 1610 O  O   . HOH F 4 .   ? -7.531  -22.522 -4.274  1.00 37.71 ? 248 HOH A O   1 
HETATM 1611 O  O   . HOH F 4 .   ? -20.687 22.846  15.475  1.00 34.25 ? 249 HOH A O   1 
HETATM 1612 O  O   . HOH F 4 .   ? 14.668  -22.210 3.005   1.00 41.62 ? 250 HOH A O   1 
HETATM 1613 O  O   . HOH F 4 .   ? -16.055 40.859  13.958  1.00 53.08 ? 251 HOH A O   1 
HETATM 1614 O  O   . HOH F 4 .   ? -10.302 31.429  23.199  1.00 53.55 ? 252 HOH A O   1 
HETATM 1615 O  O   . HOH F 4 .   ? -4.023  -25.913 -6.539  1.00 27.15 ? 253 HOH A O   1 
HETATM 1616 O  O   . HOH F 4 .   ? 5.868   -11.514 9.261   1.00 32.05 ? 254 HOH A O   1 
HETATM 1617 O  O   . HOH F 4 .   ? 15.347  -15.629 -12.439 1.00 21.48 ? 255 HOH A O   1 
HETATM 1618 O  O   . HOH F 4 .   ? 2.500   -22.896 -14.229 1.00 44.97 ? 256 HOH A O   1 
HETATM 1619 O  O   . HOH F 4 .   ? -2.520  -26.729 -14.364 1.00 46.03 ? 257 HOH A O   1 
HETATM 1620 O  O   . HOH F 4 .   ? -11.052 -8.019  -5.527  1.00 52.04 ? 258 HOH A O   1 
HETATM 1621 O  O   . HOH F 4 .   ? 8.567   -25.718 -0.436  1.00 26.19 ? 259 HOH A O   1 
HETATM 1622 O  O   . HOH F 4 .   ? 1.694   -5.564  -17.184 1.00 37.58 ? 260 HOH A O   1 
HETATM 1623 O  O   . HOH F 4 .   ? 12.978  -6.188  -10.117 1.00 42.04 ? 261 HOH A O   1 
HETATM 1624 O  O   . HOH F 4 .   ? 16.679  -1.246  -7.450  1.00 46.90 ? 262 HOH A O   1 
HETATM 1625 O  O   . HOH F 4 .   ? 17.975  -14.077 -8.920  1.00 26.69 ? 263 HOH A O   1 
HETATM 1626 O  O   . HOH F 4 .   ? 22.474  -17.968 -7.539  1.00 46.55 ? 264 HOH A O   1 
HETATM 1627 O  O   . HOH F 4 .   ? -1.952  -5.639  -17.796 1.00 39.80 ? 265 HOH A O   1 
HETATM 1628 O  O   . HOH F 4 .   ? -17.748 27.577  9.753   1.00 33.29 ? 266 HOH A O   1 
HETATM 1629 O  O   . HOH F 4 .   ? 18.966  -3.743  -7.295  1.00 53.06 ? 267 HOH A O   1 
HETATM 1630 O  O   . HOH F 4 .   ? 5.252   -25.908 3.563   1.00 46.53 ? 268 HOH A O   1 
HETATM 1631 O  O   . HOH F 4 .   ? -11.231 43.213  10.230  1.00 35.86 ? 269 HOH A O   1 
HETATM 1632 O  O   . HOH F 4 .   ? -18.937 36.691  10.463  1.00 34.60 ? 270 HOH A O   1 
HETATM 1633 O  O   . HOH F 4 .   ? 1.658   -3.036  -17.951 1.00 32.63 ? 271 HOH A O   1 
HETATM 1634 O  O   . HOH F 4 .   ? 18.891  -20.124 -5.432  1.00 35.49 ? 272 HOH A O   1 
HETATM 1635 O  O   . HOH F 4 .   ? -3.836  34.832  13.026  1.00 28.70 ? 273 HOH A O   1 
HETATM 1636 O  O   . HOH F 4 .   ? -10.825 22.871  22.048  1.00 44.13 ? 274 HOH A O   1 
HETATM 1637 O  O   . HOH F 4 .   ? 9.061   -20.839 4.410   1.00 33.85 ? 275 HOH A O   1 
HETATM 1638 O  O   . HOH F 4 .   ? 2.024   -18.151 14.361  1.00 28.89 ? 276 HOH A O   1 
HETATM 1639 O  O   . HOH F 4 .   ? 5.584   0.579   -13.611 1.00 49.05 ? 277 HOH A O   1 
HETATM 1640 O  O   . HOH F 4 .   ? -2.060  35.896  14.743  1.00 45.18 ? 278 HOH A O   1 
HETATM 1641 O  O   . HOH F 4 .   ? -1.922  25.868  16.194  1.00 51.53 ? 279 HOH A O   1 
HETATM 1642 O  O   . HOH F 4 .   ? -20.361 38.705  11.587  1.00 57.18 ? 280 HOH A O   1 
HETATM 1643 O  O   . HOH F 4 .   ? 11.761  -28.357 -1.075  1.00 31.16 ? 281 HOH A O   1 
HETATM 1644 O  O   . HOH F 4 .   ? 20.887  -5.603  -10.864 1.00 27.40 ? 282 HOH A O   1 
HETATM 1645 O  O   . HOH F 4 .   ? 11.925  -6.795  -6.682  1.00 29.73 ? 283 HOH A O   1 
HETATM 1646 O  O   . HOH F 4 .   ? 14.289  -27.723 -0.893  1.00 46.98 ? 284 HOH A O   1 
HETATM 1647 O  O   . HOH F 4 .   ? 10.447  -19.682 10.214  1.00 43.15 ? 285 HOH A O   1 
HETATM 1648 O  O   . HOH F 4 .   ? 15.249  -26.587 1.624   1.00 51.66 ? 286 HOH A O   1 
HETATM 1649 O  O   . HOH F 4 .   ? -12.311 33.745  3.249   1.00 32.05 ? 287 HOH A O   1 
HETATM 1650 O  O   . HOH F 4 .   ? 7.576   -13.734 -24.013 1.00 37.73 ? 288 HOH A O   1 
HETATM 1651 O  O   . HOH F 4 .   ? -14.655 9.916   3.344   1.00 48.96 ? 289 HOH A O   1 
HETATM 1652 O  O   . HOH F 4 .   ? 6.395   -16.072 -23.347 1.00 42.04 ? 290 HOH A O   1 
HETATM 1653 O  O   . HOH F 4 .   ? 17.190  -27.067 -12.938 1.00 41.86 ? 291 HOH A O   1 
HETATM 1654 O  O   . HOH F 4 .   ? -2.433  -9.312  1.462   1.00 31.98 ? 292 HOH A O   1 
HETATM 1655 O  O   . HOH F 4 .   ? 19.262  -23.804 -11.858 1.00 38.92 ? 293 HOH A O   1 
HETATM 1656 O  O   . HOH F 4 .   ? 16.196  -26.368 -8.321  1.00 43.68 ? 294 HOH A O   1 
HETATM 1657 O  O   . HOH F 4 .   ? -5.090  -20.992 1.565   1.00 33.44 ? 295 HOH A O   1 
HETATM 1658 O  O   . HOH F 4 .   ? -13.047 28.004  22.535  1.00 48.76 ? 296 HOH A O   1 
HETATM 1659 O  O   . HOH F 4 .   ? -11.157 -5.862  -1.331  1.00 43.62 ? 297 HOH A O   1 
HETATM 1660 O  O   . HOH F 4 .   ? 11.762  -28.965 -11.389 1.00 42.26 ? 298 HOH A O   1 
HETATM 1661 O  O   . HOH F 4 .   ? 5.094   -23.259 -12.903 1.00 54.12 ? 299 HOH A O   1 
HETATM 1662 O  O   . HOH F 4 .   ? 6.782   -32.933 3.112   1.00 42.72 ? 300 HOH A O   1 
HETATM 1663 O  O   . HOH F 4 .   ? -5.957  -1.283  2.850   1.00 50.00 ? 301 HOH A O   1 
HETATM 1664 O  O   . HOH F 4 .   ? 17.386  -16.778 -11.391 1.00 38.11 ? 302 HOH A O   1 
# 
